data_7ZK0
#
_entry.id   7ZK0
#
_entity_poly.entity_id   1
_entity_poly.type   'polypeptide(L)'
_entity_poly.pdbx_seq_one_letter_code
;GPHMGKHGRDDYDCTVIFRNNHAPERQPIVVHTYYSRDLPIELDGVRHTIQLSGCTPEQSQIPQGYSVEHMTYKNYLRQE
ILNERPFWP
;
_entity_poly.pdbx_strand_id   A
#
# COMPACT_ATOMS: atom_id res chain seq x y z
N GLY A 1 5.87 11.18 0.29
CA GLY A 1 5.17 9.99 -0.11
C GLY A 1 3.83 10.32 -0.68
N PRO A 2 2.97 9.33 -0.89
CA PRO A 2 1.64 9.51 -1.49
C PRO A 2 0.72 10.32 -0.60
N HIS A 3 0.22 11.42 -1.11
CA HIS A 3 -0.72 12.26 -0.40
C HIS A 3 -2.07 11.58 -0.40
N MET A 4 -2.44 11.05 -1.54
CA MET A 4 -3.68 10.34 -1.69
C MET A 4 -3.39 8.92 -2.10
N GLY A 5 -4.22 7.99 -1.67
CA GLY A 5 -4.01 6.59 -2.02
C GLY A 5 -4.74 6.24 -3.29
N LYS A 6 -5.56 7.15 -3.72
CA LYS A 6 -6.35 6.99 -4.90
C LYS A 6 -5.57 7.40 -6.14
N HIS A 7 -4.98 6.43 -6.77
CA HIS A 7 -4.25 6.62 -8.00
C HIS A 7 -4.25 5.35 -8.82
N GLY A 8 -4.95 5.40 -9.92
CA GLY A 8 -5.16 4.22 -10.69
C GLY A 8 -4.77 4.38 -12.13
N ARG A 9 -3.48 4.44 -12.37
CA ARG A 9 -2.95 4.50 -13.71
C ARG A 9 -3.24 3.22 -14.48
N ASP A 10 -3.43 2.13 -13.73
CA ASP A 10 -3.62 0.76 -14.27
C ASP A 10 -2.26 0.21 -14.76
N ASP A 11 -1.21 0.89 -14.36
CA ASP A 11 0.16 0.56 -14.79
C ASP A 11 0.94 -0.13 -13.71
N TYR A 12 0.51 0.05 -12.49
CA TYR A 12 1.23 -0.43 -11.32
C TYR A 12 1.41 -1.94 -11.31
N ASP A 13 2.41 -2.37 -10.62
CA ASP A 13 2.71 -3.78 -10.52
C ASP A 13 2.40 -4.25 -9.13
N CYS A 14 2.75 -3.44 -8.19
CA CYS A 14 2.64 -3.80 -6.80
C CYS A 14 1.74 -2.84 -6.04
N THR A 15 1.32 -3.27 -4.89
CA THR A 15 0.51 -2.50 -3.99
C THR A 15 0.92 -2.84 -2.55
N VAL A 16 1.17 -1.83 -1.76
CA VAL A 16 1.53 -2.03 -0.38
C VAL A 16 0.61 -1.16 0.49
N ILE A 17 0.05 -1.74 1.54
CA ILE A 17 -0.88 -1.01 2.38
C ILE A 17 -0.29 -0.84 3.77
N PHE A 18 -0.29 0.37 4.25
CA PHE A 18 0.20 0.66 5.56
C PHE A 18 -0.96 0.84 6.53
N ARG A 19 -1.08 -0.04 7.47
CA ARG A 19 -2.13 0.02 8.45
C ARG A 19 -1.51 0.38 9.80
N ASN A 20 -1.89 1.50 10.36
CA ASN A 20 -1.38 1.92 11.66
C ASN A 20 -1.97 0.98 12.71
N ASN A 21 -1.13 0.30 13.46
CA ASN A 21 -1.61 -0.63 14.47
C ASN A 21 -1.91 0.09 15.74
N HIS A 22 -1.19 1.18 15.97
CA HIS A 22 -1.42 1.99 17.16
C HIS A 22 -2.65 2.86 17.00
N ALA A 23 -2.99 3.17 15.75
CA ALA A 23 -4.14 3.99 15.48
C ALA A 23 -5.23 3.22 14.74
N PRO A 24 -6.28 2.76 15.42
CA PRO A 24 -7.38 2.05 14.75
C PRO A 24 -8.30 3.00 13.98
N GLU A 25 -8.24 4.28 14.36
CA GLU A 25 -9.08 5.31 13.77
C GLU A 25 -8.59 5.69 12.39
N ARG A 26 -7.27 5.73 12.26
CA ARG A 26 -6.60 6.08 11.01
C ARG A 26 -6.96 5.13 9.89
N GLN A 27 -6.96 5.67 8.70
CA GLN A 27 -7.23 4.92 7.50
C GLN A 27 -5.95 4.31 6.97
N PRO A 28 -6.03 3.11 6.39
CA PRO A 28 -4.87 2.45 5.83
C PRO A 28 -4.38 3.17 4.57
N ILE A 29 -3.10 3.26 4.43
CA ILE A 29 -2.52 3.93 3.31
C ILE A 29 -2.21 2.91 2.24
N VAL A 30 -3.01 2.88 1.22
CA VAL A 30 -2.82 1.99 0.11
C VAL A 30 -1.96 2.67 -0.94
N VAL A 31 -0.79 2.17 -1.16
CA VAL A 31 0.10 2.76 -2.13
C VAL A 31 0.34 1.77 -3.25
N HIS A 32 0.14 2.21 -4.46
CA HIS A 32 0.37 1.40 -5.61
C HIS A 32 1.76 1.70 -6.10
N THR A 33 2.50 0.69 -6.44
CA THR A 33 3.88 0.83 -6.85
C THR A 33 4.18 -0.07 -8.06
N TYR A 34 5.41 -0.05 -8.52
CA TYR A 34 5.83 -0.92 -9.62
C TYR A 34 6.84 -1.92 -9.12
N TYR A 35 7.24 -2.86 -9.96
CA TYR A 35 8.25 -3.84 -9.57
C TYR A 35 9.54 -3.17 -9.16
N SER A 36 9.94 -3.45 -7.94
CA SER A 36 11.20 -3.01 -7.36
C SER A 36 11.48 -1.51 -7.53
N ARG A 37 10.83 -0.75 -6.73
CA ARG A 37 10.93 0.67 -6.69
C ARG A 37 11.20 1.03 -5.25
N ASP A 38 11.33 2.29 -4.97
CA ASP A 38 11.41 2.75 -3.62
C ASP A 38 10.01 3.13 -3.20
N LEU A 39 9.76 3.09 -1.94
CA LEU A 39 8.47 3.42 -1.44
C LEU A 39 8.63 4.36 -0.25
N PRO A 40 8.54 5.66 -0.50
CA PRO A 40 8.58 6.65 0.55
C PRO A 40 7.21 6.79 1.20
N ILE A 41 7.15 6.48 2.46
CA ILE A 41 5.92 6.56 3.19
C ILE A 41 6.17 7.36 4.47
N GLU A 42 5.34 8.28 4.78
CA GLU A 42 5.52 9.02 6.02
C GLU A 42 4.63 8.45 7.11
N LEU A 43 5.23 7.75 8.02
CA LEU A 43 4.55 7.18 9.16
C LEU A 43 4.88 7.99 10.37
N ASP A 44 3.83 8.55 10.98
CA ASP A 44 3.95 9.43 12.15
C ASP A 44 4.66 10.74 11.74
N GLY A 45 4.66 10.99 10.44
CA GLY A 45 5.34 12.14 9.89
C GLY A 45 6.77 11.82 9.50
N VAL A 46 7.19 10.60 9.74
CA VAL A 46 8.55 10.18 9.46
C VAL A 46 8.57 9.43 8.14
N ARG A 47 9.26 9.97 7.17
CA ARG A 47 9.42 9.34 5.90
C ARG A 47 10.29 8.10 6.01
N HIS A 48 9.79 7.01 5.57
CA HIS A 48 10.54 5.81 5.46
C HIS A 48 10.64 5.50 3.99
N THR A 49 11.82 5.47 3.46
CA THR A 49 12.00 5.12 2.10
C THR A 49 12.30 3.64 2.05
N ILE A 50 11.33 2.87 1.68
CA ILE A 50 11.43 1.45 1.72
C ILE A 50 11.84 0.95 0.36
N GLN A 51 12.62 -0.09 0.34
CA GLN A 51 13.02 -0.68 -0.90
C GLN A 51 12.06 -1.81 -1.22
N LEU A 52 11.46 -1.75 -2.36
CA LEU A 52 10.64 -2.84 -2.82
C LEU A 52 11.46 -3.75 -3.70
N SER A 53 11.24 -5.00 -3.53
CA SER A 53 11.84 -6.00 -4.36
C SER A 53 10.75 -7.01 -4.71
N GLY A 54 10.17 -6.84 -5.89
CA GLY A 54 9.10 -7.74 -6.34
C GLY A 54 7.89 -7.71 -5.41
N CYS A 55 7.32 -6.52 -5.24
CA CYS A 55 6.12 -6.28 -4.39
C CYS A 55 6.39 -6.55 -2.91
N THR A 56 7.62 -6.85 -2.59
CA THR A 56 8.01 -7.16 -1.26
C THR A 56 8.97 -6.07 -0.74
N PRO A 57 8.52 -5.25 0.20
CA PRO A 57 9.34 -4.21 0.80
C PRO A 57 10.23 -4.74 1.92
N GLU A 58 11.10 -3.90 2.43
CA GLU A 58 11.95 -4.26 3.52
C GLU A 58 11.28 -3.94 4.82
N GLN A 59 11.02 -4.96 5.60
CA GLN A 59 10.36 -4.84 6.89
C GLN A 59 11.24 -4.06 7.85
N SER A 60 12.51 -4.06 7.56
CA SER A 60 13.49 -3.38 8.33
C SER A 60 13.28 -1.86 8.29
N GLN A 61 12.62 -1.36 7.25
CA GLN A 61 12.38 0.06 7.16
C GLN A 61 11.10 0.42 7.89
N ILE A 62 10.34 -0.59 8.26
CA ILE A 62 9.04 -0.38 8.84
C ILE A 62 9.15 -0.17 10.34
N PRO A 63 8.56 0.91 10.86
CA PRO A 63 8.51 1.16 12.29
C PRO A 63 7.59 0.19 13.01
N GLN A 64 7.67 0.17 14.31
CA GLN A 64 6.83 -0.66 15.11
C GLN A 64 5.44 -0.03 15.20
N GLY A 65 4.44 -0.85 15.22
CA GLY A 65 3.11 -0.36 15.34
C GLY A 65 2.47 -0.08 14.02
N TYR A 66 3.04 -0.63 12.98
CA TYR A 66 2.52 -0.46 11.65
C TYR A 66 2.54 -1.77 10.90
N SER A 67 1.41 -2.13 10.39
CA SER A 67 1.26 -3.29 9.60
C SER A 67 1.40 -2.95 8.16
N VAL A 68 2.27 -3.63 7.52
CA VAL A 68 2.53 -3.43 6.15
C VAL A 68 2.05 -4.64 5.38
N GLU A 69 1.08 -4.41 4.55
CA GLU A 69 0.43 -5.44 3.80
C GLU A 69 1.00 -5.42 2.40
N HIS A 70 1.44 -6.55 1.93
CA HIS A 70 2.12 -6.62 0.63
C HIS A 70 1.23 -7.34 -0.33
N MET A 71 1.15 -6.83 -1.53
CA MET A 71 0.39 -7.46 -2.58
C MET A 71 0.76 -6.87 -3.90
N THR A 72 0.23 -7.43 -4.92
CA THR A 72 0.42 -6.92 -6.21
C THR A 72 -0.73 -6.00 -6.51
N TYR A 73 -0.55 -5.14 -7.45
CA TYR A 73 -1.58 -4.22 -7.88
C TYR A 73 -2.81 -4.98 -8.35
N LYS A 74 -2.55 -6.09 -8.97
CA LYS A 74 -3.58 -6.96 -9.51
C LYS A 74 -4.38 -7.57 -8.37
N ASN A 75 -3.66 -8.04 -7.37
CA ASN A 75 -4.32 -8.60 -6.18
C ASN A 75 -5.10 -7.55 -5.44
N TYR A 76 -4.55 -6.36 -5.36
CA TYR A 76 -5.26 -5.28 -4.74
C TYR A 76 -6.58 -5.00 -5.46
N LEU A 77 -6.51 -4.94 -6.78
CA LEU A 77 -7.66 -4.66 -7.61
C LEU A 77 -8.72 -5.73 -7.41
N ARG A 78 -8.28 -6.99 -7.43
CA ARG A 78 -9.20 -8.10 -7.28
C ARG A 78 -9.83 -8.05 -5.88
N GLN A 79 -9.05 -7.65 -4.88
CA GLN A 79 -9.54 -7.62 -3.52
C GLN A 79 -10.51 -6.50 -3.30
N GLU A 80 -10.24 -5.33 -3.83
CA GLU A 80 -11.18 -4.22 -3.66
C GLU A 80 -12.49 -4.55 -4.36
N ILE A 81 -12.41 -5.22 -5.49
CA ILE A 81 -13.60 -5.60 -6.22
C ILE A 81 -14.38 -6.62 -5.42
N LEU A 82 -13.67 -7.57 -4.86
CA LEU A 82 -14.28 -8.66 -4.12
C LEU A 82 -14.80 -8.23 -2.76
N ASN A 83 -14.26 -7.17 -2.24
CA ASN A 83 -14.70 -6.70 -0.93
C ASN A 83 -15.72 -5.61 -1.02
N GLU A 84 -15.57 -4.71 -1.98
CA GLU A 84 -16.52 -3.61 -2.05
C GLU A 84 -17.68 -4.00 -2.92
N ARG A 85 -17.34 -4.74 -3.96
CA ARG A 85 -18.25 -5.13 -5.03
C ARG A 85 -18.77 -3.87 -5.72
N PRO A 86 -17.88 -3.17 -6.48
CA PRO A 86 -18.22 -1.91 -7.14
C PRO A 86 -19.01 -2.13 -8.41
N PHE A 87 -18.99 -3.35 -8.87
CA PHE A 87 -19.69 -3.74 -10.06
C PHE A 87 -21.03 -4.25 -9.68
N TRP A 88 -21.95 -4.10 -10.56
CA TRP A 88 -23.30 -4.34 -10.22
C TRP A 88 -23.80 -5.67 -10.79
N PRO A 89 -24.70 -6.34 -10.08
CA PRO A 89 -25.34 -7.56 -10.56
C PRO A 89 -26.45 -7.20 -11.55
N GLY A 1 2.12 12.14 3.68
CA GLY A 1 1.45 13.17 2.90
C GLY A 1 0.57 12.55 1.86
N PRO A 2 0.21 13.27 0.80
CA PRO A 2 -0.54 12.71 -0.30
C PRO A 2 0.39 11.89 -1.19
N HIS A 3 0.38 10.61 -0.98
CA HIS A 3 1.22 9.72 -1.74
C HIS A 3 0.47 9.32 -2.97
N MET A 4 0.52 10.22 -3.95
CA MET A 4 -0.23 10.09 -5.15
C MET A 4 0.33 9.07 -6.10
N GLY A 5 -0.10 7.88 -5.87
CA GLY A 5 0.17 6.76 -6.71
C GLY A 5 -1.12 6.02 -6.90
N LYS A 6 -2.17 6.79 -7.01
CA LYS A 6 -3.50 6.33 -7.10
C LYS A 6 -4.16 7.10 -8.19
N HIS A 7 -5.00 6.42 -8.90
CA HIS A 7 -5.83 6.95 -9.99
C HIS A 7 -6.36 5.77 -10.78
N GLY A 8 -5.52 4.75 -10.88
CA GLY A 8 -5.88 3.58 -11.60
C GLY A 8 -5.24 3.60 -12.95
N ARG A 9 -3.93 3.87 -12.97
CA ARG A 9 -3.19 3.97 -14.23
C ARG A 9 -3.16 2.64 -14.96
N ASP A 10 -3.32 1.57 -14.18
CA ASP A 10 -3.33 0.18 -14.65
C ASP A 10 -1.91 -0.29 -15.02
N ASP A 11 -0.93 0.45 -14.57
CA ASP A 11 0.48 0.13 -14.87
C ASP A 11 1.23 -0.37 -13.70
N TYR A 12 0.66 -0.28 -12.54
CA TYR A 12 1.35 -0.68 -11.34
C TYR A 12 1.56 -2.19 -11.26
N ASP A 13 2.51 -2.58 -10.49
CA ASP A 13 2.87 -3.97 -10.35
C ASP A 13 2.61 -4.40 -8.95
N CYS A 14 2.96 -3.59 -8.03
CA CYS A 14 2.82 -3.96 -6.67
C CYS A 14 1.92 -3.01 -5.94
N THR A 15 1.47 -3.43 -4.81
CA THR A 15 0.64 -2.65 -3.96
C THR A 15 1.01 -2.97 -2.51
N VAL A 16 1.32 -1.95 -1.76
CA VAL A 16 1.68 -2.13 -0.39
C VAL A 16 0.74 -1.28 0.47
N ILE A 17 0.19 -1.89 1.48
CA ILE A 17 -0.79 -1.24 2.32
C ILE A 17 -0.23 -1.08 3.72
N PHE A 18 -0.32 0.10 4.26
CA PHE A 18 0.18 0.38 5.59
C PHE A 18 -0.96 0.55 6.55
N ARG A 19 -0.96 -0.23 7.60
CA ARG A 19 -1.98 -0.12 8.61
C ARG A 19 -1.37 0.24 9.96
N ASN A 20 -1.78 1.36 10.49
CA ASN A 20 -1.28 1.84 11.77
C ASN A 20 -1.90 0.96 12.86
N ASN A 21 -1.07 0.17 13.50
CA ASN A 21 -1.54 -0.76 14.53
C ASN A 21 -1.92 -0.03 15.79
N HIS A 22 -1.21 1.03 16.07
CA HIS A 22 -1.47 1.82 17.25
C HIS A 22 -2.59 2.82 17.04
N ALA A 23 -2.87 3.20 15.81
CA ALA A 23 -3.95 4.12 15.55
C ALA A 23 -5.08 3.45 14.79
N PRO A 24 -6.18 3.09 15.47
CA PRO A 24 -7.34 2.45 14.81
C PRO A 24 -8.09 3.46 13.93
N GLU A 25 -7.96 4.72 14.28
CA GLU A 25 -8.59 5.82 13.56
C GLU A 25 -7.97 6.00 12.19
N ARG A 26 -6.69 5.77 12.14
CA ARG A 26 -5.96 5.91 10.91
C ARG A 26 -6.30 4.79 9.98
N GLN A 27 -6.63 5.15 8.78
CA GLN A 27 -7.04 4.21 7.76
C GLN A 27 -5.86 3.63 7.03
N PRO A 28 -6.00 2.41 6.46
CA PRO A 28 -4.94 1.78 5.68
C PRO A 28 -4.51 2.63 4.51
N ILE A 29 -3.24 2.83 4.40
CA ILE A 29 -2.66 3.60 3.37
C ILE A 29 -2.23 2.66 2.25
N VAL A 30 -2.97 2.67 1.19
CA VAL A 30 -2.69 1.82 0.05
C VAL A 30 -1.86 2.58 -0.96
N VAL A 31 -0.67 2.15 -1.20
CA VAL A 31 0.16 2.77 -2.19
C VAL A 31 0.47 1.76 -3.28
N HIS A 32 0.19 2.12 -4.49
CA HIS A 32 0.43 1.27 -5.62
C HIS A 32 1.80 1.60 -6.13
N THR A 33 2.56 0.60 -6.44
CA THR A 33 3.92 0.78 -6.83
C THR A 33 4.24 -0.12 -8.02
N TYR A 34 5.45 -0.05 -8.49
CA TYR A 34 5.89 -0.90 -9.57
C TYR A 34 6.92 -1.87 -9.05
N TYR A 35 7.36 -2.80 -9.87
CA TYR A 35 8.37 -3.76 -9.46
C TYR A 35 9.66 -3.07 -9.02
N SER A 36 10.02 -3.36 -7.78
CA SER A 36 11.25 -2.94 -7.15
C SER A 36 11.53 -1.44 -7.28
N ARG A 37 10.75 -0.67 -6.58
CA ARG A 37 10.85 0.76 -6.56
C ARG A 37 11.08 1.17 -5.14
N ASP A 38 11.17 2.42 -4.91
CA ASP A 38 11.24 2.93 -3.57
C ASP A 38 9.85 3.30 -3.16
N LEU A 39 9.57 3.19 -1.91
CA LEU A 39 8.28 3.48 -1.41
C LEU A 39 8.40 4.41 -0.22
N PRO A 40 8.25 5.71 -0.44
CA PRO A 40 8.24 6.68 0.62
C PRO A 40 6.86 6.75 1.27
N ILE A 41 6.81 6.41 2.52
CA ILE A 41 5.58 6.43 3.27
C ILE A 41 5.80 7.24 4.56
N GLU A 42 4.97 8.20 4.82
CA GLU A 42 5.16 8.95 6.04
C GLU A 42 4.36 8.35 7.17
N LEU A 43 5.05 7.75 8.10
CA LEU A 43 4.42 7.24 9.26
C LEU A 43 4.71 8.12 10.39
N ASP A 44 3.65 8.52 11.04
CA ASP A 44 3.66 9.50 12.16
C ASP A 44 4.31 10.84 11.69
N GLY A 45 4.36 11.02 10.39
CA GLY A 45 4.95 12.22 9.82
C GLY A 45 6.38 12.00 9.31
N VAL A 46 6.92 10.81 9.56
CA VAL A 46 8.28 10.47 9.15
C VAL A 46 8.23 9.67 7.88
N ARG A 47 8.81 10.17 6.83
CA ARG A 47 8.88 9.47 5.60
C ARG A 47 9.87 8.33 5.70
N HIS A 48 9.39 7.14 5.55
CA HIS A 48 10.24 6.00 5.50
C HIS A 48 10.34 5.61 4.05
N THR A 49 11.52 5.63 3.52
CA THR A 49 11.73 5.27 2.15
C THR A 49 12.10 3.80 2.14
N ILE A 50 11.19 3.01 1.71
CA ILE A 50 11.34 1.60 1.74
C ILE A 50 11.79 1.11 0.39
N GLN A 51 12.68 0.18 0.38
CA GLN A 51 13.10 -0.40 -0.85
C GLN A 51 12.23 -1.63 -1.13
N LEU A 52 11.53 -1.59 -2.23
CA LEU A 52 10.75 -2.71 -2.67
C LEU A 52 11.60 -3.59 -3.52
N SER A 53 11.41 -4.85 -3.39
CA SER A 53 12.08 -5.80 -4.20
C SER A 53 11.07 -6.88 -4.56
N GLY A 54 10.45 -6.74 -5.72
CA GLY A 54 9.43 -7.68 -6.17
C GLY A 54 8.23 -7.73 -5.23
N CYS A 55 7.57 -6.58 -5.06
CA CYS A 55 6.37 -6.41 -4.21
C CYS A 55 6.66 -6.64 -2.72
N THR A 56 7.90 -6.93 -2.41
CA THR A 56 8.32 -7.18 -1.08
C THR A 56 9.19 -6.03 -0.58
N PRO A 57 8.69 -5.23 0.37
CA PRO A 57 9.44 -4.14 0.98
C PRO A 57 10.38 -4.62 2.07
N GLU A 58 11.15 -3.70 2.61
CA GLU A 58 12.04 -3.99 3.69
C GLU A 58 11.37 -3.70 5.02
N GLN A 59 11.20 -4.75 5.80
CA GLN A 59 10.67 -4.71 7.14
C GLN A 59 11.53 -3.79 7.99
N SER A 60 12.79 -3.70 7.63
CA SER A 60 13.76 -2.91 8.32
C SER A 60 13.41 -1.41 8.27
N GLN A 61 12.69 -0.98 7.21
CA GLN A 61 12.37 0.41 7.07
C GLN A 61 11.04 0.70 7.73
N ILE A 62 10.42 -0.34 8.26
CA ILE A 62 9.11 -0.18 8.83
C ILE A 62 9.21 0.21 10.29
N PRO A 63 8.47 1.24 10.69
CA PRO A 63 8.39 1.62 12.08
C PRO A 63 7.53 0.65 12.87
N GLN A 64 7.76 0.60 14.14
CA GLN A 64 7.08 -0.33 14.99
C GLN A 64 5.72 0.20 15.40
N GLY A 65 4.73 -0.65 15.29
CA GLY A 65 3.39 -0.24 15.57
C GLY A 65 2.62 -0.03 14.29
N TYR A 66 3.18 -0.55 13.21
CA TYR A 66 2.61 -0.45 11.89
C TYR A 66 2.67 -1.79 11.17
N SER A 67 1.58 -2.17 10.59
CA SER A 67 1.50 -3.36 9.78
C SER A 67 1.67 -2.97 8.36
N VAL A 68 2.37 -3.77 7.66
CA VAL A 68 2.63 -3.54 6.26
C VAL A 68 2.23 -4.76 5.48
N GLU A 69 1.24 -4.59 4.67
CA GLU A 69 0.72 -5.63 3.87
C GLU A 69 1.20 -5.54 2.48
N HIS A 70 1.66 -6.63 2.02
CA HIS A 70 2.34 -6.72 0.75
C HIS A 70 1.45 -7.46 -0.21
N MET A 71 1.30 -6.92 -1.39
CA MET A 71 0.51 -7.56 -2.42
C MET A 71 0.85 -7.01 -3.77
N THR A 72 0.29 -7.59 -4.77
CA THR A 72 0.47 -7.11 -6.08
C THR A 72 -0.66 -6.17 -6.41
N TYR A 73 -0.46 -5.34 -7.39
CA TYR A 73 -1.47 -4.42 -7.85
C TYR A 73 -2.72 -5.17 -8.27
N LYS A 74 -2.53 -6.30 -8.95
CA LYS A 74 -3.66 -7.14 -9.40
C LYS A 74 -4.48 -7.64 -8.22
N ASN A 75 -3.80 -8.11 -7.19
CA ASN A 75 -4.48 -8.65 -6.01
C ASN A 75 -5.25 -7.57 -5.29
N TYR A 76 -4.63 -6.43 -5.12
CA TYR A 76 -5.32 -5.32 -4.50
C TYR A 76 -6.56 -4.93 -5.30
N LEU A 77 -6.40 -4.81 -6.60
CA LEU A 77 -7.49 -4.44 -7.48
C LEU A 77 -8.61 -5.42 -7.37
N ARG A 78 -8.26 -6.69 -7.37
CA ARG A 78 -9.26 -7.71 -7.30
C ARG A 78 -9.98 -7.65 -5.95
N GLN A 79 -9.26 -7.27 -4.90
CA GLN A 79 -9.86 -7.15 -3.57
C GLN A 79 -10.87 -6.03 -3.50
N GLU A 80 -10.53 -4.88 -4.04
CA GLU A 80 -11.46 -3.75 -4.03
C GLU A 80 -12.66 -4.05 -4.90
N ILE A 81 -12.42 -4.75 -6.01
CA ILE A 81 -13.47 -5.12 -6.93
C ILE A 81 -14.43 -6.09 -6.26
N LEU A 82 -13.87 -7.01 -5.52
CA LEU A 82 -14.65 -8.02 -4.85
C LEU A 82 -15.34 -7.51 -3.59
N ASN A 83 -14.82 -6.45 -3.01
CA ASN A 83 -15.44 -5.88 -1.83
C ASN A 83 -16.41 -4.77 -2.15
N GLU A 84 -16.19 -4.06 -3.23
CA GLU A 84 -17.10 -3.00 -3.59
C GLU A 84 -18.21 -3.56 -4.45
N ARG A 85 -17.82 -4.48 -5.34
CA ARG A 85 -18.71 -5.12 -6.30
C ARG A 85 -19.51 -4.08 -7.12
N PRO A 86 -18.83 -3.20 -7.88
CA PRO A 86 -19.51 -2.14 -8.63
C PRO A 86 -20.10 -2.66 -9.93
N PHE A 87 -19.44 -3.63 -10.52
CA PHE A 87 -19.86 -4.17 -11.78
C PHE A 87 -20.19 -5.64 -11.68
N TRP A 88 -20.50 -6.03 -10.49
CA TRP A 88 -20.94 -7.37 -10.20
C TRP A 88 -22.43 -7.36 -9.96
N PRO A 89 -23.20 -7.84 -10.92
CA PRO A 89 -24.64 -7.86 -10.81
C PRO A 89 -25.10 -8.99 -9.89
N GLY A 1 -12.20 11.35 3.30
CA GLY A 1 -11.55 10.81 2.11
C GLY A 1 -10.48 9.85 2.49
N PRO A 2 -10.06 8.95 1.59
CA PRO A 2 -9.04 7.95 1.89
C PRO A 2 -7.62 8.52 1.80
N HIS A 3 -7.43 9.54 0.94
CA HIS A 3 -6.12 10.21 0.73
C HIS A 3 -5.09 9.22 0.18
N MET A 4 -5.57 8.08 -0.26
CA MET A 4 -4.78 7.01 -0.78
C MET A 4 -5.61 6.29 -1.82
N GLY A 5 -4.95 5.64 -2.76
CA GLY A 5 -5.65 4.94 -3.81
C GLY A 5 -6.11 5.93 -4.86
N LYS A 6 -5.50 7.08 -4.80
CA LYS A 6 -5.84 8.17 -5.65
C LYS A 6 -5.12 8.05 -6.95
N HIS A 7 -3.95 7.54 -6.85
CA HIS A 7 -3.13 7.29 -7.99
C HIS A 7 -3.55 5.99 -8.64
N GLY A 8 -4.39 6.11 -9.60
CA GLY A 8 -4.99 4.97 -10.22
C GLY A 8 -4.70 4.88 -11.66
N ARG A 9 -3.43 5.07 -12.02
CA ARG A 9 -2.95 4.95 -13.40
C ARG A 9 -3.29 3.61 -14.02
N ASP A 10 -3.43 2.61 -13.16
CA ASP A 10 -3.76 1.21 -13.53
C ASP A 10 -2.52 0.50 -14.13
N ASP A 11 -1.39 1.17 -14.01
CA ASP A 11 -0.12 0.72 -14.60
C ASP A 11 0.75 0.02 -13.59
N TYR A 12 0.37 0.14 -12.37
CA TYR A 12 1.12 -0.32 -11.23
C TYR A 12 1.29 -1.83 -11.19
N ASP A 13 2.34 -2.25 -10.54
CA ASP A 13 2.62 -3.66 -10.43
C ASP A 13 2.37 -4.10 -9.02
N CYS A 14 2.68 -3.24 -8.09
CA CYS A 14 2.63 -3.60 -6.70
C CYS A 14 1.71 -2.68 -5.92
N THR A 15 1.31 -3.13 -4.77
CA THR A 15 0.49 -2.39 -3.85
C THR A 15 0.92 -2.72 -2.41
N VAL A 16 1.21 -1.73 -1.64
CA VAL A 16 1.58 -1.95 -0.26
C VAL A 16 0.67 -1.08 0.59
N ILE A 17 0.10 -1.67 1.62
CA ILE A 17 -0.88 -0.96 2.42
C ILE A 17 -0.36 -0.83 3.86
N PHE A 18 -0.31 0.39 4.33
CA PHE A 18 0.21 0.67 5.66
C PHE A 18 -0.91 0.89 6.65
N ARG A 19 -0.93 0.11 7.70
CA ARG A 19 -1.94 0.22 8.72
C ARG A 19 -1.29 0.65 10.03
N ASN A 20 -1.68 1.80 10.52
CA ASN A 20 -1.19 2.33 11.78
C ASN A 20 -1.78 1.49 12.88
N ASN A 21 -0.97 0.81 13.63
CA ASN A 21 -1.50 -0.03 14.70
C ASN A 21 -1.78 0.78 15.93
N HIS A 22 -1.03 1.85 16.13
CA HIS A 22 -1.28 2.72 17.28
C HIS A 22 -2.52 3.57 17.04
N ALA A 23 -2.86 3.80 15.79
CA ALA A 23 -4.03 4.55 15.45
C ALA A 23 -5.04 3.67 14.74
N PRO A 24 -6.08 3.19 15.42
CA PRO A 24 -7.10 2.33 14.78
C PRO A 24 -8.07 3.17 13.96
N GLU A 25 -8.00 4.46 14.21
CA GLU A 25 -8.80 5.47 13.55
C GLU A 25 -8.24 5.70 12.18
N ARG A 26 -6.94 5.59 12.10
CA ARG A 26 -6.21 5.77 10.90
C ARG A 26 -6.44 4.66 9.91
N GLN A 27 -7.02 5.06 8.82
CA GLN A 27 -7.32 4.21 7.71
C GLN A 27 -6.03 3.74 7.02
N PRO A 28 -6.02 2.52 6.50
CA PRO A 28 -4.85 1.95 5.81
C PRO A 28 -4.42 2.78 4.61
N ILE A 29 -3.14 3.02 4.52
CA ILE A 29 -2.58 3.79 3.47
C ILE A 29 -2.22 2.86 2.32
N VAL A 30 -3.04 2.83 1.32
CA VAL A 30 -2.78 2.02 0.16
C VAL A 30 -1.93 2.82 -0.82
N VAL A 31 -0.74 2.36 -1.06
CA VAL A 31 0.12 2.98 -2.01
C VAL A 31 0.35 2.01 -3.14
N HIS A 32 0.05 2.44 -4.34
CA HIS A 32 0.24 1.62 -5.48
C HIS A 32 1.62 1.90 -5.99
N THR A 33 2.35 0.89 -6.33
CA THR A 33 3.71 1.03 -6.73
C THR A 33 4.02 0.13 -7.93
N TYR A 34 5.22 0.18 -8.41
CA TYR A 34 5.65 -0.67 -9.52
C TYR A 34 6.67 -1.68 -9.03
N TYR A 35 7.08 -2.64 -9.87
CA TYR A 35 8.10 -3.60 -9.47
C TYR A 35 9.40 -2.96 -9.07
N SER A 36 9.78 -3.25 -7.85
CA SER A 36 11.04 -2.84 -7.27
C SER A 36 11.32 -1.35 -7.41
N ARG A 37 10.61 -0.60 -6.64
CA ARG A 37 10.74 0.82 -6.59
C ARG A 37 11.06 1.13 -5.16
N ASP A 38 11.26 2.35 -4.85
CA ASP A 38 11.36 2.75 -3.49
C ASP A 38 10.03 3.26 -3.08
N LEU A 39 9.69 3.06 -1.88
CA LEU A 39 8.44 3.44 -1.37
C LEU A 39 8.61 4.33 -0.16
N PRO A 40 8.57 5.64 -0.35
CA PRO A 40 8.61 6.57 0.74
C PRO A 40 7.23 6.73 1.39
N ILE A 41 7.15 6.35 2.61
CA ILE A 41 5.93 6.44 3.37
C ILE A 41 6.24 7.22 4.65
N GLU A 42 5.43 8.15 5.00
CA GLU A 42 5.68 8.91 6.19
C GLU A 42 4.81 8.46 7.34
N LEU A 43 5.41 7.79 8.27
CA LEU A 43 4.75 7.27 9.44
C LEU A 43 5.07 8.13 10.61
N ASP A 44 4.05 8.86 11.07
CA ASP A 44 4.15 9.82 12.19
C ASP A 44 5.04 11.00 11.77
N GLY A 45 5.18 11.15 10.48
CA GLY A 45 5.99 12.22 9.93
C GLY A 45 7.37 11.74 9.53
N VAL A 46 7.66 10.48 9.77
CA VAL A 46 8.96 9.94 9.43
C VAL A 46 8.86 9.24 8.11
N ARG A 47 9.55 9.75 7.12
CA ARG A 47 9.62 9.11 5.86
C ARG A 47 10.47 7.87 5.94
N HIS A 48 9.86 6.76 5.69
CA HIS A 48 10.55 5.55 5.56
C HIS A 48 10.62 5.28 4.10
N THR A 49 11.80 5.22 3.57
CA THR A 49 11.95 4.95 2.18
C THR A 49 12.31 3.49 2.05
N ILE A 50 11.33 2.73 1.68
CA ILE A 50 11.41 1.31 1.69
C ILE A 50 11.80 0.80 0.33
N GLN A 51 12.69 -0.15 0.29
CA GLN A 51 13.07 -0.76 -0.94
C GLN A 51 12.10 -1.86 -1.26
N LEU A 52 11.35 -1.70 -2.30
CA LEU A 52 10.48 -2.72 -2.76
C LEU A 52 11.27 -3.64 -3.63
N SER A 53 11.08 -4.88 -3.44
CA SER A 53 11.67 -5.86 -4.26
C SER A 53 10.57 -6.79 -4.70
N GLY A 54 10.11 -6.61 -5.92
CA GLY A 54 9.07 -7.47 -6.48
C GLY A 54 7.82 -7.51 -5.63
N CYS A 55 7.29 -6.33 -5.32
CA CYS A 55 6.07 -6.16 -4.51
C CYS A 55 6.28 -6.55 -3.03
N THR A 56 7.51 -6.74 -2.67
CA THR A 56 7.84 -7.06 -1.31
C THR A 56 8.68 -5.92 -0.71
N PRO A 57 8.10 -5.16 0.21
CA PRO A 57 8.83 -4.10 0.91
C PRO A 57 9.69 -4.67 2.00
N GLU A 58 10.64 -3.90 2.45
CA GLU A 58 11.51 -4.33 3.48
C GLU A 58 10.94 -4.05 4.83
N GLN A 59 10.68 -5.12 5.56
CA GLN A 59 10.23 -5.10 6.92
C GLN A 59 11.19 -4.31 7.78
N SER A 60 12.44 -4.34 7.39
CA SER A 60 13.51 -3.68 8.06
C SER A 60 13.31 -2.17 8.10
N GLN A 61 12.61 -1.61 7.11
CA GLN A 61 12.42 -0.18 7.07
C GLN A 61 11.17 0.21 7.83
N ILE A 62 10.42 -0.78 8.30
CA ILE A 62 9.16 -0.51 8.93
C ILE A 62 9.35 -0.26 10.42
N PRO A 63 8.72 0.79 10.98
CA PRO A 63 8.76 1.07 12.40
C PRO A 63 7.85 0.13 13.21
N GLN A 64 8.04 0.16 14.51
CA GLN A 64 7.27 -0.67 15.40
C GLN A 64 5.91 -0.04 15.65
N GLY A 65 4.87 -0.85 15.57
CA GLY A 65 3.53 -0.35 15.80
C GLY A 65 2.82 -0.04 14.50
N TYR A 66 3.35 -0.55 13.42
CA TYR A 66 2.79 -0.32 12.11
C TYR A 66 2.74 -1.59 11.31
N SER A 67 1.59 -1.89 10.78
CA SER A 67 1.42 -3.06 9.98
C SER A 67 1.53 -2.69 8.54
N VAL A 68 2.18 -3.52 7.82
CA VAL A 68 2.39 -3.32 6.42
C VAL A 68 1.88 -4.53 5.68
N GLU A 69 0.95 -4.30 4.79
CA GLU A 69 0.34 -5.35 4.03
C GLU A 69 0.93 -5.34 2.64
N HIS A 70 1.40 -6.47 2.20
CA HIS A 70 2.12 -6.56 0.94
C HIS A 70 1.26 -7.27 -0.06
N MET A 71 1.15 -6.71 -1.25
CA MET A 71 0.42 -7.33 -2.32
C MET A 71 0.82 -6.75 -3.66
N THR A 72 0.31 -7.31 -4.70
CA THR A 72 0.54 -6.76 -5.99
C THR A 72 -0.61 -5.86 -6.28
N TYR A 73 -0.47 -5.06 -7.28
CA TYR A 73 -1.53 -4.20 -7.70
C TYR A 73 -2.68 -5.05 -8.21
N LYS A 74 -2.30 -6.16 -8.85
CA LYS A 74 -3.24 -7.14 -9.36
C LYS A 74 -4.09 -7.71 -8.23
N ASN A 75 -3.41 -8.10 -7.16
CA ASN A 75 -4.08 -8.65 -5.97
C ASN A 75 -4.97 -7.61 -5.35
N TYR A 76 -4.43 -6.42 -5.14
CA TYR A 76 -5.20 -5.31 -4.61
C TYR A 76 -6.47 -5.08 -5.43
N LEU A 77 -6.30 -5.03 -6.74
CA LEU A 77 -7.41 -4.79 -7.64
C LEU A 77 -8.42 -5.88 -7.52
N ARG A 78 -7.98 -7.13 -7.46
CA ARG A 78 -8.92 -8.22 -7.36
C ARG A 78 -9.66 -8.14 -6.03
N GLN A 79 -8.98 -7.63 -5.00
CA GLN A 79 -9.59 -7.47 -3.68
C GLN A 79 -10.72 -6.48 -3.75
N GLU A 80 -10.48 -5.34 -4.35
CA GLU A 80 -11.51 -4.35 -4.45
C GLU A 80 -12.58 -4.75 -5.44
N ILE A 81 -12.22 -5.57 -6.43
CA ILE A 81 -13.19 -6.09 -7.37
C ILE A 81 -14.10 -7.03 -6.62
N LEU A 82 -13.55 -7.73 -5.67
CA LEU A 82 -14.32 -8.68 -4.88
C LEU A 82 -15.12 -8.02 -3.78
N ASN A 83 -14.68 -6.88 -3.34
CA ASN A 83 -15.44 -6.16 -2.32
C ASN A 83 -16.45 -5.20 -2.92
N GLU A 84 -16.15 -4.61 -4.05
CA GLU A 84 -17.07 -3.66 -4.68
C GLU A 84 -18.00 -4.41 -5.63
N ARG A 85 -17.41 -5.34 -6.38
CA ARG A 85 -18.09 -6.19 -7.37
C ARG A 85 -18.76 -5.40 -8.50
N PRO A 86 -17.97 -5.03 -9.53
CA PRO A 86 -18.48 -4.31 -10.69
C PRO A 86 -19.33 -5.21 -11.58
N PHE A 87 -19.08 -6.49 -11.49
CA PHE A 87 -19.80 -7.46 -12.23
C PHE A 87 -20.45 -8.47 -11.30
N TRP A 88 -21.73 -8.69 -11.54
CA TRP A 88 -22.57 -9.64 -10.80
C TRP A 88 -22.49 -9.48 -9.27
N PRO A 89 -23.18 -8.49 -8.69
CA PRO A 89 -23.21 -8.30 -7.27
C PRO A 89 -24.40 -9.03 -6.64
N GLY A 1 1.30 11.05 2.83
CA GLY A 1 -0.01 10.63 2.35
C GLY A 1 0.11 9.38 1.51
N PRO A 2 -1.01 8.74 1.17
CA PRO A 2 -1.00 7.55 0.31
C PRO A 2 -0.84 7.93 -1.16
N HIS A 3 -1.80 8.64 -1.67
CA HIS A 3 -1.80 9.09 -3.05
C HIS A 3 -2.30 10.48 -3.10
N MET A 4 -2.03 11.15 -4.16
CA MET A 4 -2.54 12.47 -4.35
C MET A 4 -3.82 12.36 -5.15
N GLY A 5 -4.94 12.28 -4.46
CA GLY A 5 -6.23 12.22 -5.11
C GLY A 5 -6.69 10.82 -5.40
N LYS A 6 -5.74 9.87 -5.41
CA LYS A 6 -5.96 8.46 -5.69
C LYS A 6 -6.56 8.29 -7.08
N HIS A 7 -5.70 8.37 -8.07
CA HIS A 7 -6.11 8.27 -9.45
C HIS A 7 -6.33 6.84 -9.88
N GLY A 8 -5.26 6.08 -9.99
CA GLY A 8 -5.38 4.72 -10.43
C GLY A 8 -5.01 4.62 -11.88
N ARG A 9 -3.72 4.78 -12.15
CA ARG A 9 -3.19 4.78 -13.52
C ARG A 9 -3.26 3.40 -14.17
N ASP A 10 -3.49 2.40 -13.33
CA ASP A 10 -3.61 0.99 -13.74
C ASP A 10 -2.35 0.43 -14.34
N ASP A 11 -1.26 1.10 -14.07
CA ASP A 11 0.03 0.74 -14.63
C ASP A 11 0.92 0.18 -13.57
N TYR A 12 0.43 0.29 -12.37
CA TYR A 12 1.15 -0.17 -11.20
C TYR A 12 1.32 -1.68 -11.21
N ASP A 13 2.22 -2.13 -10.42
CA ASP A 13 2.52 -3.53 -10.37
C ASP A 13 2.32 -4.06 -8.97
N CYS A 14 2.65 -3.25 -8.01
CA CYS A 14 2.60 -3.66 -6.63
C CYS A 14 1.71 -2.73 -5.83
N THR A 15 1.30 -3.18 -4.69
CA THR A 15 0.50 -2.43 -3.78
C THR A 15 0.90 -2.77 -2.34
N VAL A 16 1.20 -1.78 -1.57
CA VAL A 16 1.55 -2.02 -0.19
C VAL A 16 0.62 -1.19 0.68
N ILE A 17 0.05 -1.80 1.68
CA ILE A 17 -0.91 -1.13 2.52
C ILE A 17 -0.35 -1.04 3.93
N PHE A 18 -0.34 0.14 4.47
CA PHE A 18 0.17 0.36 5.79
C PHE A 18 -0.96 0.55 6.74
N ARG A 19 -1.09 -0.33 7.68
CA ARG A 19 -2.12 -0.21 8.66
C ARG A 19 -1.48 0.15 9.98
N ASN A 20 -1.88 1.25 10.52
CA ASN A 20 -1.33 1.71 11.76
C ASN A 20 -1.93 0.90 12.88
N ASN A 21 -1.12 0.14 13.53
CA ASN A 21 -1.58 -0.73 14.62
C ASN A 21 -1.88 0.07 15.85
N HIS A 22 -1.07 1.07 16.10
CA HIS A 22 -1.25 1.90 17.27
C HIS A 22 -2.30 2.98 17.05
N ALA A 23 -2.55 3.34 15.82
CA ALA A 23 -3.59 4.30 15.53
C ALA A 23 -4.72 3.63 14.77
N PRO A 24 -5.82 3.28 15.44
CA PRO A 24 -6.96 2.68 14.78
C PRO A 24 -7.77 3.74 14.03
N GLU A 25 -7.55 4.99 14.40
CA GLU A 25 -8.18 6.13 13.77
C GLU A 25 -7.66 6.25 12.35
N ARG A 26 -6.34 6.10 12.22
CA ARG A 26 -5.67 6.09 10.94
C ARG A 26 -6.22 5.03 10.05
N GLN A 27 -6.44 5.40 8.86
CA GLN A 27 -6.90 4.53 7.86
C GLN A 27 -5.71 3.80 7.23
N PRO A 28 -5.93 2.63 6.62
CA PRO A 28 -4.87 1.94 5.93
C PRO A 28 -4.37 2.78 4.76
N ILE A 29 -3.11 2.96 4.71
CA ILE A 29 -2.50 3.73 3.71
C ILE A 29 -2.13 2.80 2.57
N VAL A 30 -2.94 2.82 1.55
CA VAL A 30 -2.71 2.00 0.40
C VAL A 30 -1.89 2.78 -0.59
N VAL A 31 -0.72 2.29 -0.91
CA VAL A 31 0.11 2.92 -1.89
C VAL A 31 0.36 1.95 -3.02
N HIS A 32 0.09 2.37 -4.23
CA HIS A 32 0.30 1.56 -5.39
C HIS A 32 1.69 1.85 -5.88
N THR A 33 2.42 0.85 -6.23
CA THR A 33 3.77 1.00 -6.65
C THR A 33 4.04 0.11 -7.88
N TYR A 34 5.23 0.12 -8.38
CA TYR A 34 5.60 -0.72 -9.52
C TYR A 34 6.59 -1.78 -9.04
N TYR A 35 6.96 -2.73 -9.90
CA TYR A 35 7.91 -3.77 -9.53
C TYR A 35 9.26 -3.20 -9.16
N SER A 36 9.66 -3.50 -7.93
CA SER A 36 10.93 -3.13 -7.35
C SER A 36 11.25 -1.62 -7.50
N ARG A 37 10.60 -0.87 -6.68
CA ARG A 37 10.74 0.56 -6.64
C ARG A 37 11.06 0.93 -5.22
N ASP A 38 11.13 2.18 -4.95
CA ASP A 38 11.26 2.64 -3.60
C ASP A 38 9.89 3.03 -3.15
N LEU A 39 9.63 2.90 -1.89
CA LEU A 39 8.36 3.20 -1.34
C LEU A 39 8.52 4.16 -0.20
N PRO A 40 8.43 5.46 -0.46
CA PRO A 40 8.45 6.45 0.57
C PRO A 40 7.06 6.61 1.19
N ILE A 41 6.98 6.28 2.44
CA ILE A 41 5.74 6.30 3.17
C ILE A 41 5.93 7.12 4.43
N GLU A 42 5.05 8.01 4.70
CA GLU A 42 5.17 8.81 5.88
C GLU A 42 4.40 8.20 7.03
N LEU A 43 5.11 7.57 7.93
CA LEU A 43 4.51 7.02 9.10
C LEU A 43 4.83 7.89 10.25
N ASP A 44 3.80 8.21 10.97
CA ASP A 44 3.85 9.16 12.11
C ASP A 44 4.35 10.54 11.60
N GLY A 45 4.25 10.74 10.30
CA GLY A 45 4.74 11.95 9.68
C GLY A 45 6.21 11.86 9.28
N VAL A 46 6.79 10.68 9.37
CA VAL A 46 8.18 10.46 8.99
C VAL A 46 8.20 9.63 7.73
N ARG A 47 8.76 10.15 6.68
CA ARG A 47 8.86 9.41 5.45
C ARG A 47 9.92 8.34 5.53
N HIS A 48 9.51 7.10 5.44
CA HIS A 48 10.40 5.99 5.40
C HIS A 48 10.46 5.55 3.96
N THR A 49 11.63 5.59 3.38
CA THR A 49 11.79 5.15 2.02
C THR A 49 12.23 3.69 2.03
N ILE A 50 11.30 2.84 1.73
CA ILE A 50 11.48 1.43 1.80
C ILE A 50 11.86 0.89 0.45
N GLN A 51 12.69 -0.11 0.42
CA GLN A 51 13.08 -0.71 -0.82
C GLN A 51 12.14 -1.87 -1.14
N LEU A 52 11.45 -1.77 -2.24
CA LEU A 52 10.59 -2.85 -2.71
C LEU A 52 11.36 -3.75 -3.61
N SER A 53 11.16 -5.01 -3.45
CA SER A 53 11.71 -5.99 -4.31
C SER A 53 10.58 -6.93 -4.67
N GLY A 54 10.04 -6.78 -5.88
CA GLY A 54 8.94 -7.61 -6.35
C GLY A 54 7.73 -7.56 -5.44
N CYS A 55 7.28 -6.34 -5.14
CA CYS A 55 6.10 -6.08 -4.29
C CYS A 55 6.37 -6.33 -2.81
N THR A 56 7.58 -6.74 -2.49
CA THR A 56 7.95 -7.01 -1.15
C THR A 56 8.88 -5.91 -0.62
N PRO A 57 8.40 -5.08 0.32
CA PRO A 57 9.21 -4.05 0.96
C PRO A 57 10.06 -4.60 2.09
N GLU A 58 11.03 -3.82 2.53
CA GLU A 58 11.88 -4.19 3.62
C GLU A 58 11.21 -3.95 4.94
N GLN A 59 10.96 -5.03 5.65
CA GLN A 59 10.40 -5.02 6.99
C GLN A 59 11.29 -4.17 7.91
N SER A 60 12.56 -4.14 7.59
CA SER A 60 13.56 -3.45 8.34
C SER A 60 13.34 -1.93 8.30
N GLN A 61 12.62 -1.43 7.29
CA GLN A 61 12.40 -0.01 7.19
C GLN A 61 11.08 0.35 7.84
N ILE A 62 10.37 -0.65 8.32
CA ILE A 62 9.06 -0.42 8.89
C ILE A 62 9.17 0.03 10.35
N PRO A 63 8.48 1.13 10.70
CA PRO A 63 8.41 1.62 12.08
C PRO A 63 7.58 0.71 12.98
N GLN A 64 7.70 0.92 14.25
CA GLN A 64 7.01 0.13 15.24
C GLN A 64 5.58 0.62 15.41
N GLY A 65 4.65 -0.29 15.41
CA GLY A 65 3.27 0.07 15.57
C GLY A 65 2.54 0.07 14.25
N TYR A 66 3.14 -0.56 13.26
CA TYR A 66 2.59 -0.58 11.92
C TYR A 66 2.59 -1.97 11.32
N SER A 67 1.48 -2.31 10.71
CA SER A 67 1.34 -3.52 9.96
C SER A 67 1.47 -3.19 8.51
N VAL A 68 2.28 -3.91 7.84
CA VAL A 68 2.51 -3.67 6.45
C VAL A 68 2.02 -4.85 5.65
N GLU A 69 1.06 -4.58 4.82
CA GLU A 69 0.38 -5.58 4.04
C GLU A 69 0.95 -5.52 2.64
N HIS A 70 1.47 -6.63 2.16
CA HIS A 70 2.15 -6.67 0.89
C HIS A 70 1.29 -7.39 -0.09
N MET A 71 1.11 -6.80 -1.24
CA MET A 71 0.33 -7.40 -2.28
C MET A 71 0.72 -6.82 -3.60
N THR A 72 0.19 -7.33 -4.64
CA THR A 72 0.44 -6.75 -5.90
C THR A 72 -0.70 -5.84 -6.22
N TYR A 73 -0.53 -5.04 -7.23
CA TYR A 73 -1.58 -4.17 -7.69
C TYR A 73 -2.76 -5.01 -8.15
N LYS A 74 -2.42 -6.12 -8.77
CA LYS A 74 -3.37 -7.08 -9.30
C LYS A 74 -4.20 -7.68 -8.17
N ASN A 75 -3.51 -8.07 -7.11
CA ASN A 75 -4.14 -8.61 -5.88
C ASN A 75 -5.04 -7.57 -5.27
N TYR A 76 -4.51 -6.37 -5.06
CA TYR A 76 -5.28 -5.25 -4.54
C TYR A 76 -6.56 -5.00 -5.34
N LEU A 77 -6.42 -4.93 -6.66
CA LEU A 77 -7.55 -4.68 -7.56
C LEU A 77 -8.56 -5.77 -7.40
N ARG A 78 -8.07 -6.98 -7.31
CA ARG A 78 -8.89 -8.15 -7.13
C ARG A 78 -9.65 -8.05 -5.84
N GLN A 79 -9.00 -7.57 -4.79
CA GLN A 79 -9.62 -7.44 -3.50
C GLN A 79 -10.77 -6.48 -3.59
N GLU A 80 -10.50 -5.28 -4.04
CA GLU A 80 -11.52 -4.24 -4.13
C GLU A 80 -12.66 -4.66 -5.07
N ILE A 81 -12.33 -5.33 -6.18
CA ILE A 81 -13.35 -5.80 -7.10
C ILE A 81 -14.23 -6.84 -6.39
N LEU A 82 -13.63 -7.69 -5.61
CA LEU A 82 -14.36 -8.72 -4.87
C LEU A 82 -15.10 -8.15 -3.69
N ASN A 83 -14.59 -7.07 -3.15
CA ASN A 83 -15.21 -6.46 -1.99
C ASN A 83 -16.41 -5.65 -2.38
N GLU A 84 -16.27 -4.86 -3.42
CA GLU A 84 -17.35 -3.96 -3.79
C GLU A 84 -18.14 -4.48 -4.98
N ARG A 85 -17.41 -4.97 -5.95
CA ARG A 85 -17.94 -5.35 -7.25
C ARG A 85 -18.54 -4.16 -7.97
N PRO A 86 -17.71 -3.42 -8.73
CA PRO A 86 -18.15 -2.22 -9.44
C PRO A 86 -19.07 -2.56 -10.61
N PHE A 87 -18.80 -3.67 -11.23
CA PHE A 87 -19.56 -4.13 -12.36
C PHE A 87 -20.18 -5.47 -12.02
N TRP A 88 -21.42 -5.64 -12.42
CA TRP A 88 -22.14 -6.86 -12.13
C TRP A 88 -22.60 -7.53 -13.42
N PRO A 89 -21.78 -8.43 -13.98
CA PRO A 89 -22.17 -9.24 -15.11
C PRO A 89 -23.11 -10.34 -14.64
N GLY A 1 1.77 11.22 3.79
CA GLY A 1 0.59 11.98 3.39
C GLY A 1 -0.37 11.09 2.66
N PRO A 2 -1.18 11.62 1.75
CA PRO A 2 -2.03 10.80 0.92
C PRO A 2 -1.22 10.25 -0.24
N HIS A 3 -0.80 9.00 -0.13
CA HIS A 3 0.08 8.40 -1.13
C HIS A 3 -0.68 7.59 -2.16
N MET A 4 -1.97 7.82 -2.21
CA MET A 4 -2.86 7.17 -3.16
C MET A 4 -4.04 8.05 -3.38
N GLY A 5 -4.91 7.66 -4.26
CA GLY A 5 -6.08 8.43 -4.50
C GLY A 5 -6.51 8.35 -5.93
N LYS A 6 -6.15 9.35 -6.68
CA LYS A 6 -6.63 9.47 -8.03
C LYS A 6 -5.57 9.06 -9.05
N HIS A 7 -4.50 8.49 -8.56
CA HIS A 7 -3.49 7.96 -9.45
C HIS A 7 -3.64 6.46 -9.57
N GLY A 8 -4.47 6.10 -10.47
CA GLY A 8 -4.79 4.74 -10.76
C GLY A 8 -4.45 4.46 -12.18
N ARG A 9 -3.18 4.61 -12.48
CA ARG A 9 -2.62 4.45 -13.84
C ARG A 9 -2.93 3.10 -14.45
N ASP A 10 -3.21 2.12 -13.57
CA ASP A 10 -3.54 0.73 -13.95
C ASP A 10 -2.29 0.00 -14.49
N ASP A 11 -1.15 0.65 -14.31
CA ASP A 11 0.15 0.17 -14.80
C ASP A 11 1.01 -0.35 -13.70
N TYR A 12 0.56 -0.14 -12.49
CA TYR A 12 1.29 -0.57 -11.31
C TYR A 12 1.45 -2.08 -11.27
N ASP A 13 2.44 -2.53 -10.58
CA ASP A 13 2.73 -3.93 -10.48
C ASP A 13 2.45 -4.40 -9.09
N CYS A 14 2.83 -3.59 -8.15
CA CYS A 14 2.76 -3.95 -6.77
C CYS A 14 1.88 -2.98 -5.99
N THR A 15 1.46 -3.42 -4.86
CA THR A 15 0.68 -2.63 -3.96
C THR A 15 1.08 -2.96 -2.53
N VAL A 16 1.43 -1.96 -1.79
CA VAL A 16 1.80 -2.18 -0.42
C VAL A 16 0.93 -1.29 0.44
N ILE A 17 0.28 -1.89 1.40
CA ILE A 17 -0.68 -1.18 2.21
C ILE A 17 -0.16 -1.08 3.65
N PHE A 18 -0.22 0.08 4.22
CA PHE A 18 0.25 0.30 5.57
C PHE A 18 -0.91 0.47 6.52
N ARG A 19 -1.00 -0.40 7.48
CA ARG A 19 -2.04 -0.31 8.47
C ARG A 19 -1.44 0.11 9.79
N ASN A 20 -1.92 1.21 10.33
CA ASN A 20 -1.44 1.70 11.60
C ASN A 20 -2.01 0.80 12.67
N ASN A 21 -1.17 0.07 13.35
CA ASN A 21 -1.63 -0.86 14.39
C ASN A 21 -2.01 -0.12 15.62
N HIS A 22 -1.27 0.91 15.90
CA HIS A 22 -1.51 1.71 17.08
C HIS A 22 -2.67 2.67 16.89
N ALA A 23 -2.98 2.98 15.65
CA ALA A 23 -4.11 3.81 15.38
C ALA A 23 -5.19 3.05 14.65
N PRO A 24 -6.25 2.60 15.33
CA PRO A 24 -7.36 1.89 14.68
C PRO A 24 -8.21 2.86 13.85
N GLU A 25 -8.14 4.13 14.22
CA GLU A 25 -8.92 5.20 13.59
C GLU A 25 -8.35 5.53 12.23
N ARG A 26 -7.11 5.25 12.07
CA ARG A 26 -6.44 5.52 10.83
C ARG A 26 -6.66 4.41 9.82
N GLN A 27 -6.91 4.81 8.62
CA GLN A 27 -7.20 3.91 7.54
C GLN A 27 -5.92 3.37 6.93
N PRO A 28 -5.98 2.18 6.32
CA PRO A 28 -4.83 1.61 5.63
C PRO A 28 -4.36 2.50 4.49
N ILE A 29 -3.09 2.73 4.45
CA ILE A 29 -2.51 3.53 3.44
C ILE A 29 -2.05 2.64 2.31
N VAL A 30 -2.82 2.59 1.28
CA VAL A 30 -2.54 1.77 0.13
C VAL A 30 -1.60 2.53 -0.79
N VAL A 31 -0.44 2.00 -1.04
CA VAL A 31 0.42 2.66 -1.99
C VAL A 31 0.65 1.73 -3.16
N HIS A 32 0.34 2.20 -4.33
CA HIS A 32 0.48 1.42 -5.53
C HIS A 32 1.89 1.65 -6.02
N THR A 33 2.59 0.59 -6.36
CA THR A 33 3.95 0.72 -6.78
C THR A 33 4.22 -0.19 -8.00
N TYR A 34 5.41 -0.17 -8.48
CA TYR A 34 5.84 -1.02 -9.58
C TYR A 34 6.87 -2.01 -9.07
N TYR A 35 7.29 -2.94 -9.91
CA TYR A 35 8.31 -3.91 -9.50
C TYR A 35 9.61 -3.25 -9.08
N SER A 36 10.00 -3.54 -7.85
CA SER A 36 11.24 -3.08 -7.24
C SER A 36 11.50 -1.58 -7.42
N ARG A 37 10.77 -0.82 -6.65
CA ARG A 37 10.85 0.61 -6.63
C ARG A 37 11.21 1.03 -5.23
N ASP A 38 11.22 2.29 -4.99
CA ASP A 38 11.37 2.78 -3.65
C ASP A 38 9.99 3.10 -3.16
N LEU A 39 9.77 3.02 -1.89
CA LEU A 39 8.49 3.27 -1.35
C LEU A 39 8.58 4.24 -0.19
N PRO A 40 8.42 5.53 -0.47
CA PRO A 40 8.38 6.54 0.57
C PRO A 40 6.97 6.65 1.17
N ILE A 41 6.88 6.35 2.43
CA ILE A 41 5.66 6.41 3.19
C ILE A 41 5.90 7.25 4.43
N GLU A 42 5.01 8.09 4.82
CA GLU A 42 5.22 8.85 6.02
C GLU A 42 4.51 8.22 7.19
N LEU A 43 5.26 7.69 8.11
CA LEU A 43 4.69 7.15 9.29
C LEU A 43 4.95 8.09 10.41
N ASP A 44 3.89 8.44 11.07
CA ASP A 44 3.87 9.51 12.12
C ASP A 44 4.37 10.87 11.52
N GLY A 45 4.35 10.97 10.21
CA GLY A 45 4.81 12.15 9.53
C GLY A 45 6.26 12.04 9.10
N VAL A 46 6.90 10.92 9.41
CA VAL A 46 8.28 10.66 9.05
C VAL A 46 8.30 9.83 7.79
N ARG A 47 8.87 10.35 6.74
CA ARG A 47 8.98 9.61 5.51
C ARG A 47 9.99 8.47 5.65
N HIS A 48 9.52 7.28 5.49
CA HIS A 48 10.36 6.12 5.46
C HIS A 48 10.46 5.68 4.04
N THR A 49 11.64 5.64 3.52
CA THR A 49 11.84 5.24 2.15
C THR A 49 12.26 3.79 2.15
N ILE A 50 11.36 2.96 1.78
CA ILE A 50 11.53 1.55 1.82
C ILE A 50 11.99 1.06 0.48
N GLN A 51 12.78 0.05 0.47
CA GLN A 51 13.23 -0.54 -0.74
C GLN A 51 12.30 -1.72 -1.06
N LEU A 52 11.69 -1.67 -2.22
CA LEU A 52 10.86 -2.76 -2.68
C LEU A 52 11.67 -3.68 -3.55
N SER A 53 11.42 -4.93 -3.43
CA SER A 53 11.96 -5.93 -4.27
C SER A 53 10.85 -6.91 -4.57
N GLY A 54 10.30 -6.82 -5.78
CA GLY A 54 9.22 -7.71 -6.21
C GLY A 54 8.02 -7.65 -5.28
N CYS A 55 7.49 -6.44 -5.09
CA CYS A 55 6.31 -6.17 -4.23
C CYS A 55 6.62 -6.37 -2.74
N THR A 56 7.86 -6.73 -2.43
CA THR A 56 8.26 -6.97 -1.08
C THR A 56 9.10 -5.81 -0.55
N PRO A 57 8.60 -5.10 0.46
CA PRO A 57 9.34 -4.04 1.11
C PRO A 57 10.25 -4.57 2.22
N GLU A 58 11.20 -3.75 2.64
CA GLU A 58 12.05 -4.10 3.73
C GLU A 58 11.41 -3.79 5.05
N GLN A 59 11.20 -4.82 5.83
CA GLN A 59 10.62 -4.75 7.16
C GLN A 59 11.44 -3.80 8.04
N SER A 60 12.72 -3.75 7.77
CA SER A 60 13.64 -2.95 8.50
C SER A 60 13.34 -1.46 8.39
N GLN A 61 12.72 -1.06 7.30
CA GLN A 61 12.45 0.34 7.08
C GLN A 61 11.11 0.69 7.71
N ILE A 62 10.42 -0.32 8.21
CA ILE A 62 9.12 -0.13 8.77
C ILE A 62 9.25 0.16 10.26
N PRO A 63 8.64 1.25 10.74
CA PRO A 63 8.60 1.54 12.15
C PRO A 63 7.71 0.55 12.90
N GLN A 64 7.96 0.43 14.17
CA GLN A 64 7.22 -0.50 15.00
C GLN A 64 5.86 0.07 15.28
N GLY A 65 4.83 -0.71 15.07
CA GLY A 65 3.50 -0.23 15.30
C GLY A 65 2.72 -0.06 14.01
N TYR A 66 3.29 -0.53 12.93
CA TYR A 66 2.68 -0.44 11.63
C TYR A 66 2.75 -1.77 10.91
N SER A 67 1.62 -2.24 10.45
CA SER A 67 1.55 -3.46 9.69
C SER A 67 1.65 -3.14 8.25
N VAL A 68 2.48 -3.82 7.58
CA VAL A 68 2.64 -3.61 6.18
C VAL A 68 2.11 -4.82 5.43
N GLU A 69 1.19 -4.57 4.55
CA GLU A 69 0.53 -5.59 3.81
C GLU A 69 1.11 -5.59 2.40
N HIS A 70 1.60 -6.73 1.97
CA HIS A 70 2.30 -6.80 0.71
C HIS A 70 1.41 -7.52 -0.27
N MET A 71 1.26 -6.96 -1.43
CA MET A 71 0.47 -7.57 -2.46
C MET A 71 0.83 -7.00 -3.81
N THR A 72 0.26 -7.56 -4.81
CA THR A 72 0.43 -7.07 -6.11
C THR A 72 -0.68 -6.12 -6.39
N TYR A 73 -0.50 -5.27 -7.35
CA TYR A 73 -1.52 -4.33 -7.75
C TYR A 73 -2.75 -5.09 -8.22
N LYS A 74 -2.53 -6.22 -8.86
CA LYS A 74 -3.60 -7.08 -9.34
C LYS A 74 -4.45 -7.61 -8.17
N ASN A 75 -3.79 -7.99 -7.09
CA ASN A 75 -4.49 -8.46 -5.90
C ASN A 75 -5.22 -7.35 -5.22
N TYR A 76 -4.61 -6.19 -5.19
CA TYR A 76 -5.26 -5.03 -4.67
C TYR A 76 -6.55 -4.73 -5.45
N LEU A 77 -6.46 -4.82 -6.76
CA LEU A 77 -7.58 -4.55 -7.63
C LEU A 77 -8.69 -5.54 -7.36
N ARG A 78 -8.33 -6.80 -7.23
CA ARG A 78 -9.34 -7.84 -6.97
C ARG A 78 -9.97 -7.61 -5.59
N GLN A 79 -9.18 -7.08 -4.65
CA GLN A 79 -9.67 -6.79 -3.31
C GLN A 79 -10.68 -5.69 -3.32
N GLU A 80 -10.40 -4.61 -4.01
CA GLU A 80 -11.37 -3.52 -4.08
C GLU A 80 -12.60 -3.98 -4.84
N ILE A 81 -12.42 -4.89 -5.80
CA ILE A 81 -13.53 -5.45 -6.53
C ILE A 81 -14.40 -6.28 -5.57
N LEU A 82 -13.76 -6.91 -4.62
CA LEU A 82 -14.47 -7.71 -3.63
C LEU A 82 -15.11 -6.84 -2.55
N ASN A 83 -14.55 -5.68 -2.34
CA ASN A 83 -15.07 -4.75 -1.35
C ASN A 83 -16.19 -3.88 -1.92
N GLU A 84 -16.00 -3.40 -3.13
CA GLU A 84 -17.00 -2.57 -3.78
C GLU A 84 -18.10 -3.40 -4.42
N ARG A 85 -17.69 -4.52 -4.99
CA ARG A 85 -18.56 -5.45 -5.73
C ARG A 85 -19.26 -4.79 -6.92
N PRO A 86 -18.55 -4.63 -8.05
CA PRO A 86 -19.13 -4.05 -9.28
C PRO A 86 -19.99 -5.08 -10.03
N PHE A 87 -19.89 -6.31 -9.59
CA PHE A 87 -20.65 -7.42 -10.15
C PHE A 87 -22.13 -7.31 -9.79
N TRP A 88 -22.96 -7.72 -10.75
CA TRP A 88 -24.42 -7.59 -10.67
C TRP A 88 -24.79 -6.11 -10.51
N PRO A 89 -24.74 -5.35 -11.61
CA PRO A 89 -24.97 -3.93 -11.59
C PRO A 89 -26.46 -3.60 -11.57
N GLY A 1 1.02 9.52 7.04
CA GLY A 1 1.12 9.46 5.58
C GLY A 1 -0.24 9.57 4.96
N PRO A 2 -0.41 10.33 3.88
CA PRO A 2 -1.69 10.39 3.19
C PRO A 2 -1.86 9.15 2.31
N HIS A 3 -3.07 8.90 1.88
CA HIS A 3 -3.33 7.76 1.02
C HIS A 3 -2.87 8.05 -0.37
N MET A 4 -1.70 7.57 -0.71
CA MET A 4 -1.14 7.73 -2.05
C MET A 4 -1.74 6.68 -2.99
N GLY A 5 -3.06 6.63 -2.98
CA GLY A 5 -3.79 5.67 -3.73
C GLY A 5 -4.65 6.32 -4.77
N LYS A 6 -4.47 7.62 -4.96
CA LYS A 6 -5.21 8.31 -6.01
C LYS A 6 -4.46 8.19 -7.31
N HIS A 7 -3.34 7.51 -7.24
CA HIS A 7 -2.55 7.19 -8.38
C HIS A 7 -3.14 5.92 -8.98
N GLY A 8 -4.04 6.12 -9.86
CA GLY A 8 -4.78 5.04 -10.45
C GLY A 8 -4.51 4.92 -11.91
N ARG A 9 -3.23 5.01 -12.27
CA ARG A 9 -2.79 4.86 -13.65
C ARG A 9 -3.16 3.47 -14.15
N ASP A 10 -3.18 2.53 -13.19
CA ASP A 10 -3.56 1.12 -13.37
C ASP A 10 -2.47 0.33 -14.11
N ASP A 11 -1.29 0.88 -14.05
CA ASP A 11 -0.09 0.33 -14.71
C ASP A 11 0.82 -0.26 -13.69
N TYR A 12 0.37 -0.22 -12.50
CA TYR A 12 1.14 -0.63 -11.35
C TYR A 12 1.32 -2.13 -11.29
N ASP A 13 2.34 -2.52 -10.63
CA ASP A 13 2.67 -3.92 -10.51
C ASP A 13 2.43 -4.36 -9.10
N CYS A 14 2.83 -3.54 -8.18
CA CYS A 14 2.76 -3.89 -6.80
C CYS A 14 1.88 -2.91 -6.03
N THR A 15 1.46 -3.33 -4.88
CA THR A 15 0.68 -2.54 -3.98
C THR A 15 1.09 -2.87 -2.55
N VAL A 16 1.41 -1.86 -1.80
CA VAL A 16 1.77 -2.07 -0.43
C VAL A 16 0.85 -1.23 0.42
N ILE A 17 0.32 -1.83 1.44
CA ILE A 17 -0.66 -1.18 2.28
C ILE A 17 -0.11 -1.05 3.70
N PHE A 18 -0.15 0.13 4.22
CA PHE A 18 0.33 0.39 5.56
C PHE A 18 -0.85 0.54 6.49
N ARG A 19 -0.97 -0.35 7.40
CA ARG A 19 -2.06 -0.31 8.31
C ARG A 19 -1.55 0.15 9.66
N ASN A 20 -2.04 1.27 10.12
CA ASN A 20 -1.60 1.84 11.37
C ASN A 20 -2.17 1.00 12.49
N ASN A 21 -1.31 0.42 13.28
CA ASN A 21 -1.74 -0.45 14.35
C ASN A 21 -2.14 0.37 15.54
N HIS A 22 -1.41 1.45 15.75
CA HIS A 22 -1.68 2.35 16.86
C HIS A 22 -2.88 3.23 16.59
N ALA A 23 -3.23 3.43 15.34
CA ALA A 23 -4.37 4.22 15.04
C ALA A 23 -5.47 3.37 14.44
N PRO A 24 -6.49 3.01 15.23
CA PRO A 24 -7.61 2.22 14.73
C PRO A 24 -8.57 3.08 13.90
N GLU A 25 -8.48 4.39 14.06
CA GLU A 25 -9.36 5.32 13.35
C GLU A 25 -8.77 5.66 12.00
N ARG A 26 -7.58 5.21 11.80
CA ARG A 26 -6.90 5.35 10.55
C ARG A 26 -7.14 4.17 9.64
N GLN A 27 -7.41 4.50 8.41
CA GLN A 27 -7.61 3.55 7.37
C GLN A 27 -6.24 3.11 6.88
N PRO A 28 -6.12 1.91 6.30
CA PRO A 28 -4.86 1.44 5.75
C PRO A 28 -4.43 2.27 4.53
N ILE A 29 -3.18 2.65 4.52
CA ILE A 29 -2.62 3.48 3.51
C ILE A 29 -2.19 2.62 2.35
N VAL A 30 -2.98 2.62 1.31
CA VAL A 30 -2.70 1.85 0.14
C VAL A 30 -1.85 2.66 -0.82
N VAL A 31 -0.68 2.17 -1.15
CA VAL A 31 0.17 2.82 -2.10
C VAL A 31 0.44 1.85 -3.25
N HIS A 32 0.22 2.31 -4.45
CA HIS A 32 0.39 1.48 -5.62
C HIS A 32 1.79 1.72 -6.13
N THR A 33 2.50 0.68 -6.47
CA THR A 33 3.86 0.80 -6.87
C THR A 33 4.15 -0.09 -8.09
N TYR A 34 5.36 -0.06 -8.56
CA TYR A 34 5.76 -0.87 -9.68
C TYR A 34 6.78 -1.90 -9.18
N TYR A 35 7.19 -2.83 -10.03
CA TYR A 35 8.19 -3.82 -9.64
C TYR A 35 9.49 -3.15 -9.25
N SER A 36 9.90 -3.41 -8.03
CA SER A 36 11.12 -2.93 -7.43
C SER A 36 11.34 -1.41 -7.62
N ARG A 37 10.72 -0.68 -6.76
CA ARG A 37 10.79 0.76 -6.71
C ARG A 37 11.09 1.13 -5.27
N ASP A 38 11.19 2.37 -4.99
CA ASP A 38 11.32 2.81 -3.63
C ASP A 38 9.96 3.21 -3.17
N LEU A 39 9.72 3.11 -1.90
CA LEU A 39 8.44 3.40 -1.36
C LEU A 39 8.58 4.32 -0.17
N PRO A 40 8.43 5.63 -0.39
CA PRO A 40 8.44 6.59 0.67
C PRO A 40 7.07 6.70 1.35
N ILE A 41 7.03 6.35 2.59
CA ILE A 41 5.82 6.41 3.37
C ILE A 41 6.12 7.23 4.62
N GLU A 42 5.32 8.17 4.92
CA GLU A 42 5.56 8.96 6.10
C GLU A 42 4.78 8.42 7.27
N LEU A 43 5.47 7.80 8.18
CA LEU A 43 4.88 7.30 9.38
C LEU A 43 5.27 8.15 10.52
N ASP A 44 4.30 8.60 11.27
CA ASP A 44 4.49 9.48 12.46
C ASP A 44 5.18 10.82 12.06
N GLY A 45 5.13 11.11 10.78
CA GLY A 45 5.81 12.29 10.26
C GLY A 45 7.24 12.01 9.83
N VAL A 46 7.58 10.74 9.73
CA VAL A 46 8.89 10.31 9.28
C VAL A 46 8.76 9.61 7.95
N ARG A 47 9.36 10.13 6.90
CA ARG A 47 9.33 9.48 5.63
C ARG A 47 10.29 8.30 5.64
N HIS A 48 9.76 7.13 5.51
CA HIS A 48 10.55 5.95 5.44
C HIS A 48 10.65 5.57 3.99
N THR A 49 11.84 5.54 3.46
CA THR A 49 12.04 5.17 2.09
C THR A 49 12.36 3.68 2.07
N ILE A 50 11.39 2.92 1.72
CA ILE A 50 11.49 1.50 1.75
C ILE A 50 11.89 0.99 0.41
N GLN A 51 12.73 0.00 0.39
CA GLN A 51 13.13 -0.58 -0.85
C GLN A 51 12.19 -1.72 -1.17
N LEU A 52 11.52 -1.62 -2.29
CA LEU A 52 10.69 -2.69 -2.76
C LEU A 52 11.51 -3.60 -3.62
N SER A 53 11.29 -4.85 -3.48
CA SER A 53 11.88 -5.83 -4.31
C SER A 53 10.83 -6.88 -4.63
N GLY A 54 10.26 -6.78 -5.82
CA GLY A 54 9.24 -7.73 -6.28
C GLY A 54 8.01 -7.71 -5.40
N CYS A 55 7.49 -6.51 -5.16
CA CYS A 55 6.29 -6.26 -4.33
C CYS A 55 6.55 -6.43 -2.84
N THR A 56 7.75 -6.89 -2.50
CA THR A 56 8.14 -7.09 -1.14
C THR A 56 8.99 -5.90 -0.64
N PRO A 57 8.46 -5.09 0.27
CA PRO A 57 9.20 -4.03 0.90
C PRO A 57 10.04 -4.55 2.06
N GLU A 58 11.03 -3.80 2.46
CA GLU A 58 11.87 -4.20 3.53
C GLU A 58 11.31 -3.88 4.87
N GLN A 59 11.03 -4.95 5.56
CA GLN A 59 10.50 -4.97 6.92
C GLN A 59 11.39 -4.16 7.86
N SER A 60 12.66 -4.13 7.54
CA SER A 60 13.65 -3.44 8.30
C SER A 60 13.40 -1.91 8.29
N GLN A 61 12.72 -1.42 7.26
CA GLN A 61 12.49 0.00 7.14
C GLN A 61 11.19 0.35 7.83
N ILE A 62 10.49 -0.66 8.33
CA ILE A 62 9.18 -0.43 8.90
C ILE A 62 9.27 -0.15 10.40
N PRO A 63 8.67 0.96 10.85
CA PRO A 63 8.58 1.30 12.26
C PRO A 63 7.52 0.48 12.98
N GLN A 64 7.54 0.53 14.29
CA GLN A 64 6.59 -0.19 15.06
C GLN A 64 5.28 0.56 15.18
N GLY A 65 4.23 -0.17 15.29
CA GLY A 65 2.93 0.39 15.37
C GLY A 65 2.31 0.49 14.01
N TYR A 66 2.95 -0.12 13.03
CA TYR A 66 2.50 -0.10 11.68
C TYR A 66 2.64 -1.47 11.05
N SER A 67 1.56 -1.96 10.52
CA SER A 67 1.56 -3.20 9.81
C SER A 67 1.69 -2.91 8.35
N VAL A 68 2.34 -3.77 7.66
CA VAL A 68 2.59 -3.56 6.27
C VAL A 68 2.14 -4.76 5.49
N GLU A 69 1.21 -4.53 4.64
CA GLU A 69 0.63 -5.52 3.80
C GLU A 69 1.20 -5.46 2.44
N HIS A 70 1.57 -6.60 1.97
CA HIS A 70 2.31 -6.70 0.70
C HIS A 70 1.47 -7.43 -0.29
N MET A 71 1.31 -6.86 -1.46
CA MET A 71 0.56 -7.49 -2.51
C MET A 71 0.90 -6.90 -3.84
N THR A 72 0.36 -7.49 -4.85
CA THR A 72 0.50 -6.97 -6.15
C THR A 72 -0.63 -6.02 -6.39
N TYR A 73 -0.47 -5.17 -7.36
CA TYR A 73 -1.47 -4.23 -7.73
C TYR A 73 -2.73 -4.96 -8.14
N LYS A 74 -2.57 -6.07 -8.81
CA LYS A 74 -3.71 -6.83 -9.26
C LYS A 74 -4.41 -7.56 -8.13
N ASN A 75 -3.66 -8.02 -7.13
CA ASN A 75 -4.29 -8.60 -5.93
C ASN A 75 -5.02 -7.53 -5.17
N TYR A 76 -4.44 -6.34 -5.14
CA TYR A 76 -5.10 -5.19 -4.56
C TYR A 76 -6.40 -4.89 -5.31
N LEU A 77 -6.33 -4.91 -6.62
CA LEU A 77 -7.49 -4.64 -7.44
C LEU A 77 -8.57 -5.66 -7.15
N ARG A 78 -8.14 -6.87 -6.93
CA ARG A 78 -8.99 -7.94 -6.53
C ARG A 78 -9.64 -7.61 -5.19
N GLN A 79 -8.85 -7.08 -4.25
CA GLN A 79 -9.32 -6.72 -2.92
C GLN A 79 -10.44 -5.71 -3.01
N GLU A 80 -10.20 -4.62 -3.72
CA GLU A 80 -11.20 -3.56 -3.85
C GLU A 80 -12.40 -4.06 -4.63
N ILE A 81 -12.19 -4.94 -5.60
CA ILE A 81 -13.28 -5.52 -6.35
C ILE A 81 -14.14 -6.35 -5.42
N LEU A 82 -13.49 -7.03 -4.51
CA LEU A 82 -14.20 -7.88 -3.56
C LEU A 82 -14.88 -7.06 -2.48
N ASN A 83 -14.33 -5.90 -2.19
CA ASN A 83 -14.88 -5.05 -1.12
C ASN A 83 -15.98 -4.13 -1.65
N GLU A 84 -15.78 -3.58 -2.82
CA GLU A 84 -16.70 -2.61 -3.39
C GLU A 84 -17.71 -3.34 -4.27
N ARG A 85 -17.21 -4.31 -5.01
CA ARG A 85 -17.98 -5.13 -5.95
C ARG A 85 -18.48 -4.29 -7.13
N PRO A 86 -17.57 -3.80 -8.00
CA PRO A 86 -17.94 -2.97 -9.16
C PRO A 86 -18.52 -3.80 -10.28
N PHE A 87 -18.21 -5.08 -10.27
CA PHE A 87 -18.66 -5.97 -11.29
C PHE A 87 -19.91 -6.67 -10.85
N TRP A 88 -20.87 -6.67 -11.75
CA TRP A 88 -22.21 -7.22 -11.56
C TRP A 88 -22.93 -6.66 -10.31
N PRO A 89 -23.26 -5.36 -10.30
CA PRO A 89 -24.00 -4.74 -9.24
C PRO A 89 -25.47 -4.57 -9.63
N GLY A 1 -2.23 12.45 1.30
CA GLY A 1 -3.51 13.03 1.71
C GLY A 1 -4.46 11.94 2.13
N PRO A 2 -5.69 12.29 2.58
CA PRO A 2 -6.68 11.31 3.06
C PRO A 2 -7.19 10.37 1.96
N HIS A 3 -7.12 10.81 0.73
CA HIS A 3 -7.52 9.99 -0.38
C HIS A 3 -6.29 9.42 -1.01
N MET A 4 -6.18 8.14 -0.99
CA MET A 4 -4.99 7.48 -1.42
C MET A 4 -5.34 6.28 -2.25
N GLY A 5 -4.52 6.01 -3.23
CA GLY A 5 -4.81 4.98 -4.17
C GLY A 5 -5.67 5.53 -5.25
N LYS A 6 -5.45 6.80 -5.56
CA LYS A 6 -6.24 7.53 -6.54
C LYS A 6 -5.74 7.30 -7.93
N HIS A 7 -4.50 6.96 -7.99
CA HIS A 7 -3.83 6.73 -9.25
C HIS A 7 -4.07 5.32 -9.71
N GLY A 8 -4.99 5.20 -10.62
CA GLY A 8 -5.39 3.93 -11.14
C GLY A 8 -5.06 3.82 -12.60
N ARG A 9 -3.78 4.02 -12.90
CA ARG A 9 -3.27 3.97 -14.27
C ARG A 9 -3.29 2.54 -14.82
N ASP A 10 -3.40 1.59 -13.89
CA ASP A 10 -3.38 0.15 -14.17
C ASP A 10 -1.98 -0.30 -14.64
N ASP A 11 -1.01 0.58 -14.42
CA ASP A 11 0.35 0.42 -14.92
C ASP A 11 1.25 -0.13 -13.85
N TYR A 12 0.82 0.07 -12.63
CA TYR A 12 1.58 -0.36 -11.47
C TYR A 12 1.64 -1.87 -11.40
N ASP A 13 2.56 -2.36 -10.65
CA ASP A 13 2.74 -3.80 -10.54
C ASP A 13 2.47 -4.23 -9.12
N CYS A 14 2.87 -3.42 -8.19
CA CYS A 14 2.78 -3.75 -6.80
C CYS A 14 1.91 -2.79 -6.04
N THR A 15 1.48 -3.23 -4.92
CA THR A 15 0.70 -2.45 -4.01
C THR A 15 1.07 -2.82 -2.59
N VAL A 16 1.42 -1.86 -1.82
CA VAL A 16 1.78 -2.11 -0.46
C VAL A 16 0.88 -1.27 0.41
N ILE A 17 0.29 -1.88 1.41
CA ILE A 17 -0.65 -1.22 2.26
C ILE A 17 -0.10 -1.13 3.68
N PHE A 18 -0.17 0.03 4.27
CA PHE A 18 0.31 0.23 5.61
C PHE A 18 -0.85 0.45 6.57
N ARG A 19 -0.95 -0.38 7.57
CA ARG A 19 -2.01 -0.26 8.54
C ARG A 19 -1.41 0.16 9.87
N ASN A 20 -1.83 1.30 10.39
CA ASN A 20 -1.33 1.77 11.65
C ASN A 20 -1.94 0.91 12.74
N ASN A 21 -1.10 0.21 13.45
CA ASN A 21 -1.58 -0.69 14.48
C ASN A 21 -1.91 0.05 15.75
N HIS A 22 -1.20 1.12 15.98
CA HIS A 22 -1.44 1.93 17.17
C HIS A 22 -2.55 2.94 16.95
N ALA A 23 -2.81 3.28 15.70
CA ALA A 23 -3.90 4.18 15.40
C ALA A 23 -4.98 3.44 14.65
N PRO A 24 -6.07 3.06 15.33
CA PRO A 24 -7.15 2.28 14.71
C PRO A 24 -7.97 3.12 13.73
N GLU A 25 -7.94 4.42 13.93
CA GLU A 25 -8.66 5.37 13.12
C GLU A 25 -7.95 5.60 11.82
N ARG A 26 -6.63 5.45 11.87
CA ARG A 26 -5.84 5.55 10.67
C ARG A 26 -6.12 4.41 9.74
N GLN A 27 -6.64 4.78 8.62
CA GLN A 27 -7.02 3.89 7.57
C GLN A 27 -5.80 3.39 6.84
N PRO A 28 -5.87 2.18 6.26
CA PRO A 28 -4.76 1.57 5.53
C PRO A 28 -4.27 2.45 4.42
N ILE A 29 -2.99 2.66 4.40
CA ILE A 29 -2.37 3.48 3.45
C ILE A 29 -1.99 2.63 2.27
N VAL A 30 -2.73 2.76 1.21
CA VAL A 30 -2.50 1.99 0.03
C VAL A 30 -1.64 2.77 -0.95
N VAL A 31 -0.46 2.29 -1.19
CA VAL A 31 0.42 2.93 -2.14
C VAL A 31 0.68 1.96 -3.29
N HIS A 32 0.41 2.40 -4.48
CA HIS A 32 0.60 1.59 -5.65
C HIS A 32 2.01 1.83 -6.15
N THR A 33 2.69 0.80 -6.49
CA THR A 33 4.06 0.89 -6.91
C THR A 33 4.31 -0.05 -8.11
N TYR A 34 5.51 -0.07 -8.61
CA TYR A 34 5.85 -0.97 -9.70
C TYR A 34 6.83 -2.02 -9.16
N TYR A 35 7.17 -3.04 -9.96
CA TYR A 35 8.14 -4.05 -9.50
C TYR A 35 9.49 -3.46 -9.17
N SER A 36 9.86 -3.65 -7.93
CA SER A 36 11.14 -3.26 -7.38
C SER A 36 11.43 -1.76 -7.55
N ARG A 37 10.78 -0.98 -6.73
CA ARG A 37 10.91 0.45 -6.70
C ARG A 37 11.23 0.82 -5.28
N ASP A 38 11.33 2.07 -5.00
CA ASP A 38 11.48 2.53 -3.66
C ASP A 38 10.10 2.92 -3.20
N LEU A 39 9.83 2.78 -1.94
CA LEU A 39 8.55 3.08 -1.43
C LEU A 39 8.67 4.05 -0.27
N PRO A 40 8.46 5.32 -0.55
CA PRO A 40 8.43 6.33 0.47
C PRO A 40 7.05 6.37 1.15
N ILE A 41 7.04 6.09 2.40
CA ILE A 41 5.83 6.11 3.19
C ILE A 41 6.06 6.99 4.39
N GLU A 42 5.16 7.86 4.68
CA GLU A 42 5.34 8.76 5.77
C GLU A 42 4.52 8.32 6.95
N LEU A 43 5.16 7.72 7.91
CA LEU A 43 4.51 7.28 9.10
C LEU A 43 4.85 8.19 10.21
N ASP A 44 3.82 8.67 10.87
CA ASP A 44 3.94 9.68 11.97
C ASP A 44 4.59 10.98 11.43
N GLY A 45 4.56 11.13 10.12
CA GLY A 45 5.18 12.26 9.47
C GLY A 45 6.61 11.97 9.00
N VAL A 46 7.06 10.77 9.25
CA VAL A 46 8.43 10.38 8.92
C VAL A 46 8.41 9.56 7.66
N ARG A 47 9.05 10.04 6.63
CA ARG A 47 9.11 9.34 5.40
C ARG A 47 10.14 8.24 5.46
N HIS A 48 9.68 7.02 5.36
CA HIS A 48 10.52 5.87 5.33
C HIS A 48 10.63 5.46 3.89
N THR A 49 11.81 5.43 3.37
CA THR A 49 12.02 5.02 2.00
C THR A 49 12.41 3.56 2.01
N ILE A 50 11.51 2.74 1.61
CA ILE A 50 11.66 1.32 1.68
C ILE A 50 12.08 0.77 0.32
N GLN A 51 12.86 -0.27 0.33
CA GLN A 51 13.25 -0.91 -0.90
C GLN A 51 12.27 -2.05 -1.21
N LEU A 52 11.57 -1.92 -2.30
CA LEU A 52 10.69 -2.96 -2.77
C LEU A 52 11.45 -3.89 -3.65
N SER A 53 11.31 -5.12 -3.42
CA SER A 53 11.87 -6.12 -4.24
C SER A 53 10.76 -7.09 -4.60
N GLY A 54 10.22 -6.94 -5.81
CA GLY A 54 9.14 -7.81 -6.27
C GLY A 54 7.91 -7.77 -5.36
N CYS A 55 7.44 -6.55 -5.06
CA CYS A 55 6.26 -6.27 -4.20
C CYS A 55 6.58 -6.46 -2.70
N THR A 56 7.75 -6.99 -2.40
CA THR A 56 8.15 -7.20 -1.03
C THR A 56 9.06 -6.04 -0.56
N PRO A 57 8.60 -5.24 0.39
CA PRO A 57 9.40 -4.19 0.99
C PRO A 57 10.31 -4.73 2.08
N GLU A 58 11.19 -3.89 2.55
CA GLU A 58 12.09 -4.21 3.61
C GLU A 58 11.44 -3.98 4.95
N GLN A 59 11.29 -5.05 5.67
CA GLN A 59 10.72 -5.08 6.99
C GLN A 59 11.52 -4.17 7.92
N SER A 60 12.79 -4.07 7.64
CA SER A 60 13.70 -3.31 8.41
C SER A 60 13.40 -1.81 8.37
N GLN A 61 12.73 -1.36 7.30
CA GLN A 61 12.41 0.05 7.17
C GLN A 61 11.11 0.34 7.85
N ILE A 62 10.41 -0.70 8.26
CA ILE A 62 9.10 -0.52 8.83
C ILE A 62 9.19 -0.11 10.28
N PRO A 63 8.50 0.98 10.66
CA PRO A 63 8.46 1.43 12.04
C PRO A 63 7.64 0.51 12.93
N GLN A 64 7.77 0.71 14.21
CA GLN A 64 7.04 -0.05 15.18
C GLN A 64 5.60 0.44 15.23
N GLY A 65 4.67 -0.46 15.42
CA GLY A 65 3.28 -0.07 15.51
C GLY A 65 2.60 0.02 14.17
N TYR A 66 3.20 -0.56 13.16
CA TYR A 66 2.67 -0.51 11.81
C TYR A 66 2.71 -1.87 11.14
N SER A 67 1.58 -2.26 10.59
CA SER A 67 1.47 -3.49 9.82
C SER A 67 1.59 -3.15 8.38
N VAL A 68 2.24 -4.00 7.67
CA VAL A 68 2.44 -3.79 6.26
C VAL A 68 1.88 -4.98 5.50
N GLU A 69 1.07 -4.71 4.53
CA GLU A 69 0.42 -5.72 3.74
C GLU A 69 1.03 -5.67 2.35
N HIS A 70 1.54 -6.79 1.88
CA HIS A 70 2.26 -6.79 0.61
C HIS A 70 1.42 -7.49 -0.42
N MET A 71 1.23 -6.86 -1.54
CA MET A 71 0.45 -7.45 -2.58
C MET A 71 0.80 -6.84 -3.91
N THR A 72 0.24 -7.35 -4.93
CA THR A 72 0.44 -6.81 -6.21
C THR A 72 -0.67 -5.84 -6.47
N TYR A 73 -0.48 -5.01 -7.43
CA TYR A 73 -1.47 -4.06 -7.81
C TYR A 73 -2.72 -4.75 -8.30
N LYS A 74 -2.52 -5.82 -9.05
CA LYS A 74 -3.62 -6.63 -9.55
C LYS A 74 -4.39 -7.28 -8.39
N ASN A 75 -3.67 -7.78 -7.38
CA ASN A 75 -4.32 -8.36 -6.18
C ASN A 75 -5.10 -7.32 -5.45
N TYR A 76 -4.50 -6.17 -5.22
CA TYR A 76 -5.17 -5.07 -4.55
C TYR A 76 -6.48 -4.70 -5.24
N LEU A 77 -6.41 -4.55 -6.55
CA LEU A 77 -7.59 -4.19 -7.34
C LEU A 77 -8.64 -5.26 -7.18
N ARG A 78 -8.18 -6.48 -7.22
CA ARG A 78 -9.00 -7.65 -7.03
C ARG A 78 -9.68 -7.61 -5.65
N GLN A 79 -8.93 -7.20 -4.64
CA GLN A 79 -9.40 -7.15 -3.27
C GLN A 79 -10.45 -6.07 -3.13
N GLU A 80 -10.19 -4.90 -3.65
CA GLU A 80 -11.16 -3.82 -3.55
C GLU A 80 -12.37 -4.09 -4.41
N ILE A 81 -12.18 -4.81 -5.53
CA ILE A 81 -13.28 -5.17 -6.38
C ILE A 81 -14.16 -6.15 -5.63
N LEU A 82 -13.55 -6.98 -4.81
CA LEU A 82 -14.31 -7.91 -4.00
C LEU A 82 -14.98 -7.24 -2.80
N ASN A 83 -14.34 -6.23 -2.25
CA ASN A 83 -14.92 -5.53 -1.09
C ASN A 83 -16.00 -4.54 -1.51
N GLU A 84 -15.87 -4.02 -2.69
CA GLU A 84 -16.85 -3.08 -3.24
C GLU A 84 -17.93 -3.82 -4.01
N ARG A 85 -17.49 -4.51 -5.06
CA ARG A 85 -18.36 -5.11 -6.05
C ARG A 85 -19.32 -4.10 -6.67
N PRO A 86 -18.77 -3.19 -7.52
CA PRO A 86 -19.54 -2.09 -8.13
C PRO A 86 -20.31 -2.56 -9.35
N PHE A 87 -20.09 -3.78 -9.69
CA PHE A 87 -20.77 -4.42 -10.76
C PHE A 87 -22.00 -5.11 -10.23
N TRP A 88 -23.11 -4.84 -10.82
CA TRP A 88 -24.34 -5.41 -10.39
C TRP A 88 -24.86 -6.31 -11.49
N PRO A 89 -24.83 -7.63 -11.28
CA PRO A 89 -25.34 -8.57 -12.26
C PRO A 89 -26.86 -8.56 -12.27
N GLY A 1 4.85 12.70 0.73
CA GLY A 1 4.89 12.99 -0.70
C GLY A 1 3.55 13.47 -1.18
N PRO A 2 3.40 14.77 -1.45
CA PRO A 2 2.11 15.33 -1.85
C PRO A 2 1.74 15.07 -3.32
N HIS A 3 2.73 14.93 -4.17
CA HIS A 3 2.46 14.75 -5.60
C HIS A 3 2.44 13.30 -6.00
N MET A 4 3.02 12.46 -5.19
CA MET A 4 2.91 11.05 -5.41
C MET A 4 1.68 10.56 -4.68
N GLY A 5 0.74 10.03 -5.41
CA GLY A 5 -0.42 9.56 -4.79
C GLY A 5 -0.83 8.26 -5.35
N LYS A 6 -2.10 8.11 -5.49
CA LYS A 6 -2.70 6.90 -5.93
C LYS A 6 -3.66 7.29 -7.01
N HIS A 7 -3.22 7.21 -8.20
CA HIS A 7 -4.03 7.63 -9.31
C HIS A 7 -4.71 6.43 -9.93
N GLY A 8 -5.38 6.62 -11.03
CA GLY A 8 -6.09 5.53 -11.67
C GLY A 8 -5.43 5.17 -12.96
N ARG A 9 -4.14 4.97 -12.89
CA ARG A 9 -3.34 4.67 -14.06
C ARG A 9 -3.53 3.22 -14.45
N ASP A 10 -3.77 2.39 -13.43
CA ASP A 10 -4.03 0.93 -13.56
C ASP A 10 -2.79 0.22 -14.14
N ASP A 11 -1.66 0.90 -14.01
CA ASP A 11 -0.39 0.45 -14.60
C ASP A 11 0.51 -0.14 -13.56
N TYR A 12 0.14 0.10 -12.33
CA TYR A 12 0.91 -0.32 -11.18
C TYR A 12 1.11 -1.83 -11.15
N ASP A 13 2.14 -2.24 -10.49
CA ASP A 13 2.51 -3.63 -10.43
C ASP A 13 2.28 -4.15 -9.04
N CYS A 14 2.63 -3.37 -8.07
CA CYS A 14 2.56 -3.78 -6.70
C CYS A 14 1.65 -2.87 -5.90
N THR A 15 1.25 -3.34 -4.75
CA THR A 15 0.44 -2.61 -3.83
C THR A 15 0.86 -2.95 -2.39
N VAL A 16 1.13 -1.94 -1.60
CA VAL A 16 1.52 -2.15 -0.22
C VAL A 16 0.65 -1.25 0.66
N ILE A 17 0.08 -1.81 1.71
CA ILE A 17 -0.81 -1.07 2.56
C ILE A 17 -0.17 -0.86 3.91
N PHE A 18 -0.15 0.36 4.39
CA PHE A 18 0.42 0.66 5.67
C PHE A 18 -0.67 0.90 6.67
N ARG A 19 -0.73 0.06 7.65
CA ARG A 19 -1.72 0.15 8.66
C ARG A 19 -1.07 0.61 9.94
N ASN A 20 -1.50 1.72 10.44
CA ASN A 20 -0.99 2.23 11.67
C ASN A 20 -1.60 1.40 12.77
N ASN A 21 -0.79 0.69 13.51
CA ASN A 21 -1.34 -0.16 14.55
C ASN A 21 -1.69 0.63 15.76
N HIS A 22 -0.93 1.68 16.04
CA HIS A 22 -1.26 2.50 17.20
C HIS A 22 -2.43 3.42 16.90
N ALA A 23 -2.65 3.72 15.64
CA ALA A 23 -3.75 4.55 15.27
C ALA A 23 -4.77 3.79 14.44
N PRO A 24 -5.87 3.33 15.03
CA PRO A 24 -6.92 2.63 14.29
C PRO A 24 -7.80 3.61 13.51
N GLU A 25 -7.71 4.88 13.90
CA GLU A 25 -8.49 5.94 13.27
C GLU A 25 -7.85 6.38 11.98
N ARG A 26 -6.55 6.19 11.91
CA ARG A 26 -5.84 6.49 10.70
C ARG A 26 -6.20 5.49 9.65
N GLN A 27 -6.42 5.98 8.47
CA GLN A 27 -6.79 5.16 7.34
C GLN A 27 -5.57 4.35 6.93
N PRO A 28 -5.74 3.08 6.54
CA PRO A 28 -4.64 2.31 6.00
C PRO A 28 -4.18 2.93 4.71
N ILE A 29 -2.91 3.13 4.60
CA ILE A 29 -2.36 3.80 3.48
C ILE A 29 -2.07 2.79 2.40
N VAL A 30 -2.93 2.73 1.42
CA VAL A 30 -2.75 1.83 0.33
C VAL A 30 -1.94 2.52 -0.74
N VAL A 31 -0.72 2.13 -0.89
CA VAL A 31 0.11 2.73 -1.88
C VAL A 31 0.32 1.76 -3.01
N HIS A 32 -0.07 2.17 -4.18
CA HIS A 32 0.10 1.38 -5.35
C HIS A 32 1.48 1.71 -5.86
N THR A 33 2.22 0.71 -6.22
CA THR A 33 3.57 0.90 -6.63
C THR A 33 3.88 0.07 -7.89
N TYR A 34 5.09 0.16 -8.38
CA TYR A 34 5.51 -0.62 -9.52
C TYR A 34 6.57 -1.63 -9.07
N TYR A 35 6.99 -2.53 -9.98
CA TYR A 35 8.02 -3.54 -9.66
C TYR A 35 9.32 -2.92 -9.21
N SER A 36 9.72 -3.32 -8.01
CA SER A 36 10.97 -2.94 -7.37
C SER A 36 11.27 -1.45 -7.46
N ARG A 37 10.57 -0.71 -6.67
CA ARG A 37 10.67 0.69 -6.60
C ARG A 37 11.08 1.04 -5.20
N ASP A 38 11.35 2.26 -4.98
CA ASP A 38 11.57 2.72 -3.66
C ASP A 38 10.25 3.26 -3.22
N LEU A 39 9.91 3.05 -2.00
CA LEU A 39 8.64 3.43 -1.50
C LEU A 39 8.80 4.30 -0.28
N PRO A 40 8.78 5.61 -0.47
CA PRO A 40 8.78 6.55 0.62
C PRO A 40 7.38 6.72 1.20
N ILE A 41 7.24 6.34 2.43
CA ILE A 41 5.99 6.42 3.13
C ILE A 41 6.21 7.21 4.41
N GLU A 42 5.34 8.10 4.75
CA GLU A 42 5.51 8.83 5.97
C GLU A 42 4.63 8.27 7.07
N LEU A 43 5.27 7.66 8.03
CA LEU A 43 4.60 7.10 9.19
C LEU A 43 4.84 8.02 10.34
N ASP A 44 3.75 8.64 10.80
CA ASP A 44 3.78 9.71 11.83
C ASP A 44 4.53 10.94 11.28
N GLY A 45 4.64 10.97 9.97
CA GLY A 45 5.33 12.06 9.30
C GLY A 45 6.76 11.70 8.99
N VAL A 46 7.20 10.54 9.42
CA VAL A 46 8.55 10.11 9.18
C VAL A 46 8.60 9.36 7.87
N ARG A 47 9.27 9.93 6.90
CA ARG A 47 9.44 9.31 5.62
C ARG A 47 10.34 8.09 5.75
N HIS A 48 9.83 6.97 5.39
CA HIS A 48 10.62 5.78 5.34
C HIS A 48 10.71 5.41 3.89
N THR A 49 11.91 5.38 3.35
CA THR A 49 12.08 4.97 1.98
C THR A 49 12.41 3.50 1.98
N ILE A 50 11.43 2.73 1.64
CA ILE A 50 11.53 1.31 1.68
C ILE A 50 11.91 0.77 0.33
N GLN A 51 12.73 -0.22 0.31
CA GLN A 51 13.10 -0.86 -0.91
C GLN A 51 12.07 -1.93 -1.22
N LEU A 52 11.38 -1.77 -2.31
CA LEU A 52 10.50 -2.81 -2.78
C LEU A 52 11.26 -3.72 -3.67
N SER A 53 11.09 -4.96 -3.47
CA SER A 53 11.64 -5.94 -4.32
C SER A 53 10.52 -6.90 -4.69
N GLY A 54 9.99 -6.75 -5.89
CA GLY A 54 8.91 -7.60 -6.37
C GLY A 54 7.71 -7.59 -5.44
N CYS A 55 7.24 -6.39 -5.15
CA CYS A 55 6.07 -6.15 -4.29
C CYS A 55 6.36 -6.40 -2.80
N THR A 56 7.55 -6.88 -2.50
CA THR A 56 7.95 -7.17 -1.16
C THR A 56 8.88 -6.05 -0.64
N PRO A 57 8.41 -5.25 0.33
CA PRO A 57 9.20 -4.20 0.94
C PRO A 57 10.03 -4.72 2.11
N GLU A 58 10.99 -3.92 2.53
CA GLU A 58 11.84 -4.26 3.63
C GLU A 58 11.22 -3.88 4.95
N GLN A 59 10.93 -4.89 5.75
CA GLN A 59 10.34 -4.70 7.07
C GLN A 59 11.32 -3.95 7.97
N SER A 60 12.58 -4.03 7.60
CA SER A 60 13.63 -3.36 8.35
C SER A 60 13.47 -1.83 8.28
N GLN A 61 12.78 -1.33 7.24
CA GLN A 61 12.59 0.09 7.12
C GLN A 61 11.35 0.53 7.89
N ILE A 62 10.60 -0.44 8.32
CA ILE A 62 9.32 -0.20 8.93
C ILE A 62 9.47 -0.01 10.43
N PRO A 63 8.92 1.08 10.97
CA PRO A 63 8.93 1.35 12.39
C PRO A 63 8.02 0.39 13.16
N GLN A 64 8.16 0.39 14.46
CA GLN A 64 7.39 -0.45 15.34
C GLN A 64 6.01 0.15 15.56
N GLY A 65 5.01 -0.69 15.53
CA GLY A 65 3.65 -0.24 15.74
C GLY A 65 2.94 -0.01 14.45
N TYR A 66 3.48 -0.57 13.38
CA TYR A 66 2.93 -0.39 12.05
C TYR A 66 2.89 -1.70 11.31
N SER A 67 1.77 -1.98 10.72
CA SER A 67 1.57 -3.17 9.95
C SER A 67 1.65 -2.89 8.48
N VAL A 68 2.42 -3.67 7.82
CA VAL A 68 2.60 -3.51 6.40
C VAL A 68 2.04 -4.73 5.66
N GLU A 69 1.13 -4.45 4.77
CA GLU A 69 0.47 -5.47 3.99
C GLU A 69 1.05 -5.49 2.59
N HIS A 70 1.42 -6.65 2.11
CA HIS A 70 2.09 -6.74 0.81
C HIS A 70 1.19 -7.46 -0.15
N MET A 71 1.12 -6.96 -1.37
CA MET A 71 0.38 -7.60 -2.42
C MET A 71 0.76 -6.98 -3.76
N THR A 72 0.24 -7.54 -4.78
CA THR A 72 0.44 -7.00 -6.08
C THR A 72 -0.73 -6.10 -6.36
N TYR A 73 -0.58 -5.24 -7.33
CA TYR A 73 -1.64 -4.37 -7.75
C TYR A 73 -2.79 -5.23 -8.27
N LYS A 74 -2.44 -6.34 -8.90
CA LYS A 74 -3.41 -7.31 -9.41
C LYS A 74 -4.27 -7.87 -8.27
N ASN A 75 -3.62 -8.25 -7.16
CA ASN A 75 -4.34 -8.77 -6.00
C ASN A 75 -5.15 -7.70 -5.33
N TYR A 76 -4.59 -6.52 -5.22
CA TYR A 76 -5.31 -5.39 -4.68
C TYR A 76 -6.62 -5.17 -5.46
N LEU A 77 -6.50 -5.18 -6.77
CA LEU A 77 -7.62 -4.97 -7.65
C LEU A 77 -8.65 -6.05 -7.47
N ARG A 78 -8.21 -7.29 -7.45
CA ARG A 78 -9.13 -8.40 -7.32
C ARG A 78 -9.83 -8.34 -5.96
N GLN A 79 -9.16 -7.79 -4.95
CA GLN A 79 -9.75 -7.68 -3.64
C GLN A 79 -10.84 -6.65 -3.64
N GLU A 80 -10.55 -5.48 -4.17
CA GLU A 80 -11.53 -4.42 -4.17
C GLU A 80 -12.68 -4.77 -5.11
N ILE A 81 -12.39 -5.31 -6.26
CA ILE A 81 -13.42 -5.65 -7.22
C ILE A 81 -14.29 -6.76 -6.68
N LEU A 82 -13.69 -7.74 -6.05
CA LEU A 82 -14.46 -8.85 -5.51
C LEU A 82 -15.20 -8.47 -4.26
N ASN A 83 -14.68 -7.54 -3.49
CA ASN A 83 -15.36 -7.10 -2.28
C ASN A 83 -16.44 -6.10 -2.60
N GLU A 84 -16.11 -5.12 -3.41
CA GLU A 84 -17.02 -4.02 -3.71
C GLU A 84 -18.01 -4.42 -4.78
N ARG A 85 -17.45 -4.95 -5.86
CA ARG A 85 -18.17 -5.24 -7.10
C ARG A 85 -18.85 -3.98 -7.61
N PRO A 86 -18.09 -3.11 -8.31
CA PRO A 86 -18.63 -1.86 -8.86
C PRO A 86 -19.68 -2.17 -9.92
N PHE A 87 -19.44 -3.21 -10.63
CA PHE A 87 -20.31 -3.67 -11.64
C PHE A 87 -20.98 -4.92 -11.17
N TRP A 88 -22.26 -4.96 -11.29
CA TRP A 88 -23.03 -6.11 -10.91
C TRP A 88 -23.63 -6.69 -12.17
N PRO A 89 -23.13 -7.83 -12.63
CA PRO A 89 -23.69 -8.53 -13.78
C PRO A 89 -25.10 -9.03 -13.45
N GLY A 1 -6.44 2.87 -3.24
CA GLY A 1 -6.78 2.99 -1.82
C GLY A 1 -8.11 3.68 -1.65
N PRO A 2 -8.78 3.57 -0.47
CA PRO A 2 -10.12 4.16 -0.23
C PRO A 2 -10.22 5.64 -0.65
N HIS A 3 -9.40 6.47 -0.05
CA HIS A 3 -9.31 7.90 -0.38
C HIS A 3 -8.02 8.16 -1.11
N MET A 4 -7.50 7.11 -1.69
CA MET A 4 -6.25 7.14 -2.41
C MET A 4 -6.47 6.40 -3.72
N GLY A 5 -7.60 6.68 -4.32
CA GLY A 5 -7.96 6.07 -5.58
C GLY A 5 -8.24 7.10 -6.63
N LYS A 6 -7.98 8.34 -6.28
CA LYS A 6 -8.17 9.45 -7.20
C LYS A 6 -6.89 9.69 -7.96
N HIS A 7 -5.86 9.19 -7.38
CA HIS A 7 -4.56 9.11 -7.98
C HIS A 7 -4.31 7.64 -8.16
N GLY A 8 -4.36 7.20 -9.36
CA GLY A 8 -4.26 5.80 -9.64
C GLY A 8 -4.02 5.55 -11.08
N ARG A 9 -2.76 5.71 -11.48
CA ARG A 9 -2.27 5.47 -12.85
C ARG A 9 -2.68 4.08 -13.39
N ASP A 10 -2.86 3.13 -12.48
CA ASP A 10 -3.38 1.75 -12.77
C ASP A 10 -2.34 0.91 -13.54
N ASP A 11 -1.15 1.41 -13.57
CA ASP A 11 -0.02 0.77 -14.29
C ASP A 11 0.76 -0.06 -13.34
N TYR A 12 0.48 0.16 -12.10
CA TYR A 12 1.20 -0.37 -10.99
C TYR A 12 1.30 -1.88 -11.00
N ASP A 13 2.34 -2.37 -10.40
CA ASP A 13 2.58 -3.78 -10.35
C ASP A 13 2.32 -4.27 -8.96
N CYS A 14 2.69 -3.46 -8.00
CA CYS A 14 2.63 -3.84 -6.62
C CYS A 14 1.75 -2.90 -5.81
N THR A 15 1.39 -3.34 -4.65
CA THR A 15 0.61 -2.59 -3.72
C THR A 15 1.07 -2.92 -2.29
N VAL A 16 1.35 -1.92 -1.54
CA VAL A 16 1.75 -2.11 -0.18
C VAL A 16 0.82 -1.27 0.69
N ILE A 17 0.24 -1.89 1.69
CA ILE A 17 -0.73 -1.22 2.51
C ILE A 17 -0.17 -1.02 3.91
N PHE A 18 -0.23 0.20 4.36
CA PHE A 18 0.27 0.54 5.67
C PHE A 18 -0.87 0.77 6.61
N ARG A 19 -0.91 0.01 7.66
CA ARG A 19 -1.93 0.17 8.66
C ARG A 19 -1.27 0.60 9.95
N ASN A 20 -1.68 1.73 10.44
CA ASN A 20 -1.17 2.25 11.68
C ASN A 20 -1.80 1.44 12.79
N ASN A 21 -1.01 0.65 13.47
CA ASN A 21 -1.55 -0.25 14.50
C ASN A 21 -1.88 0.49 15.76
N HIS A 22 -1.29 1.64 15.92
CA HIS A 22 -1.62 2.51 17.04
C HIS A 22 -2.87 3.34 16.73
N ALA A 23 -3.17 3.55 15.44
CA ALA A 23 -4.30 4.36 15.07
C ALA A 23 -5.39 3.57 14.35
N PRO A 24 -6.47 3.21 15.05
CA PRO A 24 -7.61 2.51 14.42
C PRO A 24 -8.47 3.50 13.62
N GLU A 25 -8.22 4.77 13.86
CA GLU A 25 -8.94 5.86 13.25
C GLU A 25 -8.38 6.09 11.85
N ARG A 26 -7.08 5.97 11.74
CA ARG A 26 -6.42 6.06 10.46
C ARG A 26 -6.80 4.89 9.60
N GLN A 27 -7.10 5.17 8.37
CA GLN A 27 -7.45 4.13 7.43
C GLN A 27 -6.17 3.58 6.80
N PRO A 28 -6.19 2.37 6.23
CA PRO A 28 -5.00 1.78 5.62
C PRO A 28 -4.51 2.62 4.45
N ILE A 29 -3.24 2.87 4.44
CA ILE A 29 -2.64 3.64 3.42
C ILE A 29 -2.23 2.68 2.34
N VAL A 30 -3.01 2.63 1.31
CA VAL A 30 -2.76 1.73 0.23
C VAL A 30 -1.98 2.45 -0.84
N VAL A 31 -0.73 2.14 -0.92
CA VAL A 31 0.13 2.75 -1.88
C VAL A 31 0.37 1.76 -3.00
N HIS A 32 0.10 2.18 -4.19
CA HIS A 32 0.28 1.36 -5.33
C HIS A 32 1.66 1.67 -5.85
N THR A 33 2.40 0.66 -6.23
CA THR A 33 3.78 0.81 -6.65
C THR A 33 4.08 -0.10 -7.86
N TYR A 34 5.31 -0.10 -8.34
CA TYR A 34 5.71 -0.98 -9.44
C TYR A 34 6.71 -1.99 -8.95
N TYR A 35 7.09 -2.95 -9.78
CA TYR A 35 8.10 -3.92 -9.39
C TYR A 35 9.41 -3.25 -9.09
N SER A 36 9.86 -3.45 -7.88
CA SER A 36 11.13 -2.97 -7.38
C SER A 36 11.34 -1.47 -7.61
N ARG A 37 10.70 -0.70 -6.78
CA ARG A 37 10.81 0.74 -6.76
C ARG A 37 11.13 1.10 -5.34
N ASP A 38 11.21 2.35 -5.07
CA ASP A 38 11.32 2.79 -3.72
C ASP A 38 9.96 3.17 -3.27
N LEU A 39 9.70 3.08 -2.02
CA LEU A 39 8.42 3.37 -1.49
C LEU A 39 8.52 4.34 -0.34
N PRO A 40 8.33 5.63 -0.61
CA PRO A 40 8.28 6.62 0.42
C PRO A 40 6.90 6.65 1.10
N ILE A 41 6.89 6.36 2.35
CA ILE A 41 5.68 6.40 3.14
C ILE A 41 5.97 7.28 4.35
N GLU A 42 4.98 7.90 4.91
CA GLU A 42 5.22 8.70 6.10
C GLU A 42 4.50 8.07 7.27
N LEU A 43 5.26 7.52 8.17
CA LEU A 43 4.71 6.91 9.37
C LEU A 43 5.11 7.72 10.56
N ASP A 44 4.12 8.21 11.29
CA ASP A 44 4.29 9.01 12.52
C ASP A 44 4.95 10.36 12.19
N GLY A 45 4.86 10.75 10.93
CA GLY A 45 5.45 11.98 10.47
C GLY A 45 6.86 11.78 9.96
N VAL A 46 7.25 10.53 9.80
CA VAL A 46 8.58 10.21 9.33
C VAL A 46 8.47 9.52 7.99
N ARG A 47 9.01 10.12 6.97
CA ARG A 47 9.08 9.52 5.68
C ARG A 47 10.09 8.37 5.69
N HIS A 48 9.60 7.19 5.45
CA HIS A 48 10.44 6.04 5.33
C HIS A 48 10.48 5.68 3.88
N THR A 49 11.64 5.69 3.30
CA THR A 49 11.79 5.31 1.92
C THR A 49 12.25 3.86 1.90
N ILE A 50 11.32 3.01 1.57
CA ILE A 50 11.50 1.60 1.64
C ILE A 50 11.91 1.08 0.28
N GLN A 51 12.74 0.08 0.27
CA GLN A 51 13.12 -0.55 -0.96
C GLN A 51 12.16 -1.67 -1.27
N LEU A 52 11.53 -1.61 -2.40
CA LEU A 52 10.69 -2.68 -2.84
C LEU A 52 11.50 -3.60 -3.70
N SER A 53 11.31 -4.85 -3.51
CA SER A 53 11.91 -5.85 -4.30
C SER A 53 10.81 -6.82 -4.68
N GLY A 54 10.29 -6.67 -5.89
CA GLY A 54 9.23 -7.55 -6.39
C GLY A 54 8.01 -7.59 -5.48
N CYS A 55 7.46 -6.41 -5.19
CA CYS A 55 6.26 -6.22 -4.32
C CYS A 55 6.58 -6.46 -2.84
N THR A 56 7.81 -6.87 -2.55
CA THR A 56 8.23 -7.12 -1.21
C THR A 56 9.12 -5.97 -0.73
N PRO A 57 8.64 -5.15 0.19
CA PRO A 57 9.43 -4.07 0.75
C PRO A 57 10.36 -4.56 1.84
N GLU A 58 11.21 -3.70 2.31
CA GLU A 58 12.08 -4.03 3.37
C GLU A 58 11.40 -3.76 4.67
N GLN A 59 11.13 -4.83 5.39
CA GLN A 59 10.44 -4.76 6.67
C GLN A 59 11.31 -4.04 7.68
N SER A 60 12.58 -4.03 7.40
CA SER A 60 13.57 -3.39 8.21
C SER A 60 13.43 -1.86 8.18
N GLN A 61 12.73 -1.33 7.16
CA GLN A 61 12.48 0.10 7.10
C GLN A 61 11.21 0.45 7.84
N ILE A 62 10.50 -0.56 8.29
CA ILE A 62 9.21 -0.33 8.89
C ILE A 62 9.37 -0.17 10.40
N PRO A 63 8.84 0.93 10.96
CA PRO A 63 8.85 1.17 12.39
C PRO A 63 7.91 0.21 13.13
N GLN A 64 8.06 0.14 14.42
CA GLN A 64 7.25 -0.73 15.22
C GLN A 64 5.92 -0.06 15.52
N GLY A 65 4.86 -0.84 15.44
CA GLY A 65 3.53 -0.32 15.69
C GLY A 65 2.79 -0.06 14.40
N TYR A 66 3.33 -0.60 13.31
CA TYR A 66 2.76 -0.39 12.00
C TYR A 66 2.73 -1.69 11.24
N SER A 67 1.61 -1.98 10.62
CA SER A 67 1.48 -3.16 9.82
C SER A 67 1.63 -2.81 8.37
N VAL A 68 2.49 -3.49 7.75
CA VAL A 68 2.75 -3.33 6.36
C VAL A 68 2.36 -4.60 5.63
N GLU A 69 1.38 -4.47 4.79
CA GLU A 69 0.82 -5.57 4.08
C GLU A 69 1.33 -5.53 2.65
N HIS A 70 1.81 -6.65 2.18
CA HIS A 70 2.45 -6.71 0.87
C HIS A 70 1.56 -7.46 -0.09
N MET A 71 1.39 -6.93 -1.28
CA MET A 71 0.60 -7.57 -2.32
C MET A 71 0.89 -6.95 -3.65
N THR A 72 0.33 -7.50 -4.68
CA THR A 72 0.47 -6.90 -5.95
C THR A 72 -0.67 -5.94 -6.16
N TYR A 73 -0.53 -5.09 -7.14
CA TYR A 73 -1.55 -4.14 -7.49
C TYR A 73 -2.76 -4.89 -7.97
N LYS A 74 -2.51 -5.95 -8.70
CA LYS A 74 -3.55 -6.78 -9.29
C LYS A 74 -4.36 -7.45 -8.21
N ASN A 75 -3.67 -7.99 -7.22
CA ASN A 75 -4.34 -8.61 -6.07
C ASN A 75 -5.17 -7.59 -5.33
N TYR A 76 -4.58 -6.47 -5.00
CA TYR A 76 -5.30 -5.40 -4.35
C TYR A 76 -6.57 -5.03 -5.13
N LEU A 77 -6.41 -4.84 -6.43
CA LEU A 77 -7.52 -4.47 -7.29
C LEU A 77 -8.59 -5.51 -7.26
N ARG A 78 -8.20 -6.78 -7.29
CA ARG A 78 -9.19 -7.84 -7.31
C ARG A 78 -9.93 -7.84 -5.98
N GLN A 79 -9.24 -7.47 -4.91
CA GLN A 79 -9.86 -7.48 -3.60
C GLN A 79 -10.90 -6.40 -3.49
N GLU A 80 -10.55 -5.18 -3.89
CA GLU A 80 -11.50 -4.10 -3.83
C GLU A 80 -12.65 -4.35 -4.79
N ILE A 81 -12.34 -4.87 -5.97
CA ILE A 81 -13.33 -5.20 -6.97
C ILE A 81 -14.27 -6.30 -6.47
N LEU A 82 -13.73 -7.27 -5.76
CA LEU A 82 -14.55 -8.33 -5.17
C LEU A 82 -15.37 -7.87 -3.97
N ASN A 83 -14.93 -6.85 -3.31
CA ASN A 83 -15.66 -6.36 -2.14
C ASN A 83 -16.61 -5.22 -2.48
N GLU A 84 -16.27 -4.45 -3.46
CA GLU A 84 -17.09 -3.34 -3.91
C GLU A 84 -18.14 -3.87 -4.87
N ARG A 85 -17.69 -4.73 -5.79
CA ARG A 85 -18.50 -5.31 -6.86
C ARG A 85 -18.98 -4.26 -7.87
N PRO A 86 -18.06 -3.83 -8.78
CA PRO A 86 -18.35 -2.82 -9.80
C PRO A 86 -19.00 -3.42 -11.04
N PHE A 87 -18.78 -4.69 -11.24
CA PHE A 87 -19.39 -5.41 -12.32
C PHE A 87 -20.55 -6.18 -11.75
N TRP A 88 -21.51 -6.51 -12.55
CA TRP A 88 -22.71 -7.12 -12.05
C TRP A 88 -23.09 -8.33 -12.87
N PRO A 89 -23.83 -9.27 -12.26
CA PRO A 89 -24.38 -10.43 -12.97
C PRO A 89 -25.39 -9.96 -14.01
N GLY A 1 -16.00 -0.22 -1.46
CA GLY A 1 -14.54 -0.37 -1.37
C GLY A 1 -13.85 0.91 -1.76
N PRO A 2 -13.63 1.14 -3.05
CA PRO A 2 -13.05 2.39 -3.53
C PRO A 2 -14.08 3.52 -3.53
N HIS A 3 -13.77 4.58 -2.82
CA HIS A 3 -14.65 5.71 -2.71
C HIS A 3 -14.47 6.65 -3.90
N MET A 4 -13.24 6.86 -4.28
CA MET A 4 -12.94 7.69 -5.43
C MET A 4 -12.02 6.94 -6.36
N GLY A 5 -12.58 6.27 -7.32
CA GLY A 5 -11.83 5.47 -8.25
C GLY A 5 -11.42 6.27 -9.45
N LYS A 6 -11.31 7.57 -9.26
CA LYS A 6 -10.86 8.47 -10.30
C LYS A 6 -9.32 8.54 -10.25
N HIS A 7 -8.78 7.83 -9.32
CA HIS A 7 -7.36 7.74 -9.16
C HIS A 7 -6.97 6.41 -9.70
N GLY A 8 -6.48 6.40 -10.88
CA GLY A 8 -6.16 5.15 -11.45
C GLY A 8 -5.33 5.27 -12.68
N ARG A 9 -4.03 5.47 -12.51
CA ARG A 9 -3.10 5.35 -13.62
C ARG A 9 -3.20 3.93 -14.14
N ASP A 10 -3.24 3.01 -13.18
CA ASP A 10 -3.37 1.58 -13.39
C ASP A 10 -2.15 1.01 -14.11
N ASP A 11 -0.98 1.51 -13.74
CA ASP A 11 0.29 1.07 -14.37
C ASP A 11 1.07 0.22 -13.43
N TYR A 12 0.66 0.26 -12.22
CA TYR A 12 1.37 -0.32 -11.12
C TYR A 12 1.46 -1.84 -11.18
N ASP A 13 2.44 -2.37 -10.50
CA ASP A 13 2.66 -3.80 -10.44
C ASP A 13 2.37 -4.28 -9.06
N CYS A 14 2.72 -3.47 -8.10
CA CYS A 14 2.62 -3.86 -6.72
C CYS A 14 1.75 -2.89 -5.94
N THR A 15 1.31 -3.32 -4.80
CA THR A 15 0.51 -2.56 -3.89
C THR A 15 0.89 -2.92 -2.45
N VAL A 16 1.17 -1.91 -1.66
CA VAL A 16 1.53 -2.12 -0.28
C VAL A 16 0.62 -1.25 0.59
N ILE A 17 0.07 -1.82 1.63
CA ILE A 17 -0.85 -1.10 2.49
C ILE A 17 -0.24 -0.95 3.87
N PHE A 18 -0.28 0.24 4.40
CA PHE A 18 0.27 0.52 5.71
C PHE A 18 -0.83 0.74 6.71
N ARG A 19 -0.85 -0.03 7.75
CA ARG A 19 -1.83 0.14 8.78
C ARG A 19 -1.14 0.59 10.05
N ASN A 20 -1.56 1.71 10.56
CA ASN A 20 -1.02 2.23 11.79
C ASN A 20 -1.57 1.40 12.93
N ASN A 21 -0.73 0.62 13.57
CA ASN A 21 -1.22 -0.27 14.61
C ASN A 21 -1.54 0.48 15.87
N HIS A 22 -0.83 1.58 16.10
CA HIS A 22 -1.11 2.40 17.27
C HIS A 22 -2.36 3.27 17.05
N ALA A 23 -2.67 3.57 15.81
CA ALA A 23 -3.79 4.44 15.52
C ALA A 23 -4.91 3.70 14.81
N PRO A 24 -6.04 3.47 15.47
CA PRO A 24 -7.17 2.79 14.86
C PRO A 24 -7.93 3.68 13.85
N GLU A 25 -7.77 5.00 14.02
CA GLU A 25 -8.48 5.95 13.17
C GLU A 25 -7.68 6.29 11.94
N ARG A 26 -6.39 6.08 12.02
CA ARG A 26 -5.57 6.18 10.85
C ARG A 26 -5.91 5.03 9.93
N GLN A 27 -6.47 5.36 8.84
CA GLN A 27 -6.94 4.40 7.89
C GLN A 27 -5.77 3.83 7.11
N PRO A 28 -5.84 2.53 6.73
CA PRO A 28 -4.79 1.88 5.96
C PRO A 28 -4.40 2.67 4.73
N ILE A 29 -3.15 2.90 4.59
CA ILE A 29 -2.62 3.67 3.52
C ILE A 29 -2.23 2.73 2.40
N VAL A 30 -3.03 2.72 1.38
CA VAL A 30 -2.79 1.87 0.23
C VAL A 30 -1.98 2.65 -0.79
N VAL A 31 -0.77 2.23 -1.03
CA VAL A 31 0.07 2.87 -1.99
C VAL A 31 0.38 1.88 -3.09
N HIS A 32 0.24 2.30 -4.30
CA HIS A 32 0.46 1.46 -5.43
C HIS A 32 1.87 1.71 -5.92
N THR A 33 2.58 0.67 -6.27
CA THR A 33 3.96 0.76 -6.65
C THR A 33 4.25 -0.15 -7.86
N TYR A 34 5.48 -0.19 -8.30
CA TYR A 34 5.87 -1.08 -9.39
C TYR A 34 6.83 -2.12 -8.87
N TYR A 35 7.20 -3.11 -9.69
CA TYR A 35 8.16 -4.12 -9.28
C TYR A 35 9.50 -3.49 -8.90
N SER A 36 9.90 -3.75 -7.66
CA SER A 36 11.17 -3.29 -7.09
C SER A 36 11.44 -1.80 -7.33
N ARG A 37 10.83 -1.01 -6.49
CA ARG A 37 10.93 0.41 -6.53
C ARG A 37 11.12 0.85 -5.10
N ASP A 38 11.34 2.09 -4.89
CA ASP A 38 11.42 2.59 -3.57
C ASP A 38 10.08 3.17 -3.22
N LEU A 39 9.71 3.05 -2.00
CA LEU A 39 8.42 3.44 -1.54
C LEU A 39 8.51 4.40 -0.36
N PRO A 40 8.35 5.68 -0.63
CA PRO A 40 8.29 6.69 0.40
C PRO A 40 6.89 6.74 1.05
N ILE A 41 6.84 6.44 2.30
CA ILE A 41 5.63 6.47 3.08
C ILE A 41 5.91 7.30 4.32
N GLU A 42 4.95 7.96 4.86
CA GLU A 42 5.16 8.71 6.08
C GLU A 42 4.39 8.10 7.21
N LEU A 43 5.10 7.57 8.17
CA LEU A 43 4.51 7.02 9.34
C LEU A 43 4.91 7.85 10.48
N ASP A 44 3.96 8.14 11.33
CA ASP A 44 4.15 9.03 12.52
C ASP A 44 4.66 10.44 12.07
N GLY A 45 4.48 10.74 10.78
CA GLY A 45 4.94 11.97 10.19
C GLY A 45 6.38 11.88 9.73
N VAL A 46 6.92 10.69 9.75
CA VAL A 46 8.27 10.43 9.35
C VAL A 46 8.27 9.65 8.06
N ARG A 47 8.87 10.20 7.03
CA ARG A 47 8.97 9.52 5.77
C ARG A 47 9.95 8.37 5.88
N HIS A 48 9.54 7.22 5.48
CA HIS A 48 10.37 6.08 5.37
C HIS A 48 10.43 5.69 3.92
N THR A 49 11.62 5.61 3.37
CA THR A 49 11.78 5.22 2.00
C THR A 49 12.17 3.75 1.99
N ILE A 50 11.24 2.93 1.63
CA ILE A 50 11.39 1.50 1.71
C ILE A 50 11.77 0.93 0.37
N GLN A 51 12.63 -0.03 0.38
CA GLN A 51 12.96 -0.69 -0.85
C GLN A 51 12.03 -1.88 -1.04
N LEU A 52 11.39 -1.92 -2.16
CA LEU A 52 10.57 -3.02 -2.52
C LEU A 52 11.37 -3.95 -3.36
N SER A 53 11.20 -5.19 -3.13
CA SER A 53 11.86 -6.17 -3.91
C SER A 53 10.77 -7.15 -4.34
N GLY A 54 10.26 -6.93 -5.54
CA GLY A 54 9.16 -7.73 -6.06
C GLY A 54 7.91 -7.67 -5.20
N CYS A 55 7.41 -6.44 -4.97
CA CYS A 55 6.18 -6.15 -4.18
C CYS A 55 6.41 -6.26 -2.67
N THR A 56 7.46 -6.91 -2.27
CA THR A 56 7.77 -7.09 -0.88
C THR A 56 8.79 -6.04 -0.39
N PRO A 57 8.37 -5.15 0.52
CA PRO A 57 9.23 -4.13 1.12
C PRO A 57 10.13 -4.68 2.22
N GLU A 58 11.08 -3.88 2.67
CA GLU A 58 11.96 -4.26 3.73
C GLU A 58 11.42 -3.84 5.07
N GLN A 59 11.24 -4.83 5.93
CA GLN A 59 10.76 -4.64 7.30
C GLN A 59 11.70 -3.71 8.10
N SER A 60 12.94 -3.70 7.73
CA SER A 60 13.94 -2.86 8.35
C SER A 60 13.64 -1.37 8.15
N GLN A 61 12.88 -1.04 7.12
CA GLN A 61 12.55 0.32 6.83
C GLN A 61 11.26 0.69 7.53
N ILE A 62 10.59 -0.31 8.08
CA ILE A 62 9.28 -0.13 8.66
C ILE A 62 9.42 0.19 10.13
N PRO A 63 8.76 1.25 10.60
CA PRO A 63 8.71 1.55 12.00
C PRO A 63 7.89 0.52 12.75
N GLN A 64 8.19 0.38 13.98
CA GLN A 64 7.49 -0.55 14.83
C GLN A 64 6.13 0.02 15.18
N GLY A 65 5.13 -0.84 15.22
CA GLY A 65 3.80 -0.39 15.51
C GLY A 65 3.02 -0.13 14.26
N TYR A 66 3.51 -0.64 13.16
CA TYR A 66 2.88 -0.47 11.88
C TYR A 66 2.83 -1.79 11.13
N SER A 67 1.69 -2.08 10.58
CA SER A 67 1.49 -3.29 9.80
C SER A 67 1.62 -2.98 8.35
N VAL A 68 2.32 -3.81 7.67
CA VAL A 68 2.56 -3.64 6.27
C VAL A 68 1.99 -4.82 5.50
N GLU A 69 1.04 -4.54 4.67
CA GLU A 69 0.32 -5.52 3.90
C GLU A 69 0.88 -5.51 2.49
N HIS A 70 1.27 -6.66 2.00
CA HIS A 70 1.94 -6.73 0.69
C HIS A 70 1.02 -7.42 -0.29
N MET A 71 1.00 -6.93 -1.52
CA MET A 71 0.24 -7.54 -2.60
C MET A 71 0.61 -6.92 -3.91
N THR A 72 0.08 -7.45 -4.95
CA THR A 72 0.29 -6.90 -6.22
C THR A 72 -0.83 -5.93 -6.48
N TYR A 73 -0.60 -5.04 -7.41
CA TYR A 73 -1.57 -4.06 -7.79
C TYR A 73 -2.83 -4.76 -8.29
N LYS A 74 -2.62 -5.81 -9.04
CA LYS A 74 -3.69 -6.58 -9.62
C LYS A 74 -4.51 -7.27 -8.54
N ASN A 75 -3.87 -7.86 -7.54
CA ASN A 75 -4.60 -8.50 -6.43
C ASN A 75 -5.37 -7.50 -5.64
N TYR A 76 -4.80 -6.33 -5.41
CA TYR A 76 -5.49 -5.25 -4.70
C TYR A 76 -6.78 -4.87 -5.42
N LEU A 77 -6.66 -4.64 -6.72
CA LEU A 77 -7.79 -4.23 -7.55
C LEU A 77 -8.82 -5.34 -7.52
N ARG A 78 -8.30 -6.52 -7.58
CA ARG A 78 -9.04 -7.75 -7.54
C ARG A 78 -9.83 -7.83 -6.23
N GLN A 79 -9.17 -7.51 -5.13
CA GLN A 79 -9.78 -7.58 -3.81
C GLN A 79 -10.92 -6.61 -3.67
N GLU A 80 -10.72 -5.39 -4.11
CA GLU A 80 -11.77 -4.39 -4.01
C GLU A 80 -12.93 -4.74 -4.94
N ILE A 81 -12.62 -5.35 -6.08
CA ILE A 81 -13.63 -5.75 -7.03
C ILE A 81 -14.43 -6.90 -6.45
N LEU A 82 -13.74 -7.79 -5.79
CA LEU A 82 -14.38 -8.96 -5.20
C LEU A 82 -15.24 -8.59 -4.01
N ASN A 83 -14.80 -7.62 -3.25
CA ASN A 83 -15.55 -7.22 -2.06
C ASN A 83 -16.70 -6.28 -2.39
N GLU A 84 -16.49 -5.36 -3.30
CA GLU A 84 -17.55 -4.42 -3.61
C GLU A 84 -18.45 -4.96 -4.70
N ARG A 85 -17.83 -5.51 -5.71
CA ARG A 85 -18.49 -5.99 -6.93
C ARG A 85 -19.21 -4.83 -7.60
N PRO A 86 -18.43 -3.89 -8.21
CA PRO A 86 -18.97 -2.68 -8.81
C PRO A 86 -19.69 -2.94 -10.10
N PHE A 87 -19.16 -3.84 -10.86
CA PHE A 87 -19.73 -4.18 -12.11
C PHE A 87 -20.36 -5.53 -12.00
N TRP A 88 -21.45 -5.69 -12.68
CA TRP A 88 -22.17 -6.90 -12.66
C TRP A 88 -22.06 -7.56 -14.00
N PRO A 89 -21.78 -8.89 -14.02
CA PRO A 89 -21.64 -9.67 -15.25
C PRO A 89 -22.79 -9.47 -16.22
N GLY A 1 1.19 13.00 -0.40
CA GLY A 1 0.27 12.74 0.71
C GLY A 1 -0.07 11.27 0.79
N PRO A 2 0.01 10.65 1.98
CA PRO A 2 -0.20 9.19 2.16
C PRO A 2 -1.58 8.69 1.69
N HIS A 3 -2.63 9.47 1.94
CA HIS A 3 -3.99 9.04 1.59
C HIS A 3 -4.40 9.65 0.27
N MET A 4 -3.47 10.36 -0.32
CA MET A 4 -3.69 11.09 -1.54
C MET A 4 -2.95 10.39 -2.66
N GLY A 5 -2.77 9.11 -2.48
CA GLY A 5 -2.09 8.30 -3.46
C GLY A 5 -3.09 7.49 -4.24
N LYS A 6 -4.01 8.16 -4.87
CA LYS A 6 -5.05 7.52 -5.61
C LYS A 6 -4.61 7.48 -7.05
N HIS A 7 -3.80 6.53 -7.33
CA HIS A 7 -3.25 6.41 -8.65
C HIS A 7 -3.73 5.15 -9.27
N GLY A 8 -4.78 5.27 -10.00
CA GLY A 8 -5.38 4.14 -10.67
C GLY A 8 -4.94 4.13 -12.09
N ARG A 9 -3.64 4.33 -12.29
CA ARG A 9 -3.04 4.41 -13.60
C ARG A 9 -3.00 3.04 -14.28
N ASP A 10 -3.34 2.02 -13.49
CA ASP A 10 -3.56 0.63 -13.95
C ASP A 10 -2.28 -0.02 -14.47
N ASP A 11 -1.16 0.61 -14.25
CA ASP A 11 0.11 0.15 -14.84
C ASP A 11 1.02 -0.38 -13.76
N TYR A 12 0.57 -0.28 -12.55
CA TYR A 12 1.34 -0.68 -11.40
C TYR A 12 1.49 -2.20 -11.32
N ASP A 13 2.44 -2.63 -10.55
CA ASP A 13 2.72 -4.04 -10.40
C ASP A 13 2.46 -4.47 -9.00
N CYS A 14 2.84 -3.64 -8.08
CA CYS A 14 2.76 -3.97 -6.70
C CYS A 14 1.90 -2.98 -5.94
N THR A 15 1.48 -3.38 -4.79
CA THR A 15 0.70 -2.58 -3.90
C THR A 15 1.10 -2.89 -2.47
N VAL A 16 1.44 -1.89 -1.73
CA VAL A 16 1.79 -2.09 -0.36
C VAL A 16 0.88 -1.24 0.50
N ILE A 17 0.29 -1.86 1.49
CA ILE A 17 -0.67 -1.20 2.34
C ILE A 17 -0.11 -1.09 3.76
N PHE A 18 -0.17 0.09 4.31
CA PHE A 18 0.34 0.34 5.62
C PHE A 18 -0.79 0.59 6.57
N ARG A 19 -0.92 -0.24 7.56
CA ARG A 19 -1.93 -0.05 8.56
C ARG A 19 -1.31 0.30 9.87
N ASN A 20 -1.78 1.35 10.45
CA ASN A 20 -1.35 1.76 11.75
C ASN A 20 -1.99 0.81 12.76
N ASN A 21 -1.17 0.08 13.47
CA ASN A 21 -1.69 -0.89 14.43
C ASN A 21 -2.04 -0.23 15.71
N HIS A 22 -1.37 0.86 15.99
CA HIS A 22 -1.65 1.62 17.20
C HIS A 22 -2.87 2.53 17.00
N ALA A 23 -3.14 2.88 15.76
CA ALA A 23 -4.31 3.65 15.44
C ALA A 23 -5.28 2.85 14.59
N PRO A 24 -6.34 2.28 15.18
CA PRO A 24 -7.31 1.46 14.44
C PRO A 24 -8.31 2.32 13.65
N GLU A 25 -8.33 3.61 13.95
CA GLU A 25 -9.26 4.52 13.31
C GLU A 25 -8.65 5.12 12.06
N ARG A 26 -7.35 5.09 12.01
CA ARG A 26 -6.62 5.61 10.88
C ARG A 26 -6.83 4.74 9.66
N GLN A 27 -6.98 5.38 8.55
CA GLN A 27 -7.24 4.71 7.30
C GLN A 27 -5.95 4.06 6.80
N PRO A 28 -6.01 2.81 6.30
CA PRO A 28 -4.84 2.14 5.72
C PRO A 28 -4.26 2.94 4.58
N ILE A 29 -2.96 3.01 4.53
CA ILE A 29 -2.31 3.75 3.52
C ILE A 29 -1.94 2.81 2.39
N VAL A 30 -2.67 2.91 1.31
CA VAL A 30 -2.45 2.07 0.17
C VAL A 30 -1.61 2.82 -0.87
N VAL A 31 -0.45 2.30 -1.15
CA VAL A 31 0.39 2.90 -2.18
C VAL A 31 0.66 1.87 -3.25
N HIS A 32 0.40 2.24 -4.49
CA HIS A 32 0.59 1.35 -5.60
C HIS A 32 1.97 1.59 -6.13
N THR A 33 2.67 0.56 -6.47
CA THR A 33 4.03 0.67 -6.91
C THR A 33 4.27 -0.26 -8.11
N TYR A 34 5.45 -0.25 -8.63
CA TYR A 34 5.82 -1.13 -9.71
C TYR A 34 6.84 -2.10 -9.18
N TYR A 35 7.23 -3.09 -9.98
CA TYR A 35 8.26 -4.03 -9.53
C TYR A 35 9.56 -3.33 -9.18
N SER A 36 9.96 -3.52 -7.94
CA SER A 36 11.22 -3.05 -7.40
C SER A 36 11.46 -1.54 -7.61
N ARG A 37 10.78 -0.77 -6.82
CA ARG A 37 10.84 0.66 -6.83
C ARG A 37 11.17 1.09 -5.42
N ASP A 38 11.30 2.35 -5.20
CA ASP A 38 11.45 2.84 -3.86
C ASP A 38 10.06 3.11 -3.35
N LEU A 39 9.85 3.01 -2.07
CA LEU A 39 8.59 3.27 -1.52
C LEU A 39 8.71 4.21 -0.34
N PRO A 40 8.62 5.50 -0.61
CA PRO A 40 8.57 6.49 0.43
C PRO A 40 7.17 6.52 1.04
N ILE A 41 7.10 6.20 2.29
CA ILE A 41 5.86 6.19 3.00
C ILE A 41 5.99 7.13 4.20
N GLU A 42 4.98 7.84 4.54
CA GLU A 42 5.06 8.75 5.64
C GLU A 42 4.17 8.28 6.77
N LEU A 43 4.80 7.71 7.77
CA LEU A 43 4.14 7.17 8.96
C LEU A 43 4.38 8.10 10.11
N ASP A 44 3.30 8.68 10.62
CA ASP A 44 3.31 9.63 11.75
C ASP A 44 4.04 10.91 11.33
N GLY A 45 4.08 11.13 10.03
CA GLY A 45 4.77 12.26 9.48
C GLY A 45 6.25 12.00 9.33
N VAL A 46 6.63 10.75 9.34
CA VAL A 46 8.01 10.36 9.14
C VAL A 46 8.09 9.55 7.89
N ARG A 47 8.76 10.06 6.89
CA ARG A 47 8.90 9.36 5.68
C ARG A 47 9.97 8.28 5.76
N HIS A 48 9.56 7.09 5.47
CA HIS A 48 10.44 5.96 5.41
C HIS A 48 10.54 5.57 3.97
N THR A 49 11.71 5.56 3.44
CA THR A 49 11.90 5.20 2.07
C THR A 49 12.32 3.74 2.04
N ILE A 50 11.41 2.91 1.68
CA ILE A 50 11.58 1.49 1.71
C ILE A 50 12.02 1.00 0.36
N GLN A 51 12.86 0.02 0.32
CA GLN A 51 13.28 -0.52 -0.92
C GLN A 51 12.41 -1.73 -1.25
N LEU A 52 11.73 -1.68 -2.38
CA LEU A 52 10.92 -2.80 -2.83
C LEU A 52 11.74 -3.69 -3.71
N SER A 53 11.51 -4.96 -3.59
CA SER A 53 12.10 -5.93 -4.43
C SER A 53 11.01 -6.93 -4.77
N GLY A 54 10.44 -6.77 -5.97
CA GLY A 54 9.36 -7.66 -6.42
C GLY A 54 8.17 -7.70 -5.48
N CYS A 55 7.57 -6.53 -5.24
CA CYS A 55 6.38 -6.36 -4.36
C CYS A 55 6.69 -6.59 -2.88
N THR A 56 7.93 -6.93 -2.58
CA THR A 56 8.35 -7.19 -1.25
C THR A 56 9.25 -6.05 -0.77
N PRO A 57 8.78 -5.25 0.19
CA PRO A 57 9.54 -4.17 0.78
C PRO A 57 10.48 -4.68 1.88
N GLU A 58 11.30 -3.79 2.38
CA GLU A 58 12.18 -4.10 3.45
C GLU A 58 11.49 -3.85 4.76
N GLN A 59 11.30 -4.90 5.50
CA GLN A 59 10.61 -4.83 6.76
C GLN A 59 11.44 -4.02 7.78
N SER A 60 12.73 -3.93 7.54
CA SER A 60 13.60 -3.19 8.41
C SER A 60 13.40 -1.69 8.28
N GLN A 61 12.71 -1.24 7.22
CA GLN A 61 12.44 0.17 7.11
C GLN A 61 11.12 0.49 7.78
N ILE A 62 10.44 -0.55 8.24
CA ILE A 62 9.12 -0.38 8.82
C ILE A 62 9.21 -0.12 10.31
N PRO A 63 8.58 0.95 10.80
CA PRO A 63 8.53 1.25 12.22
C PRO A 63 7.63 0.27 12.95
N GLN A 64 7.79 0.21 14.24
CA GLN A 64 7.04 -0.66 15.06
C GLN A 64 5.68 -0.06 15.35
N GLY A 65 4.66 -0.89 15.27
CA GLY A 65 3.32 -0.44 15.49
C GLY A 65 2.58 -0.25 14.20
N TYR A 66 3.14 -0.78 13.14
CA TYR A 66 2.56 -0.67 11.83
C TYR A 66 2.61 -2.00 11.10
N SER A 67 1.52 -2.36 10.50
CA SER A 67 1.43 -3.53 9.68
C SER A 67 1.57 -3.14 8.26
N VAL A 68 2.43 -3.80 7.59
CA VAL A 68 2.69 -3.55 6.23
C VAL A 68 2.34 -4.76 5.43
N GLU A 69 1.34 -4.61 4.65
CA GLU A 69 0.83 -5.64 3.86
C GLU A 69 1.28 -5.55 2.47
N HIS A 70 1.75 -6.66 2.01
CA HIS A 70 2.41 -6.72 0.73
C HIS A 70 1.51 -7.44 -0.21
N MET A 71 1.30 -6.87 -1.35
CA MET A 71 0.50 -7.49 -2.36
C MET A 71 0.84 -6.94 -3.71
N THR A 72 0.26 -7.49 -4.70
CA THR A 72 0.43 -7.02 -6.00
C THR A 72 -0.67 -6.03 -6.28
N TYR A 73 -0.47 -5.22 -7.26
CA TYR A 73 -1.46 -4.27 -7.69
C TYR A 73 -2.72 -4.99 -8.12
N LYS A 74 -2.56 -6.13 -8.74
CA LYS A 74 -3.67 -6.92 -9.23
C LYS A 74 -4.46 -7.53 -8.08
N ASN A 75 -3.77 -7.96 -7.02
CA ASN A 75 -4.48 -8.45 -5.84
C ASN A 75 -5.22 -7.33 -5.18
N TYR A 76 -4.58 -6.18 -5.10
CA TYR A 76 -5.24 -4.99 -4.59
C TYR A 76 -6.51 -4.69 -5.37
N LEU A 77 -6.40 -4.72 -6.69
CA LEU A 77 -7.51 -4.43 -7.56
C LEU A 77 -8.62 -5.41 -7.32
N ARG A 78 -8.28 -6.68 -7.20
CA ARG A 78 -9.29 -7.69 -7.01
C ARG A 78 -9.96 -7.51 -5.63
N GLN A 79 -9.19 -7.05 -4.64
CA GLN A 79 -9.71 -6.82 -3.30
C GLN A 79 -10.71 -5.69 -3.31
N GLU A 80 -10.35 -4.60 -3.96
CA GLU A 80 -11.25 -3.46 -4.02
C GLU A 80 -12.44 -3.78 -4.91
N ILE A 81 -12.26 -4.65 -5.88
CA ILE A 81 -13.36 -5.06 -6.72
C ILE A 81 -14.35 -5.83 -5.87
N LEU A 82 -13.82 -6.62 -4.97
CA LEU A 82 -14.65 -7.41 -4.08
C LEU A 82 -15.34 -6.52 -3.05
N ASN A 83 -14.62 -5.51 -2.59
CA ASN A 83 -15.14 -4.60 -1.56
C ASN A 83 -16.11 -3.58 -2.14
N GLU A 84 -15.72 -2.94 -3.22
CA GLU A 84 -16.49 -1.87 -3.80
C GLU A 84 -17.56 -2.40 -4.72
N ARG A 85 -17.18 -3.41 -5.46
CA ARG A 85 -18.00 -4.04 -6.47
C ARG A 85 -18.41 -3.02 -7.52
N PRO A 86 -17.44 -2.60 -8.38
CA PRO A 86 -17.71 -1.59 -9.40
C PRO A 86 -18.65 -2.10 -10.46
N PHE A 87 -18.60 -3.38 -10.69
CA PHE A 87 -19.46 -4.04 -11.62
C PHE A 87 -20.23 -5.08 -10.85
N TRP A 88 -21.49 -5.15 -11.12
CA TRP A 88 -22.35 -6.08 -10.46
C TRP A 88 -22.70 -7.18 -11.43
N PRO A 89 -22.77 -8.44 -10.94
CA PRO A 89 -23.16 -9.60 -11.77
C PRO A 89 -24.41 -9.31 -12.59
N GLY A 1 -3.54 15.61 -0.42
CA GLY A 1 -3.87 14.24 -0.07
C GLY A 1 -3.69 13.31 -1.25
N PRO A 2 -3.05 12.15 -1.06
CA PRO A 2 -2.87 11.17 -2.11
C PRO A 2 -3.84 9.99 -1.89
N HIS A 3 -5.08 10.30 -1.52
CA HIS A 3 -6.06 9.28 -1.14
C HIS A 3 -6.67 8.55 -2.35
N MET A 4 -5.83 7.82 -3.06
CA MET A 4 -6.17 6.91 -4.19
C MET A 4 -6.83 7.61 -5.38
N GLY A 5 -6.81 8.90 -5.38
CA GLY A 5 -7.49 9.63 -6.42
C GLY A 5 -6.57 10.19 -7.45
N LYS A 6 -5.31 10.22 -7.13
CA LYS A 6 -4.30 10.77 -8.02
C LYS A 6 -3.60 9.60 -8.75
N HIS A 7 -4.19 8.43 -8.66
CA HIS A 7 -3.59 7.24 -9.23
C HIS A 7 -4.63 6.48 -10.02
N GLY A 8 -4.69 6.76 -11.28
CA GLY A 8 -5.63 6.12 -12.18
C GLY A 8 -4.94 5.65 -13.43
N ARG A 9 -3.86 4.92 -13.24
CA ARG A 9 -3.08 4.41 -14.35
C ARG A 9 -3.35 2.94 -14.63
N ASP A 10 -3.57 2.17 -13.56
CA ASP A 10 -3.68 0.68 -13.63
C ASP A 10 -2.33 0.04 -14.08
N ASP A 11 -1.29 0.86 -14.09
CA ASP A 11 0.02 0.52 -14.65
C ASP A 11 0.92 -0.06 -13.59
N TYR A 12 0.49 0.09 -12.38
CA TYR A 12 1.23 -0.36 -11.22
C TYR A 12 1.38 -1.87 -11.19
N ASP A 13 2.39 -2.32 -10.51
CA ASP A 13 2.68 -3.74 -10.44
C ASP A 13 2.43 -4.23 -9.04
N CYS A 14 2.82 -3.43 -8.09
CA CYS A 14 2.75 -3.81 -6.72
C CYS A 14 1.86 -2.88 -5.95
N THR A 15 1.43 -3.32 -4.82
CA THR A 15 0.61 -2.57 -3.93
C THR A 15 0.99 -2.91 -2.50
N VAL A 16 1.28 -1.90 -1.73
CA VAL A 16 1.64 -2.09 -0.36
C VAL A 16 0.73 -1.23 0.50
N ILE A 17 0.14 -1.82 1.51
CA ILE A 17 -0.80 -1.13 2.35
C ILE A 17 -0.22 -0.95 3.72
N PHE A 18 -0.30 0.23 4.25
CA PHE A 18 0.17 0.50 5.58
C PHE A 18 -1.00 0.70 6.50
N ARG A 19 -1.16 -0.17 7.43
CA ARG A 19 -2.20 -0.04 8.42
C ARG A 19 -1.54 0.36 9.72
N ASN A 20 -1.92 1.50 10.22
CA ASN A 20 -1.35 2.01 11.45
C ASN A 20 -1.99 1.24 12.59
N ASN A 21 -1.18 0.55 13.36
CA ASN A 21 -1.74 -0.26 14.44
C ASN A 21 -1.97 0.59 15.66
N HIS A 22 -1.13 1.60 15.82
CA HIS A 22 -1.28 2.53 16.94
C HIS A 22 -2.39 3.55 16.67
N ALA A 23 -2.70 3.79 15.41
CA ALA A 23 -3.73 4.73 15.07
C ALA A 23 -4.92 4.03 14.43
N PRO A 24 -6.00 3.82 15.18
CA PRO A 24 -7.17 3.13 14.65
C PRO A 24 -8.07 4.05 13.82
N GLU A 25 -7.86 5.35 13.95
CA GLU A 25 -8.67 6.32 13.25
C GLU A 25 -8.05 6.64 11.91
N ARG A 26 -6.83 6.20 11.75
CA ARG A 26 -6.14 6.28 10.50
C ARG A 26 -6.51 5.11 9.61
N GLN A 27 -6.78 5.43 8.40
CA GLN A 27 -7.18 4.45 7.41
C GLN A 27 -5.93 3.81 6.79
N PRO A 28 -6.04 2.60 6.24
CA PRO A 28 -4.94 1.96 5.55
C PRO A 28 -4.47 2.78 4.38
N ILE A 29 -3.20 3.00 4.33
CA ILE A 29 -2.59 3.73 3.29
C ILE A 29 -2.18 2.76 2.20
N VAL A 30 -2.97 2.70 1.17
CA VAL A 30 -2.72 1.80 0.07
C VAL A 30 -1.89 2.52 -0.98
N VAL A 31 -0.65 2.16 -1.09
CA VAL A 31 0.22 2.79 -2.04
C VAL A 31 0.47 1.83 -3.17
N HIS A 32 0.18 2.26 -4.35
CA HIS A 32 0.36 1.48 -5.53
C HIS A 32 1.75 1.77 -6.03
N THR A 33 2.48 0.75 -6.37
CA THR A 33 3.85 0.88 -6.78
C THR A 33 4.14 -0.03 -7.98
N TYR A 34 5.35 -0.04 -8.46
CA TYR A 34 5.74 -0.91 -9.56
C TYR A 34 6.75 -1.92 -9.06
N TYR A 35 7.14 -2.89 -9.91
CA TYR A 35 8.13 -3.88 -9.50
C TYR A 35 9.44 -3.25 -9.10
N SER A 36 9.82 -3.52 -7.86
CA SER A 36 11.06 -3.09 -7.26
C SER A 36 11.34 -1.59 -7.46
N ARG A 37 10.65 -0.81 -6.66
CA ARG A 37 10.76 0.62 -6.65
C ARG A 37 11.03 1.02 -5.22
N ASP A 38 11.03 2.29 -4.95
CA ASP A 38 11.17 2.77 -3.61
C ASP A 38 9.79 3.06 -3.09
N LEU A 39 9.62 3.07 -1.81
CA LEU A 39 8.35 3.37 -1.26
C LEU A 39 8.53 4.31 -0.08
N PRO A 40 8.41 5.62 -0.33
CA PRO A 40 8.45 6.61 0.73
C PRO A 40 7.07 6.75 1.39
N ILE A 41 7.02 6.43 2.64
CA ILE A 41 5.80 6.48 3.41
C ILE A 41 6.06 7.24 4.72
N GLU A 42 5.29 8.24 5.00
CA GLU A 42 5.49 8.99 6.21
C GLU A 42 4.68 8.41 7.34
N LEU A 43 5.33 7.69 8.22
CA LEU A 43 4.68 7.14 9.37
C LEU A 43 5.04 7.94 10.53
N ASP A 44 4.04 8.35 11.25
CA ASP A 44 4.15 9.25 12.42
C ASP A 44 4.85 10.58 12.02
N GLY A 45 4.85 10.85 10.71
CA GLY A 45 5.48 12.04 10.19
C GLY A 45 6.90 11.78 9.69
N VAL A 46 7.35 10.56 9.83
CA VAL A 46 8.69 10.16 9.43
C VAL A 46 8.60 9.41 8.12
N ARG A 47 9.20 9.95 7.09
CA ARG A 47 9.21 9.29 5.81
C ARG A 47 10.18 8.14 5.83
N HIS A 48 9.67 6.95 5.68
CA HIS A 48 10.47 5.79 5.59
C HIS A 48 10.56 5.45 4.13
N THR A 49 11.74 5.44 3.60
CA THR A 49 11.92 5.12 2.21
C THR A 49 12.29 3.65 2.13
N ILE A 50 11.34 2.88 1.77
CA ILE A 50 11.46 1.46 1.78
C ILE A 50 11.87 0.96 0.42
N GLN A 51 12.75 0.01 0.37
CA GLN A 51 13.12 -0.57 -0.87
C GLN A 51 12.19 -1.74 -1.16
N LEU A 52 11.46 -1.64 -2.24
CA LEU A 52 10.63 -2.72 -2.68
C LEU A 52 11.45 -3.64 -3.53
N SER A 53 11.23 -4.89 -3.37
CA SER A 53 11.84 -5.90 -4.18
C SER A 53 10.80 -6.97 -4.48
N GLY A 54 10.20 -6.88 -5.65
CA GLY A 54 9.17 -7.83 -6.07
C GLY A 54 7.94 -7.76 -5.20
N CYS A 55 7.43 -6.53 -5.03
CA CYS A 55 6.24 -6.23 -4.21
C CYS A 55 6.50 -6.38 -2.71
N THR A 56 7.67 -6.87 -2.37
CA THR A 56 8.07 -7.06 -1.00
C THR A 56 8.95 -5.90 -0.54
N PRO A 57 8.45 -5.07 0.37
CA PRO A 57 9.22 -4.02 0.98
C PRO A 57 10.12 -4.58 2.06
N GLU A 58 11.14 -3.83 2.41
CA GLU A 58 12.02 -4.23 3.46
C GLU A 58 11.36 -4.04 4.79
N GLN A 59 11.18 -5.14 5.49
CA GLN A 59 10.60 -5.18 6.81
C GLN A 59 11.35 -4.28 7.77
N SER A 60 12.63 -4.15 7.53
CA SER A 60 13.50 -3.36 8.36
C SER A 60 13.18 -1.87 8.25
N GLN A 61 12.54 -1.43 7.16
CA GLN A 61 12.23 -0.03 7.04
C GLN A 61 10.87 0.24 7.61
N ILE A 62 10.20 -0.81 8.05
CA ILE A 62 8.88 -0.65 8.58
C ILE A 62 8.98 -0.39 10.07
N PRO A 63 8.39 0.71 10.54
CA PRO A 63 8.36 1.03 11.95
C PRO A 63 7.48 0.04 12.73
N GLN A 64 7.66 0.00 14.01
CA GLN A 64 6.89 -0.87 14.85
C GLN A 64 5.56 -0.22 15.15
N GLY A 65 4.53 -1.02 15.23
CA GLY A 65 3.22 -0.48 15.46
C GLY A 65 2.50 -0.20 14.17
N TYR A 66 3.00 -0.79 13.13
CA TYR A 66 2.49 -0.62 11.80
C TYR A 66 2.44 -1.94 11.09
N SER A 67 1.30 -2.23 10.56
CA SER A 67 1.11 -3.42 9.80
C SER A 67 1.21 -3.09 8.36
N VAL A 68 2.02 -3.82 7.69
CA VAL A 68 2.24 -3.59 6.30
C VAL A 68 1.82 -4.80 5.48
N GLU A 69 0.93 -4.56 4.57
CA GLU A 69 0.34 -5.59 3.77
C GLU A 69 0.97 -5.56 2.39
N HIS A 70 1.48 -6.68 1.94
CA HIS A 70 2.21 -6.73 0.68
C HIS A 70 1.39 -7.47 -0.33
N MET A 71 1.26 -6.92 -1.51
CA MET A 71 0.52 -7.55 -2.57
C MET A 71 0.87 -6.95 -3.89
N THR A 72 0.36 -7.52 -4.91
CA THR A 72 0.52 -6.97 -6.19
C THR A 72 -0.62 -6.04 -6.42
N TYR A 73 -0.44 -5.16 -7.36
CA TYR A 73 -1.46 -4.23 -7.71
C TYR A 73 -2.68 -4.96 -8.24
N LYS A 74 -2.45 -5.99 -9.03
CA LYS A 74 -3.54 -6.80 -9.55
C LYS A 74 -4.29 -7.54 -8.43
N ASN A 75 -3.56 -8.02 -7.41
CA ASN A 75 -4.23 -8.66 -6.26
C ASN A 75 -5.03 -7.67 -5.51
N TYR A 76 -4.47 -6.49 -5.30
CA TYR A 76 -5.18 -5.42 -4.64
C TYR A 76 -6.48 -5.13 -5.36
N LEU A 77 -6.40 -5.01 -6.68
CA LEU A 77 -7.53 -4.72 -7.50
C LEU A 77 -8.57 -5.78 -7.36
N ARG A 78 -8.15 -7.03 -7.39
CA ARG A 78 -9.11 -8.12 -7.30
C ARG A 78 -9.77 -8.11 -5.91
N GLN A 79 -9.00 -7.77 -4.89
CA GLN A 79 -9.51 -7.74 -3.52
C GLN A 79 -10.54 -6.65 -3.33
N GLU A 80 -10.26 -5.48 -3.86
CA GLU A 80 -11.19 -4.38 -3.72
C GLU A 80 -12.43 -4.63 -4.58
N ILE A 81 -12.25 -5.33 -5.69
CA ILE A 81 -13.35 -5.67 -6.54
C ILE A 81 -14.25 -6.66 -5.83
N LEU A 82 -13.65 -7.59 -5.16
CA LEU A 82 -14.40 -8.62 -4.45
C LEU A 82 -15.09 -8.07 -3.22
N ASN A 83 -14.46 -7.11 -2.57
CA ASN A 83 -15.02 -6.49 -1.38
C ASN A 83 -16.03 -5.43 -1.72
N GLU A 84 -15.67 -4.53 -2.60
CA GLU A 84 -16.49 -3.37 -2.88
C GLU A 84 -17.45 -3.61 -4.03
N ARG A 85 -16.95 -4.33 -5.02
CA ARG A 85 -17.67 -4.65 -6.25
C ARG A 85 -18.10 -3.39 -7.00
N PRO A 86 -17.16 -2.76 -7.74
CA PRO A 86 -17.45 -1.57 -8.54
C PRO A 86 -18.14 -1.96 -9.85
N PHE A 87 -18.03 -3.22 -10.18
CA PHE A 87 -18.67 -3.75 -11.37
C PHE A 87 -20.10 -4.12 -11.02
N TRP A 88 -20.85 -4.56 -12.03
CA TRP A 88 -22.28 -4.85 -11.91
C TRP A 88 -23.04 -3.55 -11.63
N PRO A 89 -23.57 -2.94 -12.68
CA PRO A 89 -24.26 -1.67 -12.57
C PRO A 89 -25.66 -1.82 -11.97
N GLY A 1 -10.55 5.49 -2.33
CA GLY A 1 -10.80 6.21 -1.08
C GLY A 1 -9.67 7.15 -0.81
N PRO A 2 -9.22 7.30 0.45
CA PRO A 2 -8.08 8.14 0.75
C PRO A 2 -6.78 7.51 0.20
N HIS A 3 -6.24 6.49 0.91
CA HIS A 3 -5.11 5.63 0.47
C HIS A 3 -3.77 6.37 0.28
N MET A 4 -3.82 7.70 0.26
CA MET A 4 -2.72 8.55 -0.26
C MET A 4 -2.62 8.29 -1.75
N GLY A 5 -3.74 7.89 -2.32
CA GLY A 5 -3.79 7.54 -3.70
C GLY A 5 -4.82 8.34 -4.43
N LYS A 6 -4.43 9.51 -4.86
CA LYS A 6 -5.29 10.37 -5.67
C LYS A 6 -5.20 9.96 -7.10
N HIS A 7 -4.10 9.39 -7.42
CA HIS A 7 -3.82 8.96 -8.75
C HIS A 7 -3.71 7.47 -8.83
N GLY A 8 -4.45 6.94 -9.74
CA GLY A 8 -4.44 5.55 -10.01
C GLY A 8 -4.16 5.36 -11.44
N ARG A 9 -2.87 5.41 -11.79
CA ARG A 9 -2.41 5.23 -13.18
C ARG A 9 -2.88 3.89 -13.74
N ASP A 10 -3.03 2.91 -12.83
CA ASP A 10 -3.53 1.55 -13.14
C ASP A 10 -2.50 0.75 -13.93
N ASP A 11 -1.28 1.20 -13.85
CA ASP A 11 -0.13 0.64 -14.59
C ASP A 11 0.79 -0.06 -13.63
N TYR A 12 0.40 -0.03 -12.41
CA TYR A 12 1.17 -0.52 -11.30
C TYR A 12 1.34 -2.03 -11.31
N ASP A 13 2.32 -2.49 -10.58
CA ASP A 13 2.63 -3.91 -10.48
C ASP A 13 2.35 -4.36 -9.09
N CYS A 14 2.73 -3.55 -8.15
CA CYS A 14 2.62 -3.91 -6.77
C CYS A 14 1.72 -2.95 -6.03
N THR A 15 1.29 -3.36 -4.89
CA THR A 15 0.49 -2.57 -4.01
C THR A 15 0.88 -2.87 -2.56
N VAL A 16 1.12 -1.85 -1.80
CA VAL A 16 1.50 -2.02 -0.42
C VAL A 16 0.56 -1.18 0.43
N ILE A 17 -0.02 -1.77 1.45
CA ILE A 17 -0.99 -1.09 2.28
C ILE A 17 -0.45 -0.93 3.69
N PHE A 18 -0.45 0.27 4.20
CA PHE A 18 0.05 0.53 5.52
C PHE A 18 -1.09 0.72 6.47
N ARG A 19 -1.06 0.01 7.56
CA ARG A 19 -2.06 0.14 8.59
C ARG A 19 -1.42 0.38 9.94
N ASN A 20 -1.72 1.51 10.51
CA ASN A 20 -1.23 1.91 11.81
C ASN A 20 -1.87 1.00 12.83
N ASN A 21 -1.08 0.28 13.58
CA ASN A 21 -1.64 -0.62 14.59
C ASN A 21 -2.02 0.13 15.83
N HIS A 22 -1.25 1.17 16.13
CA HIS A 22 -1.54 1.97 17.33
C HIS A 22 -2.71 2.92 17.07
N ALA A 23 -2.94 3.26 15.82
CA ALA A 23 -4.05 4.10 15.46
C ALA A 23 -5.04 3.32 14.63
N PRO A 24 -6.14 2.84 15.21
CA PRO A 24 -7.11 2.04 14.50
C PRO A 24 -8.06 2.89 13.66
N GLU A 25 -8.12 4.17 13.99
CA GLU A 25 -9.01 5.12 13.34
C GLU A 25 -8.41 5.57 12.04
N ARG A 26 -7.10 5.45 11.96
CA ARG A 26 -6.37 5.82 10.78
C ARG A 26 -6.70 4.97 9.59
N GLN A 27 -6.71 5.60 8.47
CA GLN A 27 -7.03 5.01 7.19
C GLN A 27 -5.87 4.14 6.70
N PRO A 28 -6.14 3.04 5.99
CA PRO A 28 -5.09 2.25 5.40
C PRO A 28 -4.49 2.98 4.21
N ILE A 29 -3.21 3.07 4.20
CA ILE A 29 -2.55 3.75 3.15
C ILE A 29 -2.20 2.75 2.07
N VAL A 30 -2.99 2.74 1.04
CA VAL A 30 -2.79 1.84 -0.05
C VAL A 30 -1.98 2.53 -1.12
N VAL A 31 -0.74 2.18 -1.22
CA VAL A 31 0.11 2.77 -2.20
C VAL A 31 0.32 1.78 -3.31
N HIS A 32 0.02 2.21 -4.49
CA HIS A 32 0.18 1.39 -5.65
C HIS A 32 1.58 1.65 -6.14
N THR A 33 2.31 0.63 -6.44
CA THR A 33 3.69 0.77 -6.80
C THR A 33 4.05 -0.11 -8.00
N TYR A 34 5.27 -0.04 -8.42
CA TYR A 34 5.75 -0.88 -9.50
C TYR A 34 6.79 -1.83 -8.95
N TYR A 35 7.26 -2.76 -9.77
CA TYR A 35 8.28 -3.69 -9.33
C TYR A 35 9.54 -2.99 -8.85
N SER A 36 9.87 -3.27 -7.60
CA SER A 36 11.09 -2.86 -6.96
C SER A 36 11.38 -1.37 -7.11
N ARG A 37 10.54 -0.60 -6.49
CA ARG A 37 10.65 0.83 -6.48
C ARG A 37 10.95 1.24 -5.04
N ASP A 38 11.04 2.49 -4.83
CA ASP A 38 11.15 2.99 -3.50
C ASP A 38 9.79 3.37 -3.05
N LEU A 39 9.53 3.21 -1.82
CA LEU A 39 8.27 3.51 -1.29
C LEU A 39 8.43 4.44 -0.11
N PRO A 40 8.30 5.74 -0.34
CA PRO A 40 8.32 6.72 0.71
C PRO A 40 6.96 6.81 1.40
N ILE A 41 6.95 6.50 2.65
CA ILE A 41 5.75 6.52 3.43
C ILE A 41 6.03 7.32 4.71
N GLU A 42 5.17 8.22 5.09
CA GLU A 42 5.42 8.97 6.30
C GLU A 42 4.67 8.38 7.47
N LEU A 43 5.39 7.67 8.30
CA LEU A 43 4.85 7.06 9.49
C LEU A 43 5.34 7.84 10.67
N ASP A 44 4.39 8.40 11.42
CA ASP A 44 4.67 9.26 12.60
C ASP A 44 5.30 10.58 12.13
N GLY A 45 5.13 10.85 10.86
CA GLY A 45 5.71 12.02 10.23
C GLY A 45 7.09 11.73 9.66
N VAL A 46 7.53 10.51 9.83
CA VAL A 46 8.84 10.08 9.39
C VAL A 46 8.70 9.47 8.02
N ARG A 47 9.30 10.08 7.04
CA ARG A 47 9.33 9.50 5.74
C ARG A 47 10.25 8.30 5.75
N HIS A 48 9.71 7.16 5.54
CA HIS A 48 10.50 5.97 5.42
C HIS A 48 10.59 5.67 3.97
N THR A 49 11.76 5.66 3.44
CA THR A 49 11.94 5.30 2.07
C THR A 49 12.26 3.82 2.05
N ILE A 50 11.29 3.04 1.72
CA ILE A 50 11.40 1.63 1.77
C ILE A 50 11.78 1.11 0.42
N GLN A 51 12.61 0.13 0.35
CA GLN A 51 12.92 -0.44 -0.92
C GLN A 51 12.01 -1.62 -1.17
N LEU A 52 11.32 -1.59 -2.26
CA LEU A 52 10.52 -2.68 -2.67
C LEU A 52 11.36 -3.61 -3.46
N SER A 53 11.12 -4.84 -3.30
CA SER A 53 11.79 -5.85 -4.03
C SER A 53 10.73 -6.85 -4.46
N GLY A 54 10.23 -6.66 -5.68
CA GLY A 54 9.20 -7.54 -6.23
C GLY A 54 7.95 -7.59 -5.37
N CYS A 55 7.39 -6.40 -5.13
CA CYS A 55 6.15 -6.22 -4.33
C CYS A 55 6.39 -6.36 -2.82
N THR A 56 7.55 -6.85 -2.43
CA THR A 56 7.89 -7.02 -1.05
C THR A 56 8.80 -5.87 -0.57
N PRO A 57 8.29 -4.99 0.31
CA PRO A 57 9.08 -3.93 0.92
C PRO A 57 10.04 -4.48 1.96
N GLU A 58 10.89 -3.62 2.44
CA GLU A 58 11.83 -3.98 3.44
C GLU A 58 11.25 -3.79 4.81
N GLN A 59 11.06 -4.88 5.49
CA GLN A 59 10.54 -4.95 6.82
C GLN A 59 11.37 -4.09 7.78
N SER A 60 12.64 -4.03 7.53
CA SER A 60 13.56 -3.29 8.37
C SER A 60 13.29 -1.77 8.31
N GLN A 61 12.68 -1.31 7.22
CA GLN A 61 12.42 0.10 7.09
C GLN A 61 11.11 0.44 7.76
N ILE A 62 10.39 -0.58 8.18
CA ILE A 62 9.10 -0.38 8.78
C ILE A 62 9.25 -0.18 10.28
N PRO A 63 8.70 0.90 10.83
CA PRO A 63 8.71 1.17 12.26
C PRO A 63 7.76 0.23 12.99
N GLN A 64 7.88 0.20 14.28
CA GLN A 64 7.03 -0.60 15.09
C GLN A 64 5.67 0.07 15.26
N GLY A 65 4.64 -0.72 15.34
CA GLY A 65 3.31 -0.21 15.54
C GLY A 65 2.61 0.06 14.25
N TYR A 66 3.17 -0.44 13.19
CA TYR A 66 2.65 -0.25 11.86
C TYR A 66 2.72 -1.54 11.08
N SER A 67 1.60 -1.94 10.55
CA SER A 67 1.53 -3.10 9.71
C SER A 67 1.60 -2.71 8.27
N VAL A 68 2.33 -3.47 7.55
CA VAL A 68 2.52 -3.26 6.14
C VAL A 68 2.05 -4.51 5.41
N GLU A 69 1.06 -4.35 4.59
CA GLU A 69 0.49 -5.44 3.85
C GLU A 69 1.05 -5.41 2.45
N HIS A 70 1.56 -6.52 2.02
CA HIS A 70 2.25 -6.59 0.75
C HIS A 70 1.40 -7.33 -0.22
N MET A 71 1.24 -6.79 -1.40
CA MET A 71 0.46 -7.44 -2.41
C MET A 71 0.79 -6.91 -3.76
N THR A 72 0.22 -7.52 -4.73
CA THR A 72 0.38 -7.08 -6.05
C THR A 72 -0.77 -6.14 -6.38
N TYR A 73 -0.59 -5.34 -7.39
CA TYR A 73 -1.60 -4.42 -7.82
C TYR A 73 -2.82 -5.21 -8.27
N LYS A 74 -2.56 -6.33 -8.91
CA LYS A 74 -3.63 -7.20 -9.39
C LYS A 74 -4.44 -7.81 -8.23
N ASN A 75 -3.73 -8.21 -7.17
CA ASN A 75 -4.43 -8.73 -5.97
C ASN A 75 -5.26 -7.66 -5.35
N TYR A 76 -4.67 -6.48 -5.19
CA TYR A 76 -5.38 -5.33 -4.67
C TYR A 76 -6.66 -5.04 -5.46
N LEU A 77 -6.54 -5.02 -6.79
CA LEU A 77 -7.65 -4.74 -7.67
C LEU A 77 -8.70 -5.81 -7.51
N ARG A 78 -8.25 -7.03 -7.42
CA ARG A 78 -9.09 -8.17 -7.25
C ARG A 78 -9.87 -8.05 -5.94
N GLN A 79 -9.17 -7.68 -4.89
CA GLN A 79 -9.76 -7.60 -3.57
C GLN A 79 -10.77 -6.49 -3.47
N GLU A 80 -10.49 -5.37 -4.09
CA GLU A 80 -11.45 -4.27 -4.06
C GLU A 80 -12.65 -4.60 -4.94
N ILE A 81 -12.42 -5.37 -5.99
CA ILE A 81 -13.50 -5.79 -6.83
C ILE A 81 -14.41 -6.73 -6.06
N LEU A 82 -13.82 -7.58 -5.28
CA LEU A 82 -14.56 -8.54 -4.50
C LEU A 82 -15.29 -7.88 -3.33
N ASN A 83 -14.66 -6.88 -2.75
CA ASN A 83 -15.25 -6.18 -1.61
C ASN A 83 -16.27 -5.12 -2.02
N GLU A 84 -15.95 -4.36 -3.04
CA GLU A 84 -16.81 -3.26 -3.44
C GLU A 84 -17.79 -3.70 -4.49
N ARG A 85 -17.30 -4.52 -5.40
CA ARG A 85 -18.04 -5.00 -6.58
C ARG A 85 -18.52 -3.82 -7.45
N PRO A 86 -17.58 -3.25 -8.26
CA PRO A 86 -17.87 -2.09 -9.13
C PRO A 86 -18.76 -2.46 -10.30
N PHE A 87 -18.74 -3.72 -10.62
CA PHE A 87 -19.51 -4.26 -11.68
C PHE A 87 -20.21 -5.49 -11.20
N TRP A 88 -21.35 -5.76 -11.76
CA TRP A 88 -22.12 -6.91 -11.40
C TRP A 88 -22.16 -7.87 -12.57
N PRO A 89 -21.47 -9.02 -12.46
CA PRO A 89 -21.45 -10.05 -13.49
C PRO A 89 -22.83 -10.64 -13.73
N GLY A 1 5.84 7.63 -7.21
CA GLY A 1 7.20 7.83 -6.69
C GLY A 1 7.17 8.84 -5.58
N PRO A 2 7.96 9.94 -5.68
CA PRO A 2 7.93 11.01 -4.68
C PRO A 2 6.64 11.81 -4.77
N HIS A 3 5.98 11.69 -5.90
CA HIS A 3 4.73 12.34 -6.13
C HIS A 3 3.64 11.30 -6.25
N MET A 4 2.42 11.72 -6.02
CA MET A 4 1.28 10.82 -6.06
C MET A 4 0.95 10.46 -7.50
N GLY A 5 0.42 9.28 -7.67
CA GLY A 5 0.08 8.80 -8.98
C GLY A 5 -1.35 8.35 -9.05
N LYS A 6 -2.24 9.11 -8.44
CA LYS A 6 -3.64 8.77 -8.49
C LYS A 6 -4.27 9.28 -9.74
N HIS A 7 -4.14 8.49 -10.74
CA HIS A 7 -4.68 8.69 -12.06
C HIS A 7 -5.11 7.34 -12.55
N GLY A 8 -5.61 7.24 -13.74
CA GLY A 8 -6.11 5.99 -14.23
C GLY A 8 -5.05 5.28 -14.99
N ARG A 9 -3.86 5.22 -14.40
CA ARG A 9 -2.75 4.55 -14.99
C ARG A 9 -3.10 3.07 -15.08
N ASP A 10 -3.34 2.49 -13.88
CA ASP A 10 -3.72 1.06 -13.72
C ASP A 10 -2.60 0.15 -14.28
N ASP A 11 -1.40 0.70 -14.26
CA ASP A 11 -0.20 0.04 -14.81
C ASP A 11 0.68 -0.48 -13.72
N TYR A 12 0.29 -0.21 -12.53
CA TYR A 12 1.04 -0.59 -11.35
C TYR A 12 1.21 -2.10 -11.27
N ASP A 13 2.23 -2.50 -10.59
CA ASP A 13 2.54 -3.91 -10.47
C ASP A 13 2.34 -4.33 -9.05
N CYS A 14 2.67 -3.46 -8.14
CA CYS A 14 2.64 -3.78 -6.75
C CYS A 14 1.73 -2.84 -5.99
N THR A 15 1.29 -3.27 -4.85
CA THR A 15 0.47 -2.51 -3.97
C THR A 15 0.84 -2.83 -2.52
N VAL A 16 1.12 -1.82 -1.75
CA VAL A 16 1.48 -2.03 -0.37
C VAL A 16 0.58 -1.16 0.50
N ILE A 17 0.04 -1.71 1.57
CA ILE A 17 -0.88 -0.98 2.42
C ILE A 17 -0.28 -0.82 3.82
N PHE A 18 -0.28 0.39 4.31
CA PHE A 18 0.21 0.65 5.64
C PHE A 18 -0.94 0.82 6.59
N ARG A 19 -1.03 -0.05 7.55
CA ARG A 19 -2.10 0.01 8.52
C ARG A 19 -1.50 0.35 9.88
N ASN A 20 -1.90 1.46 10.45
CA ASN A 20 -1.40 1.87 11.76
C ASN A 20 -1.95 0.90 12.80
N ASN A 21 -1.09 0.21 13.50
CA ASN A 21 -1.53 -0.75 14.51
C ASN A 21 -1.97 -0.06 15.76
N HIS A 22 -1.30 1.02 16.08
CA HIS A 22 -1.64 1.77 17.27
C HIS A 22 -2.84 2.67 17.05
N ALA A 23 -3.08 3.05 15.82
CA ALA A 23 -4.24 3.83 15.51
C ALA A 23 -5.18 3.04 14.63
N PRO A 24 -6.24 2.44 15.17
CA PRO A 24 -7.17 1.66 14.36
C PRO A 24 -8.09 2.55 13.53
N GLU A 25 -8.26 3.78 13.99
CA GLU A 25 -9.11 4.75 13.34
C GLU A 25 -8.46 5.28 12.09
N ARG A 26 -7.15 5.37 12.13
CA ARG A 26 -6.36 5.82 11.02
C ARG A 26 -6.54 4.92 9.82
N GLN A 27 -6.85 5.54 8.73
CA GLN A 27 -7.08 4.87 7.47
C GLN A 27 -5.81 4.19 6.96
N PRO A 28 -5.97 3.04 6.30
CA PRO A 28 -4.84 2.32 5.75
C PRO A 28 -4.33 3.03 4.50
N ILE A 29 -3.05 3.18 4.43
CA ILE A 29 -2.44 3.85 3.32
C ILE A 29 -2.12 2.85 2.24
N VAL A 30 -2.94 2.83 1.21
CA VAL A 30 -2.76 1.92 0.11
C VAL A 30 -1.99 2.64 -0.99
N VAL A 31 -0.75 2.24 -1.18
CA VAL A 31 0.07 2.85 -2.19
C VAL A 31 0.31 1.85 -3.30
N HIS A 32 0.08 2.28 -4.51
CA HIS A 32 0.26 1.46 -5.66
C HIS A 32 1.65 1.75 -6.18
N THR A 33 2.38 0.72 -6.51
CA THR A 33 3.74 0.85 -6.93
C THR A 33 4.02 -0.09 -8.12
N TYR A 34 5.24 -0.12 -8.59
CA TYR A 34 5.64 -1.02 -9.68
C TYR A 34 6.61 -2.05 -9.12
N TYR A 35 7.00 -3.03 -9.91
CA TYR A 35 7.92 -4.07 -9.43
C TYR A 35 9.27 -3.49 -9.00
N SER A 36 9.58 -3.73 -7.74
CA SER A 36 10.84 -3.36 -7.12
C SER A 36 11.20 -1.87 -7.31
N ARG A 37 10.45 -1.03 -6.64
CA ARG A 37 10.61 0.40 -6.67
C ARG A 37 10.91 0.85 -5.25
N ASP A 38 10.97 2.12 -5.06
CA ASP A 38 11.11 2.67 -3.74
C ASP A 38 9.74 3.07 -3.26
N LEU A 39 9.55 3.10 -1.98
CA LEU A 39 8.29 3.44 -1.43
C LEU A 39 8.46 4.39 -0.26
N PRO A 40 8.34 5.69 -0.50
CA PRO A 40 8.39 6.68 0.54
C PRO A 40 7.03 6.83 1.24
N ILE A 41 7.01 6.52 2.49
CA ILE A 41 5.82 6.62 3.29
C ILE A 41 6.18 7.45 4.52
N GLU A 42 5.27 8.15 5.10
CA GLU A 42 5.57 8.89 6.31
C GLU A 42 4.81 8.33 7.48
N LEU A 43 5.52 7.63 8.32
CA LEU A 43 4.95 7.00 9.49
C LEU A 43 5.39 7.76 10.70
N ASP A 44 4.41 8.25 11.45
CA ASP A 44 4.65 9.02 12.69
C ASP A 44 5.33 10.37 12.35
N GLY A 45 5.21 10.76 11.07
CA GLY A 45 5.81 11.98 10.58
C GLY A 45 7.19 11.75 10.01
N VAL A 46 7.63 10.50 10.02
CA VAL A 46 8.93 10.14 9.54
C VAL A 46 8.82 9.50 8.19
N ARG A 47 9.42 10.09 7.22
CA ARG A 47 9.44 9.52 5.91
C ARG A 47 10.38 8.34 5.89
N HIS A 48 9.84 7.21 5.58
CA HIS A 48 10.61 6.03 5.42
C HIS A 48 10.63 5.71 3.95
N THR A 49 11.79 5.69 3.36
CA THR A 49 11.89 5.32 2.00
C THR A 49 12.25 3.85 1.97
N ILE A 50 11.30 3.06 1.62
CA ILE A 50 11.42 1.64 1.68
C ILE A 50 11.82 1.12 0.33
N GLN A 51 12.54 0.05 0.30
CA GLN A 51 12.91 -0.60 -0.90
C GLN A 51 11.93 -1.74 -1.14
N LEU A 52 11.29 -1.73 -2.26
CA LEU A 52 10.42 -2.81 -2.63
C LEU A 52 11.19 -3.81 -3.41
N SER A 53 10.94 -5.04 -3.15
CA SER A 53 11.52 -6.12 -3.85
C SER A 53 10.40 -7.07 -4.22
N GLY A 54 9.92 -6.98 -5.45
CA GLY A 54 8.87 -7.86 -5.94
C GLY A 54 7.61 -7.74 -5.12
N CYS A 55 7.21 -6.50 -4.86
CA CYS A 55 6.00 -6.15 -4.09
C CYS A 55 6.18 -6.36 -2.58
N THR A 56 7.34 -6.81 -2.18
CA THR A 56 7.65 -6.98 -0.79
C THR A 56 8.64 -5.90 -0.35
N PRO A 57 8.21 -4.98 0.52
CA PRO A 57 9.07 -3.94 1.08
C PRO A 57 10.04 -4.47 2.14
N GLU A 58 10.99 -3.65 2.52
CA GLU A 58 11.92 -4.00 3.55
C GLU A 58 11.36 -3.68 4.92
N GLN A 59 11.14 -4.75 5.68
CA GLN A 59 10.64 -4.72 7.04
C GLN A 59 11.51 -3.83 7.93
N SER A 60 12.77 -3.77 7.60
CA SER A 60 13.74 -2.99 8.31
C SER A 60 13.42 -1.50 8.27
N GLN A 61 12.75 -1.07 7.21
CA GLN A 61 12.45 0.33 7.03
C GLN A 61 11.14 0.65 7.72
N ILE A 62 10.49 -0.36 8.25
CA ILE A 62 9.20 -0.18 8.87
C ILE A 62 9.38 0.01 10.37
N PRO A 63 8.79 1.07 10.94
CA PRO A 63 8.79 1.29 12.39
C PRO A 63 7.84 0.32 13.08
N GLN A 64 7.95 0.25 14.37
CA GLN A 64 7.07 -0.59 15.15
C GLN A 64 5.73 0.12 15.35
N GLY A 65 4.68 -0.64 15.45
CA GLY A 65 3.36 -0.07 15.63
C GLY A 65 2.64 0.10 14.31
N TYR A 66 3.20 -0.44 13.26
CA TYR A 66 2.64 -0.32 11.93
C TYR A 66 2.67 -1.64 11.19
N SER A 67 1.57 -1.98 10.58
CA SER A 67 1.44 -3.17 9.78
C SER A 67 1.56 -2.81 8.33
N VAL A 68 2.27 -3.61 7.64
CA VAL A 68 2.47 -3.41 6.23
C VAL A 68 1.92 -4.62 5.48
N GLU A 69 0.98 -4.37 4.61
CA GLU A 69 0.33 -5.41 3.85
C GLU A 69 0.91 -5.42 2.46
N HIS A 70 1.35 -6.57 2.01
CA HIS A 70 2.05 -6.66 0.74
C HIS A 70 1.18 -7.40 -0.25
N MET A 71 1.07 -6.86 -1.43
CA MET A 71 0.32 -7.49 -2.49
C MET A 71 0.72 -6.90 -3.81
N THR A 72 0.21 -7.44 -4.85
CA THR A 72 0.44 -6.88 -6.12
C THR A 72 -0.70 -5.97 -6.43
N TYR A 73 -0.54 -5.14 -7.41
CA TYR A 73 -1.57 -4.24 -7.85
C TYR A 73 -2.77 -5.01 -8.33
N LYS A 74 -2.50 -6.10 -9.02
CA LYS A 74 -3.57 -6.94 -9.54
C LYS A 74 -4.30 -7.66 -8.43
N ASN A 75 -3.59 -8.02 -7.38
CA ASN A 75 -4.25 -8.60 -6.21
C ASN A 75 -5.09 -7.55 -5.55
N TYR A 76 -4.55 -6.35 -5.43
CA TYR A 76 -5.29 -5.23 -4.88
C TYR A 76 -6.56 -4.97 -5.68
N LEU A 77 -6.45 -5.02 -7.00
CA LEU A 77 -7.56 -4.79 -7.88
C LEU A 77 -8.61 -5.82 -7.65
N ARG A 78 -8.20 -7.08 -7.55
CA ARG A 78 -9.16 -8.12 -7.33
C ARG A 78 -9.79 -7.91 -5.96
N GLN A 79 -9.01 -7.40 -5.00
CA GLN A 79 -9.49 -7.21 -3.64
C GLN A 79 -10.50 -6.11 -3.55
N GLU A 80 -10.29 -5.01 -4.26
CA GLU A 80 -11.30 -3.96 -4.26
C GLU A 80 -12.54 -4.42 -5.01
N ILE A 81 -12.34 -5.26 -6.00
CA ILE A 81 -13.46 -5.80 -6.74
C ILE A 81 -14.24 -6.77 -5.84
N LEU A 82 -13.53 -7.51 -5.03
CA LEU A 82 -14.13 -8.47 -4.10
C LEU A 82 -14.78 -7.75 -2.93
N ASN A 83 -14.15 -6.70 -2.46
CA ASN A 83 -14.65 -5.93 -1.33
C ASN A 83 -15.78 -5.02 -1.70
N GLU A 84 -15.68 -4.35 -2.83
CA GLU A 84 -16.71 -3.39 -3.18
C GLU A 84 -17.77 -4.00 -4.06
N ARG A 85 -17.34 -4.87 -4.96
CA ARG A 85 -18.19 -5.50 -5.98
C ARG A 85 -18.92 -4.45 -6.80
N PRO A 86 -18.24 -3.85 -7.79
CA PRO A 86 -18.79 -2.76 -8.61
C PRO A 86 -19.85 -3.25 -9.58
N PHE A 87 -19.79 -4.51 -9.91
CA PHE A 87 -20.70 -5.11 -10.84
C PHE A 87 -21.35 -6.31 -10.21
N TRP A 88 -22.58 -6.54 -10.58
CA TRP A 88 -23.33 -7.67 -10.11
C TRP A 88 -23.96 -8.37 -11.30
N PRO A 89 -23.43 -9.55 -11.67
CA PRO A 89 -24.02 -10.37 -12.74
C PRO A 89 -25.45 -10.78 -12.39
N GLY A 1 -5.71 12.90 7.04
CA GLY A 1 -4.78 13.11 5.94
C GLY A 1 -5.40 12.74 4.62
N PRO A 2 -5.44 13.65 3.63
CA PRO A 2 -5.92 13.32 2.29
C PRO A 2 -4.99 12.30 1.64
N HIS A 3 -5.54 11.23 1.12
CA HIS A 3 -4.72 10.20 0.53
C HIS A 3 -4.40 10.56 -0.90
N MET A 4 -3.14 10.51 -1.24
CA MET A 4 -2.72 10.75 -2.60
C MET A 4 -2.82 9.43 -3.36
N GLY A 5 -4.05 8.98 -3.51
CA GLY A 5 -4.30 7.70 -4.09
C GLY A 5 -5.03 7.77 -5.40
N LYS A 6 -5.05 8.94 -5.99
CA LYS A 6 -5.69 9.10 -7.27
C LYS A 6 -4.70 8.84 -8.38
N HIS A 7 -4.28 7.61 -8.46
CA HIS A 7 -3.35 7.21 -9.46
C HIS A 7 -3.70 5.87 -10.00
N GLY A 8 -4.55 5.92 -10.98
CA GLY A 8 -5.09 4.75 -11.60
C GLY A 8 -4.53 4.60 -12.96
N ARG A 9 -3.21 4.63 -13.04
CA ARG A 9 -2.50 4.49 -14.30
C ARG A 9 -2.58 3.04 -14.79
N ASP A 10 -3.02 2.15 -13.87
CA ASP A 10 -3.35 0.71 -14.11
C ASP A 10 -2.11 -0.13 -14.43
N ASP A 11 -1.02 0.53 -14.49
CA ASP A 11 0.25 -0.03 -14.99
C ASP A 11 1.11 -0.54 -13.87
N TYR A 12 0.66 -0.25 -12.69
CA TYR A 12 1.36 -0.64 -11.47
C TYR A 12 1.45 -2.14 -11.33
N ASP A 13 2.46 -2.60 -10.68
CA ASP A 13 2.68 -4.02 -10.51
C ASP A 13 2.44 -4.40 -9.09
N CYS A 14 2.80 -3.53 -8.19
CA CYS A 14 2.74 -3.81 -6.80
C CYS A 14 1.86 -2.82 -6.07
N THR A 15 1.41 -3.23 -4.93
CA THR A 15 0.62 -2.42 -4.06
C THR A 15 0.98 -2.75 -2.62
N VAL A 16 1.29 -1.77 -1.87
CA VAL A 16 1.60 -1.99 -0.48
C VAL A 16 0.67 -1.15 0.37
N ILE A 17 0.06 -1.76 1.37
CA ILE A 17 -0.90 -1.09 2.20
C ILE A 17 -0.38 -1.00 3.62
N PHE A 18 -0.37 0.18 4.16
CA PHE A 18 0.15 0.42 5.49
C PHE A 18 -0.98 0.58 6.47
N ARG A 19 -0.96 -0.20 7.53
CA ARG A 19 -1.98 -0.12 8.54
C ARG A 19 -1.35 0.23 9.88
N ASN A 20 -1.74 1.34 10.45
CA ASN A 20 -1.26 1.75 11.76
C ASN A 20 -1.95 0.87 12.79
N ASN A 21 -1.19 0.02 13.43
CA ASN A 21 -1.76 -0.92 14.41
C ASN A 21 -2.16 -0.20 15.67
N HIS A 22 -1.40 0.79 16.03
CA HIS A 22 -1.68 1.55 17.24
C HIS A 22 -2.74 2.62 17.02
N ALA A 23 -2.96 3.01 15.77
CA ALA A 23 -4.00 3.97 15.49
C ALA A 23 -5.11 3.33 14.69
N PRO A 24 -6.23 2.97 15.31
CA PRO A 24 -7.37 2.40 14.58
C PRO A 24 -8.05 3.47 13.72
N GLU A 25 -7.81 4.73 14.12
CA GLU A 25 -8.33 5.90 13.46
C GLU A 25 -7.72 6.04 12.08
N ARG A 26 -6.44 5.69 12.00
CA ARG A 26 -5.72 5.76 10.75
C ARG A 26 -6.30 4.78 9.77
N GLN A 27 -6.56 5.25 8.62
CA GLN A 27 -7.07 4.43 7.55
C GLN A 27 -5.89 3.85 6.80
N PRO A 28 -6.02 2.61 6.27
CA PRO A 28 -4.95 1.96 5.53
C PRO A 28 -4.48 2.77 4.33
N ILE A 29 -3.21 2.98 4.27
CA ILE A 29 -2.60 3.74 3.26
C ILE A 29 -2.22 2.81 2.13
N VAL A 30 -2.93 2.91 1.06
CA VAL A 30 -2.69 2.09 -0.12
C VAL A 30 -1.84 2.86 -1.12
N VAL A 31 -0.65 2.38 -1.39
CA VAL A 31 0.20 2.99 -2.38
C VAL A 31 0.48 1.97 -3.47
N HIS A 32 0.30 2.37 -4.70
CA HIS A 32 0.50 1.50 -5.83
C HIS A 32 1.91 1.75 -6.32
N THR A 33 2.63 0.71 -6.62
CA THR A 33 4.01 0.81 -7.04
C THR A 33 4.27 -0.17 -8.21
N TYR A 34 5.50 -0.24 -8.68
CA TYR A 34 5.88 -1.18 -9.73
C TYR A 34 6.87 -2.18 -9.14
N TYR A 35 7.23 -3.20 -9.90
CA TYR A 35 8.21 -4.17 -9.43
C TYR A 35 9.53 -3.54 -9.04
N SER A 36 9.89 -3.76 -7.78
CA SER A 36 11.14 -3.32 -7.17
C SER A 36 11.43 -1.82 -7.39
N ARG A 37 10.72 -1.01 -6.63
CA ARG A 37 10.85 0.43 -6.66
C ARG A 37 11.10 0.88 -5.24
N ASP A 38 11.25 2.14 -5.04
CA ASP A 38 11.37 2.68 -3.71
C ASP A 38 10.02 3.17 -3.30
N LEU A 39 9.74 3.12 -2.04
CA LEU A 39 8.45 3.49 -1.54
C LEU A 39 8.56 4.40 -0.32
N PRO A 40 8.51 5.72 -0.53
CA PRO A 40 8.49 6.66 0.56
C PRO A 40 7.08 6.78 1.16
N ILE A 41 6.96 6.41 2.39
CA ILE A 41 5.69 6.42 3.11
C ILE A 41 5.84 7.24 4.40
N GLU A 42 4.89 8.06 4.73
CA GLU A 42 4.99 8.84 5.95
C GLU A 42 4.22 8.20 7.08
N LEU A 43 4.93 7.58 7.97
CA LEU A 43 4.33 6.96 9.13
C LEU A 43 4.59 7.84 10.30
N ASP A 44 3.50 8.40 10.81
CA ASP A 44 3.52 9.38 11.92
C ASP A 44 4.17 10.69 11.42
N GLY A 45 4.23 10.81 10.12
CA GLY A 45 4.84 11.98 9.50
C GLY A 45 6.27 11.72 9.09
N VAL A 46 6.78 10.56 9.45
CA VAL A 46 8.14 10.20 9.14
C VAL A 46 8.16 9.43 7.84
N ARG A 47 8.67 10.04 6.81
CA ARG A 47 8.79 9.39 5.54
C ARG A 47 9.85 8.32 5.60
N HIS A 48 9.45 7.12 5.37
CA HIS A 48 10.34 6.00 5.30
C HIS A 48 10.46 5.62 3.85
N THR A 49 11.62 5.68 3.31
CA THR A 49 11.85 5.28 1.96
C THR A 49 12.22 3.81 1.97
N ILE A 50 11.28 3.00 1.61
CA ILE A 50 11.43 1.59 1.66
C ILE A 50 11.88 1.05 0.33
N GLN A 51 12.71 0.05 0.35
CA GLN A 51 13.13 -0.58 -0.85
C GLN A 51 12.21 -1.77 -1.11
N LEU A 52 11.52 -1.73 -2.21
CA LEU A 52 10.67 -2.84 -2.60
C LEU A 52 11.48 -3.80 -3.42
N SER A 53 11.26 -5.04 -3.18
CA SER A 53 11.85 -6.07 -3.94
C SER A 53 10.73 -7.03 -4.31
N GLY A 54 10.26 -6.93 -5.54
CA GLY A 54 9.19 -7.78 -6.04
C GLY A 54 7.93 -7.72 -5.18
N CYS A 55 7.42 -6.49 -4.99
CA CYS A 55 6.21 -6.20 -4.17
C CYS A 55 6.45 -6.39 -2.67
N THR A 56 7.63 -6.84 -2.31
CA THR A 56 7.98 -7.07 -0.94
C THR A 56 8.92 -5.97 -0.43
N PRO A 57 8.43 -5.08 0.44
CA PRO A 57 9.23 -4.01 1.03
C PRO A 57 10.14 -4.53 2.14
N GLU A 58 11.04 -3.67 2.59
CA GLU A 58 11.93 -4.00 3.64
C GLU A 58 11.31 -3.73 4.97
N GLN A 59 11.12 -4.78 5.73
CA GLN A 59 10.59 -4.75 7.07
C GLN A 59 11.43 -3.85 7.96
N SER A 60 12.70 -3.76 7.64
CA SER A 60 13.66 -3.00 8.39
C SER A 60 13.33 -1.49 8.34
N GLN A 61 12.63 -1.04 7.29
CA GLN A 61 12.31 0.37 7.19
C GLN A 61 11.03 0.66 7.93
N ILE A 62 10.35 -0.39 8.36
CA ILE A 62 9.05 -0.23 8.94
C ILE A 62 9.17 -0.02 10.45
N PRO A 63 8.58 1.06 10.98
CA PRO A 63 8.54 1.33 12.40
C PRO A 63 7.63 0.36 13.14
N GLN A 64 7.75 0.33 14.42
CA GLN A 64 6.98 -0.56 15.23
C GLN A 64 5.60 0.01 15.49
N GLY A 65 4.62 -0.83 15.40
CA GLY A 65 3.26 -0.41 15.60
C GLY A 65 2.56 -0.20 14.29
N TYR A 66 3.16 -0.70 13.25
CA TYR A 66 2.66 -0.55 11.91
C TYR A 66 2.72 -1.86 11.15
N SER A 67 1.61 -2.24 10.57
CA SER A 67 1.52 -3.40 9.74
C SER A 67 1.61 -3.00 8.31
N VAL A 68 2.24 -3.84 7.56
CA VAL A 68 2.45 -3.59 6.16
C VAL A 68 1.92 -4.78 5.37
N GLU A 69 0.95 -4.52 4.54
CA GLU A 69 0.32 -5.55 3.76
C GLU A 69 0.90 -5.50 2.37
N HIS A 70 1.40 -6.61 1.90
CA HIS A 70 2.11 -6.65 0.64
C HIS A 70 1.25 -7.35 -0.36
N MET A 71 1.09 -6.75 -1.50
CA MET A 71 0.33 -7.36 -2.56
C MET A 71 0.74 -6.79 -3.88
N THR A 72 0.21 -7.33 -4.90
CA THR A 72 0.43 -6.81 -6.18
C THR A 72 -0.66 -5.82 -6.45
N TYR A 73 -0.47 -5.03 -7.44
CA TYR A 73 -1.46 -4.10 -7.86
C TYR A 73 -2.66 -4.87 -8.37
N LYS A 74 -2.38 -5.97 -9.06
CA LYS A 74 -3.40 -6.87 -9.56
C LYS A 74 -4.25 -7.39 -8.38
N ASN A 75 -3.57 -7.88 -7.34
CA ASN A 75 -4.25 -8.37 -6.15
C ASN A 75 -5.01 -7.28 -5.46
N TYR A 76 -4.42 -6.11 -5.35
CA TYR A 76 -5.13 -4.97 -4.79
C TYR A 76 -6.42 -4.68 -5.54
N LEU A 77 -6.34 -4.71 -6.85
CA LEU A 77 -7.48 -4.45 -7.68
C LEU A 77 -8.55 -5.49 -7.39
N ARG A 78 -8.14 -6.73 -7.26
CA ARG A 78 -9.09 -7.77 -6.97
C ARG A 78 -9.63 -7.60 -5.53
N GLN A 79 -8.80 -7.04 -4.62
CA GLN A 79 -9.21 -6.78 -3.24
C GLN A 79 -10.38 -5.81 -3.22
N GLU A 80 -10.24 -4.73 -3.94
CA GLU A 80 -11.28 -3.71 -3.99
C GLU A 80 -12.50 -4.23 -4.73
N ILE A 81 -12.28 -5.08 -5.74
CA ILE A 81 -13.37 -5.65 -6.48
C ILE A 81 -14.13 -6.62 -5.58
N LEU A 82 -13.42 -7.34 -4.77
CA LEU A 82 -14.04 -8.30 -3.88
C LEU A 82 -14.73 -7.63 -2.71
N ASN A 83 -14.18 -6.54 -2.25
CA ASN A 83 -14.76 -5.80 -1.13
C ASN A 83 -15.95 -4.99 -1.51
N GLU A 84 -15.90 -4.34 -2.66
CA GLU A 84 -16.99 -3.48 -3.04
C GLU A 84 -17.88 -4.09 -4.07
N ARG A 85 -17.29 -4.82 -4.98
CA ARG A 85 -17.95 -5.40 -6.15
C ARG A 85 -18.65 -4.33 -6.97
N PRO A 86 -17.85 -3.53 -7.72
CA PRO A 86 -18.37 -2.42 -8.52
C PRO A 86 -19.23 -2.92 -9.67
N PHE A 87 -18.81 -4.02 -10.22
CA PHE A 87 -19.49 -4.64 -11.31
C PHE A 87 -19.88 -6.04 -10.90
N TRP A 88 -21.01 -6.47 -11.36
CA TRP A 88 -21.54 -7.78 -11.05
C TRP A 88 -21.64 -8.60 -12.33
N PRO A 89 -21.59 -9.93 -12.24
CA PRO A 89 -21.73 -10.80 -13.41
C PRO A 89 -23.18 -10.81 -13.89
N GLY A 1 -3.49 10.90 3.88
CA GLY A 1 -4.50 10.16 3.14
C GLY A 1 -3.85 9.02 2.42
N PRO A 2 -4.61 8.05 1.88
CA PRO A 2 -4.04 6.97 1.08
C PRO A 2 -3.39 7.56 -0.16
N HIS A 3 -2.20 7.06 -0.48
CA HIS A 3 -1.42 7.62 -1.58
C HIS A 3 -2.12 7.46 -2.91
N MET A 4 -2.74 6.33 -3.12
CA MET A 4 -3.50 6.13 -4.32
C MET A 4 -4.94 5.82 -4.02
N GLY A 5 -5.72 6.86 -3.90
CA GLY A 5 -7.15 6.69 -3.75
C GLY A 5 -7.78 6.73 -5.11
N LYS A 6 -7.15 7.50 -5.98
CA LYS A 6 -7.52 7.64 -7.34
C LYS A 6 -6.26 7.38 -8.14
N HIS A 7 -6.28 7.75 -9.40
CA HIS A 7 -5.17 7.53 -10.33
C HIS A 7 -5.01 6.06 -10.59
N GLY A 8 -6.01 5.52 -11.16
CA GLY A 8 -6.07 4.13 -11.49
C GLY A 8 -5.48 3.96 -12.84
N ARG A 9 -4.19 4.21 -12.92
CA ARG A 9 -3.45 4.20 -14.16
C ARG A 9 -3.51 2.84 -14.81
N ASP A 10 -3.62 1.80 -13.97
CA ASP A 10 -3.67 0.39 -14.37
C ASP A 10 -2.26 -0.13 -14.72
N ASP A 11 -1.28 0.68 -14.47
CA ASP A 11 0.09 0.38 -14.87
C ASP A 11 0.92 -0.15 -13.75
N TYR A 12 0.42 -0.02 -12.57
CA TYR A 12 1.13 -0.45 -11.40
C TYR A 12 1.33 -1.96 -11.37
N ASP A 13 2.30 -2.41 -10.63
CA ASP A 13 2.58 -3.84 -10.55
C ASP A 13 2.35 -4.30 -9.14
N CYS A 14 2.68 -3.47 -8.20
CA CYS A 14 2.61 -3.82 -6.81
C CYS A 14 1.72 -2.87 -6.03
N THR A 15 1.27 -3.32 -4.89
CA THR A 15 0.45 -2.55 -4.01
C THR A 15 0.83 -2.88 -2.55
N VAL A 16 1.08 -1.87 -1.78
CA VAL A 16 1.43 -2.07 -0.39
C VAL A 16 0.51 -1.20 0.47
N ILE A 17 -0.01 -1.75 1.55
CA ILE A 17 -0.93 -1.01 2.39
C ILE A 17 -0.34 -0.86 3.80
N PHE A 18 -0.38 0.34 4.33
CA PHE A 18 0.14 0.59 5.67
C PHE A 18 -1.00 0.77 6.63
N ARG A 19 -1.02 -0.01 7.68
CA ARG A 19 -2.09 0.09 8.64
C ARG A 19 -1.52 0.40 10.02
N ASN A 20 -1.94 1.52 10.58
CA ASN A 20 -1.51 1.93 11.91
C ASN A 20 -2.12 0.97 12.91
N ASN A 21 -1.31 0.23 13.61
CA ASN A 21 -1.79 -0.75 14.57
C ASN A 21 -2.19 -0.08 15.85
N HIS A 22 -1.47 0.99 16.15
CA HIS A 22 -1.72 1.75 17.37
C HIS A 22 -2.95 2.64 17.22
N ALA A 23 -3.29 2.99 15.99
CA ALA A 23 -4.46 3.79 15.76
C ALA A 23 -5.52 2.99 15.03
N PRO A 24 -6.54 2.47 15.73
CA PRO A 24 -7.60 1.66 15.10
C PRO A 24 -8.50 2.51 14.21
N GLU A 25 -8.54 3.81 14.51
CA GLU A 25 -9.37 4.77 13.79
C GLU A 25 -8.80 5.04 12.43
N ARG A 26 -7.51 4.86 12.34
CA ARG A 26 -6.77 5.12 11.15
C ARG A 26 -7.16 4.41 9.91
N GLN A 27 -6.81 5.05 8.86
CA GLN A 27 -7.04 4.60 7.52
C GLN A 27 -5.87 3.72 7.08
N PRO A 28 -6.10 2.75 6.20
CA PRO A 28 -5.04 2.02 5.61
C PRO A 28 -4.49 2.76 4.41
N ILE A 29 -3.22 3.01 4.42
CA ILE A 29 -2.60 3.76 3.38
C ILE A 29 -2.23 2.82 2.26
N VAL A 30 -3.05 2.83 1.25
CA VAL A 30 -2.81 2.01 0.08
C VAL A 30 -1.94 2.79 -0.89
N VAL A 31 -0.81 2.22 -1.23
CA VAL A 31 0.07 2.82 -2.18
C VAL A 31 0.28 1.85 -3.32
N HIS A 32 0.14 2.31 -4.53
CA HIS A 32 0.33 1.48 -5.69
C HIS A 32 1.71 1.75 -6.19
N THR A 33 2.43 0.73 -6.50
CA THR A 33 3.79 0.85 -6.93
C THR A 33 4.06 -0.08 -8.12
N TYR A 34 5.26 -0.07 -8.61
CA TYR A 34 5.64 -0.94 -9.72
C TYR A 34 6.66 -1.97 -9.19
N TYR A 35 7.05 -2.95 -10.00
CA TYR A 35 8.03 -3.94 -9.55
C TYR A 35 9.34 -3.31 -9.19
N SER A 36 9.73 -3.53 -7.94
CA SER A 36 10.97 -3.06 -7.37
C SER A 36 11.18 -1.56 -7.57
N ARG A 37 10.56 -0.81 -6.71
CA ARG A 37 10.61 0.62 -6.70
C ARG A 37 10.87 1.01 -5.27
N ASP A 38 10.98 2.25 -5.03
CA ASP A 38 11.10 2.72 -3.68
C ASP A 38 9.72 3.12 -3.22
N LEU A 39 9.51 3.08 -1.96
CA LEU A 39 8.25 3.40 -1.41
C LEU A 39 8.41 4.35 -0.24
N PRO A 40 8.36 5.66 -0.50
CA PRO A 40 8.42 6.64 0.54
C PRO A 40 7.05 6.82 1.20
N ILE A 41 6.97 6.50 2.44
CA ILE A 41 5.75 6.59 3.23
C ILE A 41 6.08 7.45 4.45
N GLU A 42 5.16 8.13 5.02
CA GLU A 42 5.45 8.90 6.20
C GLU A 42 4.73 8.32 7.40
N LEU A 43 5.46 7.62 8.21
CA LEU A 43 4.94 7.00 9.39
C LEU A 43 5.39 7.76 10.58
N ASP A 44 4.44 8.27 11.33
CA ASP A 44 4.67 9.05 12.55
C ASP A 44 5.31 10.40 12.18
N GLY A 45 5.15 10.76 10.91
CA GLY A 45 5.72 11.98 10.39
C GLY A 45 7.08 11.76 9.75
N VAL A 46 7.55 10.54 9.76
CA VAL A 46 8.86 10.20 9.25
C VAL A 46 8.72 9.51 7.91
N ARG A 47 9.28 10.11 6.89
CA ARG A 47 9.28 9.54 5.59
C ARG A 47 10.26 8.36 5.55
N HIS A 48 9.74 7.19 5.42
CA HIS A 48 10.54 6.02 5.29
C HIS A 48 10.58 5.67 3.85
N THR A 49 11.74 5.66 3.28
CA THR A 49 11.89 5.26 1.92
C THR A 49 12.21 3.79 1.93
N ILE A 50 11.24 3.01 1.62
CA ILE A 50 11.35 1.59 1.71
C ILE A 50 11.73 1.05 0.37
N GLN A 51 12.54 0.04 0.34
CA GLN A 51 12.90 -0.57 -0.89
C GLN A 51 11.96 -1.73 -1.15
N LEU A 52 11.30 -1.70 -2.26
CA LEU A 52 10.46 -2.78 -2.66
C LEU A 52 11.24 -3.71 -3.51
N SER A 53 11.07 -4.95 -3.28
CA SER A 53 11.66 -5.93 -4.09
C SER A 53 10.58 -6.95 -4.40
N GLY A 54 10.03 -6.88 -5.61
CA GLY A 54 8.98 -7.82 -6.02
C GLY A 54 7.75 -7.70 -5.17
N CYS A 55 7.27 -6.46 -5.00
CA CYS A 55 6.06 -6.12 -4.23
C CYS A 55 6.28 -6.30 -2.72
N THR A 56 7.48 -6.68 -2.34
CA THR A 56 7.79 -6.91 -0.98
C THR A 56 8.71 -5.79 -0.46
N PRO A 57 8.20 -4.95 0.44
CA PRO A 57 9.00 -3.91 1.08
C PRO A 57 9.90 -4.47 2.18
N GLU A 58 10.83 -3.67 2.61
CA GLU A 58 11.75 -4.05 3.63
C GLU A 58 11.19 -3.76 5.01
N GLN A 59 11.02 -4.82 5.77
CA GLN A 59 10.53 -4.80 7.13
C GLN A 59 11.42 -3.91 7.99
N SER A 60 12.67 -3.85 7.63
CA SER A 60 13.67 -3.10 8.31
C SER A 60 13.40 -1.59 8.27
N GLN A 61 12.67 -1.14 7.25
CA GLN A 61 12.40 0.26 7.14
C GLN A 61 11.12 0.59 7.89
N ILE A 62 10.42 -0.43 8.37
CA ILE A 62 9.12 -0.20 8.98
C ILE A 62 9.26 0.02 10.48
N PRO A 63 8.72 1.14 11.00
CA PRO A 63 8.70 1.42 12.43
C PRO A 63 7.73 0.50 13.16
N GLN A 64 7.82 0.49 14.46
CA GLN A 64 6.97 -0.35 15.25
C GLN A 64 5.63 0.33 15.46
N GLY A 65 4.58 -0.44 15.41
CA GLY A 65 3.25 0.08 15.58
C GLY A 65 2.51 0.21 14.28
N TYR A 66 3.15 -0.22 13.22
CA TYR A 66 2.57 -0.13 11.90
C TYR A 66 2.67 -1.46 11.18
N SER A 67 1.57 -1.89 10.63
CA SER A 67 1.53 -3.08 9.83
C SER A 67 1.64 -2.72 8.38
N VAL A 68 2.29 -3.56 7.66
CA VAL A 68 2.48 -3.38 6.25
C VAL A 68 1.94 -4.61 5.51
N GLU A 69 0.98 -4.39 4.64
CA GLU A 69 0.33 -5.43 3.87
C GLU A 69 0.92 -5.44 2.48
N HIS A 70 1.35 -6.60 2.02
CA HIS A 70 2.01 -6.68 0.73
C HIS A 70 1.12 -7.39 -0.23
N MET A 71 1.05 -6.89 -1.43
CA MET A 71 0.30 -7.52 -2.48
C MET A 71 0.70 -6.95 -3.82
N THR A 72 0.19 -7.50 -4.84
CA THR A 72 0.41 -6.99 -6.13
C THR A 72 -0.72 -6.05 -6.47
N TYR A 73 -0.53 -5.24 -7.47
CA TYR A 73 -1.58 -4.36 -7.96
C TYR A 73 -2.73 -5.23 -8.47
N LYS A 74 -2.37 -6.37 -9.01
CA LYS A 74 -3.30 -7.38 -9.51
C LYS A 74 -4.23 -7.82 -8.36
N ASN A 75 -3.62 -8.19 -7.25
CA ASN A 75 -4.36 -8.60 -6.06
C ASN A 75 -5.11 -7.47 -5.47
N TYR A 76 -4.53 -6.28 -5.51
CA TYR A 76 -5.23 -5.10 -5.06
C TYR A 76 -6.52 -4.88 -5.86
N LEU A 77 -6.40 -4.99 -7.18
CA LEU A 77 -7.54 -4.82 -8.09
C LEU A 77 -8.57 -5.86 -7.74
N ARG A 78 -8.09 -7.02 -7.48
CA ARG A 78 -8.86 -8.15 -7.06
C ARG A 78 -9.60 -7.80 -5.76
N GLN A 79 -8.88 -7.23 -4.82
CA GLN A 79 -9.41 -6.90 -3.50
C GLN A 79 -10.50 -5.87 -3.60
N GLU A 80 -10.28 -4.86 -4.41
CA GLU A 80 -11.29 -3.84 -4.54
C GLU A 80 -12.48 -4.35 -5.33
N ILE A 81 -12.25 -5.24 -6.27
CA ILE A 81 -13.35 -5.78 -7.02
C ILE A 81 -14.20 -6.63 -6.11
N LEU A 82 -13.57 -7.38 -5.27
CA LEU A 82 -14.25 -8.28 -4.37
C LEU A 82 -14.92 -7.54 -3.21
N ASN A 83 -14.34 -6.45 -2.78
CA ASN A 83 -14.90 -5.71 -1.66
C ASN A 83 -15.84 -4.59 -2.09
N GLU A 84 -15.55 -3.96 -3.22
CA GLU A 84 -16.40 -2.87 -3.67
C GLU A 84 -17.49 -3.39 -4.55
N ARG A 85 -17.15 -4.39 -5.37
CA ARG A 85 -18.06 -5.01 -6.33
C ARG A 85 -18.59 -3.95 -7.31
N PRO A 86 -17.78 -3.62 -8.34
CA PRO A 86 -18.14 -2.62 -9.35
C PRO A 86 -19.23 -3.18 -10.27
N PHE A 87 -19.23 -4.47 -10.40
CA PHE A 87 -20.16 -5.18 -11.18
C PHE A 87 -20.63 -6.37 -10.37
N TRP A 88 -21.79 -6.85 -10.67
CA TRP A 88 -22.33 -7.99 -10.00
C TRP A 88 -22.67 -9.06 -11.02
N PRO A 89 -22.56 -10.33 -10.66
CA PRO A 89 -22.96 -11.43 -11.52
C PRO A 89 -24.47 -11.49 -11.66
N GLY A 1 -0.79 12.09 6.57
CA GLY A 1 -0.53 13.32 5.85
C GLY A 1 -1.43 13.44 4.65
N PRO A 2 -0.95 13.12 3.42
CA PRO A 2 -1.75 13.23 2.22
C PRO A 2 -2.71 12.07 2.05
N HIS A 3 -3.98 12.32 2.28
CA HIS A 3 -5.00 11.32 2.07
C HIS A 3 -5.37 11.38 0.61
N MET A 4 -4.87 10.46 -0.15
CA MET A 4 -5.14 10.45 -1.56
C MET A 4 -6.19 9.43 -1.87
N GLY A 5 -7.28 9.90 -2.44
CA GLY A 5 -8.37 9.05 -2.82
C GLY A 5 -8.46 8.92 -4.32
N LYS A 6 -7.51 9.49 -4.99
CA LYS A 6 -7.42 9.40 -6.41
C LYS A 6 -5.98 9.20 -6.81
N HIS A 7 -5.61 7.96 -6.99
CA HIS A 7 -4.27 7.58 -7.40
C HIS A 7 -4.32 6.26 -8.13
N GLY A 8 -4.71 6.36 -9.32
CA GLY A 8 -4.96 5.20 -10.09
C GLY A 8 -4.46 5.31 -11.49
N ARG A 9 -3.15 5.32 -11.66
CA ARG A 9 -2.56 5.27 -12.99
C ARG A 9 -2.93 3.92 -13.63
N ASP A 10 -3.13 2.92 -12.75
CA ASP A 10 -3.58 1.56 -13.09
C ASP A 10 -2.55 0.80 -13.93
N ASP A 11 -1.32 1.20 -13.82
CA ASP A 11 -0.22 0.53 -14.53
C ASP A 11 0.76 -0.06 -13.57
N TYR A 12 0.42 0.05 -12.33
CA TYR A 12 1.25 -0.43 -11.24
C TYR A 12 1.37 -1.95 -11.25
N ASP A 13 2.34 -2.44 -10.54
CA ASP A 13 2.59 -3.88 -10.46
C ASP A 13 2.37 -4.35 -9.04
N CYS A 14 2.74 -3.53 -8.10
CA CYS A 14 2.71 -3.89 -6.70
C CYS A 14 1.82 -2.93 -5.92
N THR A 15 1.41 -3.36 -4.77
CA THR A 15 0.61 -2.59 -3.86
C THR A 15 1.00 -2.91 -2.42
N VAL A 16 1.30 -1.91 -1.65
CA VAL A 16 1.64 -2.12 -0.28
C VAL A 16 0.72 -1.25 0.56
N ILE A 17 0.11 -1.84 1.57
CA ILE A 17 -0.89 -1.15 2.35
C ILE A 17 -0.42 -1.02 3.80
N PHE A 18 -0.40 0.17 4.30
CA PHE A 18 0.09 0.44 5.62
C PHE A 18 -1.04 0.59 6.61
N ARG A 19 -0.98 -0.16 7.68
CA ARG A 19 -1.94 -0.06 8.75
C ARG A 19 -1.27 0.39 10.02
N ASN A 20 -1.73 1.48 10.56
CA ASN A 20 -1.21 2.03 11.79
C ASN A 20 -1.77 1.19 12.93
N ASN A 21 -0.91 0.44 13.58
CA ASN A 21 -1.36 -0.47 14.64
C ASN A 21 -1.76 0.27 15.88
N HIS A 22 -1.11 1.39 16.12
CA HIS A 22 -1.46 2.22 17.28
C HIS A 22 -2.64 3.13 16.99
N ALA A 23 -2.89 3.43 15.73
CA ALA A 23 -3.99 4.30 15.41
C ALA A 23 -5.07 3.57 14.66
N PRO A 24 -6.16 3.19 15.32
CA PRO A 24 -7.30 2.57 14.66
C PRO A 24 -8.07 3.63 13.87
N GLU A 25 -7.88 4.87 14.29
CA GLU A 25 -8.49 6.06 13.69
C GLU A 25 -8.01 6.23 12.27
N ARG A 26 -6.72 6.04 12.09
CA ARG A 26 -6.09 6.15 10.79
C ARG A 26 -6.60 5.07 9.85
N GLN A 27 -6.81 5.46 8.63
CA GLN A 27 -7.23 4.54 7.60
C GLN A 27 -6.01 3.91 6.96
N PRO A 28 -6.15 2.72 6.34
CA PRO A 28 -5.03 2.06 5.70
C PRO A 28 -4.52 2.86 4.51
N ILE A 29 -3.24 3.04 4.45
CA ILE A 29 -2.63 3.77 3.41
C ILE A 29 -2.24 2.79 2.31
N VAL A 30 -2.97 2.81 1.25
CA VAL A 30 -2.71 1.95 0.14
C VAL A 30 -1.84 2.68 -0.85
N VAL A 31 -0.64 2.21 -1.07
CA VAL A 31 0.22 2.83 -2.04
C VAL A 31 0.50 1.83 -3.14
N HIS A 32 0.28 2.24 -4.35
CA HIS A 32 0.48 1.38 -5.47
C HIS A 32 1.87 1.65 -5.98
N THR A 33 2.56 0.63 -6.34
CA THR A 33 3.92 0.75 -6.78
C THR A 33 4.15 -0.16 -7.98
N TYR A 34 5.34 -0.16 -8.51
CA TYR A 34 5.69 -1.02 -9.62
C TYR A 34 6.66 -2.06 -9.09
N TYR A 35 7.03 -3.06 -9.89
CA TYR A 35 8.02 -4.04 -9.41
C TYR A 35 9.31 -3.41 -9.01
N SER A 36 9.66 -3.61 -7.76
CA SER A 36 10.91 -3.16 -7.17
C SER A 36 11.16 -1.65 -7.35
N ARG A 37 10.51 -0.87 -6.54
CA ARG A 37 10.60 0.56 -6.53
C ARG A 37 10.95 0.98 -5.12
N ASP A 38 11.14 2.25 -4.92
CA ASP A 38 11.29 2.78 -3.59
C ASP A 38 9.90 3.14 -3.12
N LEU A 39 9.66 3.05 -1.86
CA LEU A 39 8.40 3.36 -1.32
C LEU A 39 8.56 4.25 -0.10
N PRO A 40 8.54 5.56 -0.31
CA PRO A 40 8.51 6.53 0.76
C PRO A 40 7.10 6.65 1.34
N ILE A 41 6.96 6.29 2.57
CA ILE A 41 5.70 6.35 3.28
C ILE A 41 5.89 7.18 4.55
N GLU A 42 5.07 8.15 4.75
CA GLU A 42 5.20 8.94 5.94
C GLU A 42 4.36 8.37 7.05
N LEU A 43 5.01 7.79 8.03
CA LEU A 43 4.34 7.28 9.18
C LEU A 43 4.56 8.20 10.31
N ASP A 44 3.47 8.67 10.84
CA ASP A 44 3.42 9.69 11.92
C ASP A 44 4.17 10.98 11.49
N GLY A 45 4.27 11.15 10.19
CA GLY A 45 4.96 12.31 9.64
C GLY A 45 6.42 12.03 9.32
N VAL A 46 6.86 10.82 9.58
CA VAL A 46 8.23 10.43 9.28
C VAL A 46 8.24 9.60 8.02
N ARG A 47 8.87 10.09 6.99
CA ARG A 47 8.99 9.36 5.75
C ARG A 47 9.94 8.18 5.91
N HIS A 48 9.45 7.00 5.67
CA HIS A 48 10.27 5.84 5.66
C HIS A 48 10.38 5.40 4.23
N THR A 49 11.58 5.38 3.71
CA THR A 49 11.78 5.00 2.35
C THR A 49 12.15 3.54 2.33
N ILE A 50 11.23 2.76 1.85
CA ILE A 50 11.35 1.35 1.85
C ILE A 50 11.78 0.89 0.49
N GLN A 51 12.71 -0.01 0.42
CA GLN A 51 13.10 -0.56 -0.83
C GLN A 51 12.21 -1.77 -1.10
N LEU A 52 11.47 -1.73 -2.16
CA LEU A 52 10.67 -2.84 -2.56
C LEU A 52 11.50 -3.74 -3.43
N SER A 53 11.29 -4.99 -3.26
CA SER A 53 11.90 -5.97 -4.08
C SER A 53 10.81 -6.96 -4.43
N GLY A 54 10.28 -6.85 -5.63
CA GLY A 54 9.24 -7.73 -6.11
C GLY A 54 8.00 -7.72 -5.24
N CYS A 55 7.44 -6.53 -5.06
CA CYS A 55 6.22 -6.30 -4.25
C CYS A 55 6.46 -6.57 -2.76
N THR A 56 7.68 -6.87 -2.40
CA THR A 56 8.03 -7.16 -1.05
C THR A 56 8.89 -6.03 -0.50
N PRO A 57 8.38 -5.26 0.47
CA PRO A 57 9.14 -4.21 1.12
C PRO A 57 10.11 -4.75 2.15
N GLU A 58 11.11 -3.96 2.48
CA GLU A 58 12.04 -4.31 3.52
C GLU A 58 11.44 -4.01 4.86
N GLN A 59 11.27 -5.05 5.66
CA GLN A 59 10.68 -4.94 6.99
C GLN A 59 11.54 -4.05 7.89
N SER A 60 12.80 -3.98 7.58
CA SER A 60 13.76 -3.20 8.29
C SER A 60 13.48 -1.69 8.15
N GLN A 61 12.74 -1.30 7.12
CA GLN A 61 12.44 0.09 6.89
C GLN A 61 11.11 0.43 7.55
N ILE A 62 10.47 -0.57 8.12
CA ILE A 62 9.18 -0.38 8.72
C ILE A 62 9.32 0.00 10.19
N PRO A 63 8.67 1.09 10.62
CA PRO A 63 8.67 1.48 12.01
C PRO A 63 7.83 0.53 12.84
N GLN A 64 8.08 0.50 14.11
CA GLN A 64 7.32 -0.36 14.99
C GLN A 64 6.01 0.29 15.35
N GLY A 65 4.97 -0.49 15.39
CA GLY A 65 3.67 0.02 15.65
C GLY A 65 2.88 0.16 14.37
N TYR A 66 3.42 -0.40 13.30
CA TYR A 66 2.81 -0.30 11.99
C TYR A 66 2.84 -1.64 11.29
N SER A 67 1.71 -1.99 10.73
CA SER A 67 1.58 -3.18 9.95
C SER A 67 1.68 -2.84 8.50
N VAL A 68 2.36 -3.66 7.80
CA VAL A 68 2.55 -3.49 6.40
C VAL A 68 2.03 -4.69 5.69
N GLU A 69 1.11 -4.47 4.81
CA GLU A 69 0.53 -5.53 4.04
C GLU A 69 1.17 -5.50 2.69
N HIS A 70 1.39 -6.64 2.14
CA HIS A 70 2.11 -6.74 0.89
C HIS A 70 1.20 -7.41 -0.10
N MET A 71 1.13 -6.88 -1.29
CA MET A 71 0.38 -7.49 -2.35
C MET A 71 0.80 -6.93 -3.68
N THR A 72 0.27 -7.48 -4.71
CA THR A 72 0.49 -6.96 -6.00
C THR A 72 -0.64 -6.03 -6.31
N TYR A 73 -0.47 -5.21 -7.29
CA TYR A 73 -1.51 -4.30 -7.72
C TYR A 73 -2.65 -5.12 -8.26
N LYS A 74 -2.32 -6.23 -8.89
CA LYS A 74 -3.30 -7.16 -9.45
C LYS A 74 -4.18 -7.72 -8.33
N ASN A 75 -3.55 -8.14 -7.24
CA ASN A 75 -4.28 -8.65 -6.08
C ASN A 75 -5.09 -7.56 -5.44
N TYR A 76 -4.49 -6.39 -5.25
CA TYR A 76 -5.20 -5.24 -4.72
C TYR A 76 -6.48 -4.96 -5.53
N LEU A 77 -6.34 -4.96 -6.84
CA LEU A 77 -7.45 -4.70 -7.73
C LEU A 77 -8.50 -5.74 -7.54
N ARG A 78 -8.08 -6.99 -7.45
CA ARG A 78 -9.04 -8.05 -7.30
C ARG A 78 -9.70 -7.94 -5.92
N GLN A 79 -8.97 -7.43 -4.94
CA GLN A 79 -9.49 -7.26 -3.59
C GLN A 79 -10.59 -6.23 -3.57
N GLU A 80 -10.36 -5.08 -4.19
CA GLU A 80 -11.34 -4.04 -4.21
C GLU A 80 -12.55 -4.47 -5.03
N ILE A 81 -12.31 -5.17 -6.12
CA ILE A 81 -13.37 -5.63 -6.98
C ILE A 81 -14.21 -6.70 -6.25
N LEU A 82 -13.55 -7.51 -5.46
CA LEU A 82 -14.24 -8.55 -4.71
C LEU A 82 -14.99 -8.02 -3.51
N ASN A 83 -14.51 -6.93 -2.95
CA ASN A 83 -15.18 -6.32 -1.81
C ASN A 83 -16.32 -5.44 -2.26
N GLU A 84 -16.07 -4.61 -3.25
CA GLU A 84 -17.06 -3.68 -3.75
C GLU A 84 -18.10 -4.39 -4.60
N ARG A 85 -17.60 -5.20 -5.53
CA ARG A 85 -18.39 -5.91 -6.54
C ARG A 85 -19.31 -5.01 -7.34
N PRO A 86 -18.78 -4.40 -8.40
CA PRO A 86 -19.60 -3.56 -9.28
C PRO A 86 -20.47 -4.42 -10.21
N PHE A 87 -20.02 -5.64 -10.43
CA PHE A 87 -20.68 -6.54 -11.35
C PHE A 87 -21.60 -7.52 -10.60
N TRP A 88 -22.83 -7.56 -11.06
CA TRP A 88 -23.81 -8.47 -10.53
C TRP A 88 -24.46 -9.18 -11.71
N PRO A 89 -24.14 -10.45 -11.95
CA PRO A 89 -24.70 -11.22 -13.05
C PRO A 89 -26.15 -11.62 -12.78
N GLY A 1 -1.60 13.09 -2.74
CA GLY A 1 -0.68 12.12 -2.18
C GLY A 1 -0.99 10.74 -2.67
N PRO A 2 -0.06 9.77 -2.56
CA PRO A 2 -0.29 8.41 -3.00
C PRO A 2 -1.27 7.68 -2.08
N HIS A 3 -2.53 7.76 -2.44
CA HIS A 3 -3.60 7.13 -1.71
C HIS A 3 -4.65 6.58 -2.67
N MET A 4 -5.58 5.84 -2.09
CA MET A 4 -6.66 5.16 -2.79
C MET A 4 -7.45 6.11 -3.66
N GLY A 5 -7.42 5.87 -4.95
CA GLY A 5 -8.22 6.61 -5.86
C GLY A 5 -7.46 7.69 -6.54
N LYS A 6 -6.42 8.17 -5.89
CA LYS A 6 -5.69 9.31 -6.43
C LYS A 6 -4.53 8.90 -7.30
N HIS A 7 -4.22 7.66 -7.24
CA HIS A 7 -3.14 7.07 -8.02
C HIS A 7 -3.62 5.80 -8.65
N GLY A 8 -4.70 5.94 -9.30
CA GLY A 8 -5.34 4.83 -9.95
C GLY A 8 -5.00 4.81 -11.40
N ARG A 9 -3.71 4.90 -11.68
CA ARG A 9 -3.21 4.94 -13.07
C ARG A 9 -3.47 3.61 -13.77
N ASP A 10 -3.66 2.56 -12.97
CA ASP A 10 -3.94 1.18 -13.44
C ASP A 10 -2.68 0.56 -14.10
N ASP A 11 -1.55 1.19 -13.88
CA ASP A 11 -0.29 0.78 -14.51
C ASP A 11 0.66 0.20 -13.52
N TYR A 12 0.26 0.14 -12.33
CA TYR A 12 1.09 -0.35 -11.25
C TYR A 12 1.26 -1.86 -11.29
N ASP A 13 2.28 -2.33 -10.61
CA ASP A 13 2.59 -3.76 -10.58
C ASP A 13 2.37 -4.28 -9.19
N CYS A 14 2.74 -3.49 -8.21
CA CYS A 14 2.69 -3.89 -6.83
C CYS A 14 1.81 -2.93 -6.04
N THR A 15 1.38 -3.36 -4.89
CA THR A 15 0.58 -2.56 -3.98
C THR A 15 0.96 -2.90 -2.52
N VAL A 16 1.23 -1.89 -1.73
CA VAL A 16 1.57 -2.11 -0.34
C VAL A 16 0.67 -1.23 0.53
N ILE A 17 0.10 -1.79 1.58
CA ILE A 17 -0.82 -1.05 2.41
C ILE A 17 -0.22 -0.89 3.80
N PHE A 18 -0.24 0.33 4.31
CA PHE A 18 0.28 0.61 5.62
C PHE A 18 -0.84 0.83 6.59
N ARG A 19 -0.89 0.02 7.60
CA ARG A 19 -1.91 0.12 8.60
C ARG A 19 -1.27 0.50 9.91
N ASN A 20 -1.66 1.63 10.43
CA ASN A 20 -1.12 2.10 11.67
C ASN A 20 -1.78 1.28 12.78
N ASN A 21 -1.01 0.45 13.44
CA ASN A 21 -1.55 -0.44 14.48
C ASN A 21 -1.98 0.35 15.69
N HIS A 22 -1.28 1.41 15.95
CA HIS A 22 -1.59 2.27 17.09
C HIS A 22 -2.72 3.24 16.77
N ALA A 23 -2.95 3.52 15.50
CA ALA A 23 -4.03 4.42 15.13
C ALA A 23 -5.13 3.71 14.38
N PRO A 24 -6.26 3.44 15.04
CA PRO A 24 -7.39 2.80 14.38
C PRO A 24 -8.18 3.80 13.53
N GLU A 25 -8.05 5.09 13.88
CA GLU A 25 -8.70 6.17 13.18
C GLU A 25 -8.06 6.36 11.82
N ARG A 26 -6.76 6.15 11.79
CA ARG A 26 -6.04 6.20 10.56
C ARG A 26 -6.46 5.08 9.65
N GLN A 27 -6.79 5.45 8.46
CA GLN A 27 -7.19 4.51 7.47
C GLN A 27 -5.94 3.90 6.84
N PRO A 28 -6.01 2.64 6.38
CA PRO A 28 -4.88 1.99 5.71
C PRO A 28 -4.40 2.79 4.51
N ILE A 29 -3.12 2.98 4.44
CA ILE A 29 -2.54 3.75 3.40
C ILE A 29 -2.16 2.80 2.27
N VAL A 30 -2.96 2.76 1.26
CA VAL A 30 -2.72 1.90 0.14
C VAL A 30 -1.90 2.65 -0.90
N VAL A 31 -0.68 2.25 -1.06
CA VAL A 31 0.17 2.86 -2.04
C VAL A 31 0.44 1.85 -3.13
N HIS A 32 0.17 2.23 -4.34
CA HIS A 32 0.37 1.37 -5.47
C HIS A 32 1.77 1.65 -5.96
N THR A 33 2.48 0.64 -6.35
CA THR A 33 3.84 0.78 -6.76
C THR A 33 4.11 -0.10 -8.01
N TYR A 34 5.31 -0.08 -8.51
CA TYR A 34 5.69 -0.89 -9.65
C TYR A 34 6.73 -1.88 -9.18
N TYR A 35 7.14 -2.79 -10.05
CA TYR A 35 8.19 -3.75 -9.70
C TYR A 35 9.45 -3.09 -9.17
N SER A 36 9.79 -3.49 -7.95
CA SER A 36 11.01 -3.12 -7.24
C SER A 36 11.33 -1.62 -7.33
N ARG A 37 10.56 -0.85 -6.62
CA ARG A 37 10.66 0.57 -6.59
C ARG A 37 11.00 0.97 -5.17
N ASP A 38 11.11 2.23 -4.94
CA ASP A 38 11.29 2.73 -3.61
C ASP A 38 9.94 3.17 -3.12
N LEU A 39 9.72 3.06 -1.86
CA LEU A 39 8.46 3.39 -1.31
C LEU A 39 8.64 4.27 -0.07
N PRO A 40 8.62 5.58 -0.25
CA PRO A 40 8.65 6.51 0.84
C PRO A 40 7.27 6.68 1.47
N ILE A 41 7.15 6.31 2.70
CA ILE A 41 5.91 6.40 3.43
C ILE A 41 6.15 7.22 4.71
N GLU A 42 5.28 8.10 5.06
CA GLU A 42 5.50 8.90 6.25
C GLU A 42 4.64 8.42 7.41
N LEU A 43 5.29 7.71 8.31
CA LEU A 43 4.69 7.13 9.50
C LEU A 43 5.12 7.94 10.68
N ASP A 44 4.14 8.52 11.37
CA ASP A 44 4.36 9.37 12.57
C ASP A 44 5.09 10.66 12.14
N GLY A 45 5.01 10.95 10.85
CA GLY A 45 5.68 12.11 10.31
C GLY A 45 7.12 11.80 9.93
N VAL A 46 7.44 10.52 9.92
CA VAL A 46 8.76 10.07 9.58
C VAL A 46 8.68 9.35 8.24
N ARG A 47 9.33 9.89 7.24
CA ARG A 47 9.37 9.27 5.97
C ARG A 47 10.31 8.07 6.01
N HIS A 48 9.79 6.93 5.70
CA HIS A 48 10.57 5.75 5.60
C HIS A 48 10.64 5.38 4.16
N THR A 49 11.81 5.33 3.60
CA THR A 49 11.98 4.97 2.23
C THR A 49 12.32 3.50 2.17
N ILE A 50 11.37 2.74 1.77
CA ILE A 50 11.46 1.33 1.75
C ILE A 50 11.89 0.88 0.37
N GLN A 51 12.65 -0.17 0.31
CA GLN A 51 13.04 -0.74 -0.93
C GLN A 51 12.11 -1.91 -1.22
N LEU A 52 11.37 -1.81 -2.28
CA LEU A 52 10.53 -2.90 -2.71
C LEU A 52 11.32 -3.83 -3.55
N SER A 53 11.12 -5.06 -3.37
CA SER A 53 11.74 -6.04 -4.16
C SER A 53 10.68 -7.07 -4.53
N GLY A 54 10.14 -6.92 -5.74
CA GLY A 54 9.12 -7.84 -6.23
C GLY A 54 7.85 -7.79 -5.40
N CYS A 55 7.33 -6.57 -5.24
CA CYS A 55 6.07 -6.31 -4.50
C CYS A 55 6.22 -6.59 -2.99
N THR A 56 7.44 -6.82 -2.56
CA THR A 56 7.73 -7.09 -1.19
C THR A 56 8.69 -6.02 -0.66
N PRO A 57 8.23 -5.20 0.29
CA PRO A 57 9.07 -4.19 0.93
C PRO A 57 9.95 -4.78 2.03
N GLU A 58 10.92 -4.02 2.47
CA GLU A 58 11.81 -4.43 3.52
C GLU A 58 11.22 -4.08 4.85
N GLN A 59 11.03 -5.09 5.66
CA GLN A 59 10.51 -4.93 7.01
C GLN A 59 11.50 -4.12 7.86
N SER A 60 12.73 -4.10 7.41
CA SER A 60 13.78 -3.39 8.06
C SER A 60 13.56 -1.88 8.02
N GLN A 61 12.73 -1.40 7.08
CA GLN A 61 12.48 0.00 7.00
C GLN A 61 11.21 0.34 7.73
N ILE A 62 10.52 -0.69 8.21
CA ILE A 62 9.23 -0.51 8.82
C ILE A 62 9.37 -0.30 10.32
N PRO A 63 8.82 0.78 10.85
CA PRO A 63 8.85 1.04 12.27
C PRO A 63 7.91 0.10 13.03
N GLN A 64 8.10 0.07 14.31
CA GLN A 64 7.28 -0.72 15.19
C GLN A 64 5.92 -0.04 15.36
N GLY A 65 4.89 -0.84 15.46
CA GLY A 65 3.55 -0.33 15.65
C GLY A 65 2.82 -0.10 14.35
N TYR A 66 3.34 -0.67 13.29
CA TYR A 66 2.76 -0.49 11.98
C TYR A 66 2.72 -1.80 11.24
N SER A 67 1.61 -2.07 10.63
CA SER A 67 1.41 -3.25 9.84
C SER A 67 1.52 -2.93 8.38
N VAL A 68 2.22 -3.74 7.71
CA VAL A 68 2.43 -3.56 6.29
C VAL A 68 1.86 -4.76 5.54
N GLU A 69 0.96 -4.49 4.62
CA GLU A 69 0.32 -5.52 3.84
C GLU A 69 0.94 -5.52 2.46
N HIS A 70 1.28 -6.68 1.96
CA HIS A 70 1.97 -6.75 0.69
C HIS A 70 1.08 -7.43 -0.29
N MET A 71 1.03 -6.90 -1.48
CA MET A 71 0.28 -7.51 -2.54
C MET A 71 0.71 -6.93 -3.85
N THR A 72 0.21 -7.48 -4.89
CA THR A 72 0.46 -6.96 -6.15
C THR A 72 -0.65 -6.02 -6.46
N TYR A 73 -0.48 -5.20 -7.44
CA TYR A 73 -1.51 -4.29 -7.85
C TYR A 73 -2.71 -5.07 -8.34
N LYS A 74 -2.46 -6.18 -8.99
CA LYS A 74 -3.51 -7.05 -9.48
C LYS A 74 -4.24 -7.72 -8.32
N ASN A 75 -3.51 -8.07 -7.28
CA ASN A 75 -4.16 -8.62 -6.09
C ASN A 75 -4.95 -7.56 -5.40
N TYR A 76 -4.40 -6.37 -5.33
CA TYR A 76 -5.12 -5.23 -4.79
C TYR A 76 -6.44 -5.02 -5.54
N LEU A 77 -6.37 -5.07 -6.85
CA LEU A 77 -7.53 -4.86 -7.68
C LEU A 77 -8.55 -5.94 -7.40
N ARG A 78 -8.10 -7.18 -7.30
CA ARG A 78 -9.02 -8.28 -7.05
C ARG A 78 -9.64 -8.12 -5.65
N GLN A 79 -8.88 -7.54 -4.72
CA GLN A 79 -9.35 -7.35 -3.36
C GLN A 79 -10.45 -6.30 -3.32
N GLU A 80 -10.25 -5.21 -4.02
CA GLU A 80 -11.27 -4.19 -4.03
C GLU A 80 -12.50 -4.65 -4.80
N ILE A 81 -12.29 -5.49 -5.81
CA ILE A 81 -13.37 -6.05 -6.58
C ILE A 81 -14.17 -7.00 -5.70
N LEU A 82 -13.46 -7.70 -4.84
CA LEU A 82 -14.11 -8.64 -3.93
C LEU A 82 -14.76 -7.94 -2.74
N ASN A 83 -14.28 -6.78 -2.40
CA ASN A 83 -14.88 -6.00 -1.30
C ASN A 83 -16.05 -5.16 -1.79
N GLU A 84 -15.98 -4.69 -3.04
CA GLU A 84 -17.03 -3.86 -3.60
C GLU A 84 -18.09 -4.75 -4.25
N ARG A 85 -17.60 -5.64 -5.09
CA ARG A 85 -18.36 -6.59 -5.90
C ARG A 85 -19.26 -5.89 -6.91
N PRO A 86 -18.67 -5.42 -8.03
CA PRO A 86 -19.40 -4.75 -9.10
C PRO A 86 -20.06 -5.74 -10.05
N PHE A 87 -19.55 -6.93 -10.07
CA PHE A 87 -20.02 -7.94 -10.98
C PHE A 87 -21.14 -8.76 -10.36
N TRP A 88 -21.74 -9.61 -11.18
CA TRP A 88 -22.86 -10.48 -10.81
C TRP A 88 -24.03 -9.69 -10.18
N PRO A 89 -24.73 -8.88 -10.99
CA PRO A 89 -25.87 -8.12 -10.52
C PRO A 89 -27.15 -8.95 -10.65
N GLY A 1 -13.82 10.24 -3.26
CA GLY A 1 -13.49 10.87 -1.99
C GLY A 1 -12.65 12.08 -2.21
N PRO A 2 -12.04 12.66 -1.15
CA PRO A 2 -11.24 13.88 -1.25
C PRO A 2 -9.94 13.66 -2.05
N HIS A 3 -9.53 12.41 -2.16
CA HIS A 3 -8.34 12.08 -2.91
C HIS A 3 -8.60 12.20 -4.40
N MET A 4 -7.58 12.57 -5.14
CA MET A 4 -7.71 12.78 -6.60
C MET A 4 -7.49 11.48 -7.36
N GLY A 5 -7.62 10.39 -6.66
CA GLY A 5 -7.39 9.09 -7.22
C GLY A 5 -8.61 8.55 -7.89
N LYS A 6 -9.17 9.33 -8.78
CA LYS A 6 -10.37 8.95 -9.50
C LYS A 6 -9.98 8.27 -10.80
N HIS A 7 -8.71 8.19 -11.01
CA HIS A 7 -8.16 7.72 -12.25
C HIS A 7 -7.78 6.27 -12.13
N GLY A 8 -7.48 5.68 -13.24
CA GLY A 8 -7.05 4.34 -13.27
C GLY A 8 -5.92 4.18 -14.25
N ARG A 9 -4.70 4.46 -13.79
CA ARG A 9 -3.50 4.34 -14.63
C ARG A 9 -3.37 2.88 -15.04
N ASP A 10 -3.62 2.00 -14.08
CA ASP A 10 -3.74 0.54 -14.30
C ASP A 10 -2.40 -0.09 -14.74
N ASP A 11 -1.32 0.63 -14.51
CA ASP A 11 0.00 0.18 -14.97
C ASP A 11 0.86 -0.33 -13.85
N TYR A 12 0.44 -0.07 -12.65
CA TYR A 12 1.19 -0.46 -11.46
C TYR A 12 1.39 -1.97 -11.37
N ASP A 13 2.39 -2.36 -10.65
CA ASP A 13 2.71 -3.77 -10.50
C ASP A 13 2.42 -4.21 -9.11
N CYS A 14 2.79 -3.39 -8.18
CA CYS A 14 2.72 -3.74 -6.80
C CYS A 14 1.83 -2.80 -6.02
N THR A 15 1.41 -3.24 -4.88
CA THR A 15 0.60 -2.49 -3.98
C THR A 15 1.02 -2.81 -2.54
N VAL A 16 1.30 -1.81 -1.78
CA VAL A 16 1.68 -2.03 -0.41
C VAL A 16 0.75 -1.20 0.46
N ILE A 17 0.23 -1.81 1.49
CA ILE A 17 -0.75 -1.17 2.34
C ILE A 17 -0.18 -1.01 3.75
N PHE A 18 -0.22 0.18 4.27
CA PHE A 18 0.28 0.46 5.60
C PHE A 18 -0.86 0.70 6.56
N ARG A 19 -0.94 -0.07 7.60
CA ARG A 19 -1.97 0.11 8.59
C ARG A 19 -1.36 0.61 9.86
N ASN A 20 -1.86 1.71 10.36
CA ASN A 20 -1.41 2.19 11.65
C ASN A 20 -2.05 1.28 12.69
N ASN A 21 -1.25 0.53 13.38
CA ASN A 21 -1.78 -0.41 14.36
C ASN A 21 -2.19 0.28 15.62
N HIS A 22 -1.52 1.39 15.90
CA HIS A 22 -1.85 2.14 17.09
C HIS A 22 -3.03 3.07 16.84
N ALA A 23 -3.26 3.43 15.59
CA ALA A 23 -4.37 4.28 15.26
C ALA A 23 -5.39 3.54 14.42
N PRO A 24 -6.49 3.07 15.00
CA PRO A 24 -7.58 2.43 14.22
C PRO A 24 -8.41 3.52 13.53
N GLU A 25 -8.12 4.74 13.93
CA GLU A 25 -8.76 5.95 13.46
C GLU A 25 -8.15 6.33 12.11
N ARG A 26 -6.99 5.78 11.86
CA ARG A 26 -6.33 5.94 10.60
C ARG A 26 -6.63 4.77 9.69
N GLN A 27 -6.96 5.10 8.49
CA GLN A 27 -7.26 4.13 7.47
C GLN A 27 -5.95 3.57 6.91
N PRO A 28 -5.97 2.33 6.40
CA PRO A 28 -4.82 1.74 5.73
C PRO A 28 -4.39 2.59 4.54
N ILE A 29 -3.11 2.81 4.43
CA ILE A 29 -2.56 3.60 3.39
C ILE A 29 -2.19 2.68 2.26
N VAL A 30 -2.95 2.72 1.21
CA VAL A 30 -2.70 1.89 0.07
C VAL A 30 -1.90 2.68 -0.96
N VAL A 31 -0.69 2.24 -1.20
CA VAL A 31 0.16 2.88 -2.18
C VAL A 31 0.41 1.91 -3.30
N HIS A 32 0.17 2.33 -4.51
CA HIS A 32 0.36 1.50 -5.65
C HIS A 32 1.75 1.79 -6.17
N THR A 33 2.49 0.78 -6.47
CA THR A 33 3.83 0.93 -6.91
C THR A 33 4.12 0.01 -8.12
N TYR A 34 5.32 0.06 -8.62
CA TYR A 34 5.75 -0.82 -9.70
C TYR A 34 6.79 -1.79 -9.18
N TYR A 35 7.20 -2.75 -9.98
CA TYR A 35 8.23 -3.70 -9.56
C TYR A 35 9.51 -3.01 -9.11
N SER A 36 9.86 -3.29 -7.87
CA SER A 36 11.10 -2.87 -7.24
C SER A 36 11.40 -1.38 -7.39
N ARG A 37 10.66 -0.60 -6.64
CA ARG A 37 10.78 0.81 -6.61
C ARG A 37 11.18 1.18 -5.19
N ASP A 38 11.27 2.43 -4.92
CA ASP A 38 11.46 2.87 -3.57
C ASP A 38 10.09 3.22 -3.08
N LEU A 39 9.84 3.07 -1.82
CA LEU A 39 8.56 3.36 -1.31
C LEU A 39 8.68 4.25 -0.10
N PRO A 40 8.64 5.55 -0.33
CA PRO A 40 8.60 6.54 0.73
C PRO A 40 7.21 6.61 1.35
N ILE A 41 7.13 6.29 2.60
CA ILE A 41 5.88 6.35 3.33
C ILE A 41 6.08 7.21 4.60
N GLU A 42 5.21 8.12 4.87
CA GLU A 42 5.37 8.96 6.06
C GLU A 42 4.61 8.38 7.23
N LEU A 43 5.32 7.76 8.13
CA LEU A 43 4.76 7.21 9.34
C LEU A 43 5.19 8.06 10.50
N ASP A 44 4.21 8.62 11.19
CA ASP A 44 4.43 9.50 12.37
C ASP A 44 5.14 10.79 11.93
N GLY A 45 4.99 11.09 10.66
CA GLY A 45 5.61 12.26 10.09
C GLY A 45 7.00 11.98 9.55
N VAL A 46 7.41 10.73 9.63
CA VAL A 46 8.72 10.34 9.19
C VAL A 46 8.60 9.54 7.91
N ARG A 47 9.12 10.07 6.85
CA ARG A 47 9.13 9.40 5.59
C ARG A 47 10.17 8.28 5.62
N HIS A 48 9.70 7.08 5.52
CA HIS A 48 10.56 5.94 5.46
C HIS A 48 10.67 5.53 4.04
N THR A 49 11.84 5.57 3.50
CA THR A 49 12.06 5.14 2.15
C THR A 49 12.38 3.66 2.20
N ILE A 50 11.42 2.88 1.80
CA ILE A 50 11.53 1.47 1.83
C ILE A 50 11.98 0.96 0.49
N GLN A 51 12.81 -0.03 0.48
CA GLN A 51 13.24 -0.60 -0.75
C GLN A 51 12.30 -1.74 -1.13
N LEU A 52 11.59 -1.59 -2.21
CA LEU A 52 10.73 -2.63 -2.70
C LEU A 52 11.53 -3.55 -3.57
N SER A 53 11.29 -4.80 -3.43
CA SER A 53 11.89 -5.78 -4.24
C SER A 53 10.80 -6.78 -4.60
N GLY A 54 10.27 -6.65 -5.80
CA GLY A 54 9.23 -7.56 -6.27
C GLY A 54 7.99 -7.52 -5.41
N CYS A 55 7.50 -6.30 -5.17
CA CYS A 55 6.29 -6.03 -4.36
C CYS A 55 6.53 -6.19 -2.86
N THR A 56 7.71 -6.66 -2.50
CA THR A 56 8.05 -6.87 -1.11
C THR A 56 8.90 -5.71 -0.56
N PRO A 57 8.35 -4.94 0.37
CA PRO A 57 9.09 -3.91 1.08
C PRO A 57 9.91 -4.51 2.23
N GLU A 58 10.93 -3.80 2.62
CA GLU A 58 11.81 -4.23 3.67
C GLU A 58 11.24 -3.91 5.02
N GLN A 59 11.03 -4.94 5.80
CA GLN A 59 10.47 -4.83 7.15
C GLN A 59 11.40 -4.03 8.05
N SER A 60 12.65 -4.00 7.69
CA SER A 60 13.67 -3.30 8.39
C SER A 60 13.42 -1.78 8.37
N GLN A 61 12.73 -1.30 7.35
CA GLN A 61 12.49 0.12 7.25
C GLN A 61 11.22 0.48 7.98
N ILE A 62 10.50 -0.53 8.43
CA ILE A 62 9.18 -0.32 9.00
C ILE A 62 9.29 -0.12 10.50
N PRO A 63 8.73 0.96 11.03
CA PRO A 63 8.67 1.17 12.46
C PRO A 63 7.67 0.22 13.10
N GLN A 64 7.77 0.07 14.39
CA GLN A 64 6.86 -0.79 15.11
C GLN A 64 5.58 -0.04 15.38
N GLY A 65 4.48 -0.74 15.33
CA GLY A 65 3.19 -0.13 15.55
C GLY A 65 2.48 0.12 14.26
N TYR A 66 3.06 -0.39 13.19
CA TYR A 66 2.52 -0.24 11.87
C TYR A 66 2.60 -1.56 11.15
N SER A 67 1.54 -1.93 10.51
CA SER A 67 1.52 -3.13 9.71
C SER A 67 1.65 -2.81 8.27
N VAL A 68 2.35 -3.65 7.58
CA VAL A 68 2.60 -3.47 6.19
C VAL A 68 2.14 -4.71 5.45
N GLU A 69 1.15 -4.54 4.63
CA GLU A 69 0.54 -5.59 3.87
C GLU A 69 1.09 -5.53 2.46
N HIS A 70 1.61 -6.65 1.97
CA HIS A 70 2.30 -6.66 0.68
C HIS A 70 1.43 -7.38 -0.31
N MET A 71 1.28 -6.82 -1.48
CA MET A 71 0.52 -7.44 -2.53
C MET A 71 0.87 -6.84 -3.86
N THR A 72 0.34 -7.40 -4.88
CA THR A 72 0.51 -6.86 -6.17
C THR A 72 -0.66 -5.94 -6.42
N TYR A 73 -0.50 -5.09 -7.38
CA TYR A 73 -1.53 -4.17 -7.79
C TYR A 73 -2.76 -4.93 -8.28
N LYS A 74 -2.51 -6.04 -8.93
CA LYS A 74 -3.56 -6.85 -9.52
C LYS A 74 -4.37 -7.49 -8.42
N ASN A 75 -3.66 -8.03 -7.44
CA ASN A 75 -4.33 -8.62 -6.27
C ASN A 75 -5.15 -7.60 -5.56
N TYR A 76 -4.55 -6.46 -5.24
CA TYR A 76 -5.26 -5.37 -4.60
C TYR A 76 -6.54 -5.02 -5.35
N LEU A 77 -6.45 -4.88 -6.66
CA LEU A 77 -7.59 -4.55 -7.49
C LEU A 77 -8.66 -5.59 -7.36
N ARG A 78 -8.27 -6.85 -7.35
CA ARG A 78 -9.27 -7.90 -7.25
C ARG A 78 -9.89 -7.89 -5.86
N GLN A 79 -9.12 -7.48 -4.85
CA GLN A 79 -9.61 -7.42 -3.50
C GLN A 79 -10.68 -6.35 -3.38
N GLU A 80 -10.39 -5.16 -3.88
CA GLU A 80 -11.36 -4.07 -3.81
C GLU A 80 -12.60 -4.38 -4.64
N ILE A 81 -12.39 -5.04 -5.77
CA ILE A 81 -13.50 -5.47 -6.62
C ILE A 81 -14.36 -6.48 -5.88
N LEU A 82 -13.74 -7.34 -5.12
CA LEU A 82 -14.46 -8.35 -4.35
C LEU A 82 -15.04 -7.79 -3.05
N ASN A 83 -14.53 -6.67 -2.60
CA ASN A 83 -15.07 -6.02 -1.40
C ASN A 83 -16.20 -5.08 -1.74
N GLU A 84 -16.03 -4.32 -2.78
CA GLU A 84 -17.01 -3.32 -3.17
C GLU A 84 -18.06 -3.94 -4.09
N ARG A 85 -17.56 -4.75 -5.01
CA ARG A 85 -18.34 -5.44 -6.02
C ARG A 85 -19.18 -4.53 -6.90
N PRO A 86 -18.55 -3.87 -7.91
CA PRO A 86 -19.29 -3.06 -8.88
C PRO A 86 -20.06 -3.95 -9.86
N PHE A 87 -19.70 -5.21 -9.83
CA PHE A 87 -20.31 -6.22 -10.62
C PHE A 87 -21.54 -6.75 -9.92
N TRP A 88 -22.49 -7.19 -10.72
CA TRP A 88 -23.81 -7.66 -10.25
C TRP A 88 -24.50 -6.59 -9.40
N PRO A 89 -24.96 -5.49 -10.01
CA PRO A 89 -25.68 -4.45 -9.30
C PRO A 89 -27.15 -4.81 -9.21
N GLY A 1 -6.67 6.43 0.03
CA GLY A 1 -5.48 6.60 -0.81
C GLY A 1 -4.68 7.81 -0.35
N PRO A 2 -3.57 8.16 -1.05
CA PRO A 2 -2.79 9.36 -0.69
C PRO A 2 -3.62 10.62 -0.98
N HIS A 3 -4.29 10.60 -2.11
CA HIS A 3 -5.19 11.63 -2.55
C HIS A 3 -6.43 10.91 -3.00
N MET A 4 -7.57 11.27 -2.48
CA MET A 4 -8.78 10.56 -2.85
C MET A 4 -9.57 11.35 -3.87
N GLY A 5 -10.28 10.64 -4.68
CA GLY A 5 -11.03 11.22 -5.75
C GLY A 5 -10.83 10.40 -6.98
N LYS A 6 -9.68 10.57 -7.58
CA LYS A 6 -9.28 9.79 -8.71
C LYS A 6 -7.84 9.37 -8.58
N HIS A 7 -7.66 8.10 -8.41
CA HIS A 7 -6.37 7.48 -8.35
C HIS A 7 -6.44 6.17 -9.07
N GLY A 8 -6.50 6.32 -10.32
CA GLY A 8 -6.71 5.22 -11.18
C GLY A 8 -5.88 5.33 -12.40
N ARG A 9 -4.58 5.40 -12.20
CA ARG A 9 -3.64 5.38 -13.31
C ARG A 9 -3.71 4.00 -13.88
N ASP A 10 -3.78 3.03 -12.94
CA ASP A 10 -3.97 1.61 -13.22
C ASP A 10 -2.72 0.96 -13.86
N ASP A 11 -1.60 1.65 -13.74
CA ASP A 11 -0.34 1.23 -14.40
C ASP A 11 0.58 0.47 -13.45
N TYR A 12 0.23 0.49 -12.21
CA TYR A 12 1.05 -0.07 -11.15
C TYR A 12 1.20 -1.60 -11.22
N ASP A 13 2.19 -2.10 -10.52
CA ASP A 13 2.47 -3.54 -10.50
C ASP A 13 2.26 -4.07 -9.09
N CYS A 14 2.66 -3.28 -8.12
CA CYS A 14 2.63 -3.68 -6.73
C CYS A 14 1.76 -2.77 -5.90
N THR A 15 1.36 -3.25 -4.77
CA THR A 15 0.56 -2.52 -3.82
C THR A 15 0.97 -2.91 -2.38
N VAL A 16 1.29 -1.93 -1.59
CA VAL A 16 1.64 -2.18 -0.21
C VAL A 16 0.76 -1.31 0.67
N ILE A 17 0.16 -1.91 1.68
CA ILE A 17 -0.75 -1.19 2.54
C ILE A 17 -0.13 -1.03 3.92
N PHE A 18 -0.17 0.16 4.43
CA PHE A 18 0.34 0.45 5.73
C PHE A 18 -0.82 0.71 6.67
N ARG A 19 -0.97 -0.12 7.64
CA ARG A 19 -2.02 0.05 8.60
C ARG A 19 -1.39 0.50 9.89
N ASN A 20 -1.82 1.63 10.37
CA ASN A 20 -1.31 2.15 11.62
C ASN A 20 -1.96 1.35 12.72
N ASN A 21 -1.18 0.54 13.40
CA ASN A 21 -1.73 -0.35 14.42
C ASN A 21 -2.13 0.42 15.65
N HIS A 22 -1.41 1.49 15.90
CA HIS A 22 -1.71 2.36 17.03
C HIS A 22 -2.84 3.34 16.72
N ALA A 23 -3.09 3.61 15.45
CA ALA A 23 -4.17 4.49 15.08
C ALA A 23 -5.27 3.73 14.34
N PRO A 24 -6.36 3.37 15.01
CA PRO A 24 -7.44 2.60 14.40
C PRO A 24 -8.44 3.46 13.60
N GLU A 25 -8.46 4.75 13.86
CA GLU A 25 -9.38 5.65 13.18
C GLU A 25 -8.75 6.17 11.92
N ARG A 26 -7.46 6.01 11.86
CA ARG A 26 -6.69 6.34 10.68
C ARG A 26 -6.94 5.27 9.64
N GLN A 27 -6.94 5.65 8.39
CA GLN A 27 -7.18 4.69 7.36
C GLN A 27 -5.88 4.06 6.88
N PRO A 28 -5.92 2.78 6.46
CA PRO A 28 -4.76 2.11 5.90
C PRO A 28 -4.26 2.85 4.68
N ILE A 29 -3.00 3.05 4.62
CA ILE A 29 -2.39 3.75 3.55
C ILE A 29 -2.03 2.76 2.47
N VAL A 30 -2.82 2.73 1.45
CA VAL A 30 -2.59 1.85 0.34
C VAL A 30 -1.74 2.58 -0.67
N VAL A 31 -0.52 2.17 -0.80
CA VAL A 31 0.37 2.79 -1.75
C VAL A 31 0.58 1.84 -2.91
N HIS A 32 0.27 2.32 -4.08
CA HIS A 32 0.44 1.54 -5.28
C HIS A 32 1.82 1.83 -5.78
N THR A 33 2.50 0.82 -6.20
CA THR A 33 3.86 0.95 -6.64
C THR A 33 4.09 0.07 -7.88
N TYR A 34 5.29 0.07 -8.40
CA TYR A 34 5.63 -0.80 -9.51
C TYR A 34 6.64 -1.85 -9.04
N TYR A 35 6.96 -2.84 -9.87
CA TYR A 35 7.94 -3.86 -9.47
C TYR A 35 9.30 -3.26 -9.14
N SER A 36 9.74 -3.53 -7.91
CA SER A 36 11.04 -3.12 -7.39
C SER A 36 11.30 -1.61 -7.56
N ARG A 37 10.69 -0.85 -6.70
CA ARG A 37 10.79 0.58 -6.68
C ARG A 37 11.14 0.98 -5.27
N ASP A 38 11.23 2.23 -5.02
CA ASP A 38 11.42 2.70 -3.68
C ASP A 38 10.06 3.09 -3.17
N LEU A 39 9.80 2.89 -1.92
CA LEU A 39 8.52 3.19 -1.37
C LEU A 39 8.64 4.14 -0.19
N PRO A 40 8.46 5.42 -0.44
CA PRO A 40 8.44 6.43 0.60
C PRO A 40 7.05 6.52 1.26
N ILE A 41 7.01 6.21 2.51
CA ILE A 41 5.80 6.25 3.26
C ILE A 41 6.02 7.12 4.51
N GLU A 42 5.21 8.09 4.72
CA GLU A 42 5.38 8.89 5.89
C GLU A 42 4.54 8.36 7.01
N LEU A 43 5.19 7.77 7.98
CA LEU A 43 4.53 7.30 9.16
C LEU A 43 4.86 8.19 10.28
N ASP A 44 3.83 8.61 10.97
CA ASP A 44 3.93 9.57 12.10
C ASP A 44 4.59 10.91 11.63
N GLY A 45 4.59 11.11 10.33
CA GLY A 45 5.19 12.28 9.73
C GLY A 45 6.59 12.01 9.16
N VAL A 46 7.13 10.84 9.43
CA VAL A 46 8.47 10.48 9.02
C VAL A 46 8.41 9.63 7.78
N ARG A 47 9.04 10.07 6.74
CA ARG A 47 9.08 9.36 5.50
C ARG A 47 10.08 8.22 5.57
N HIS A 48 9.60 7.02 5.52
CA HIS A 48 10.44 5.89 5.49
C HIS A 48 10.51 5.46 4.06
N THR A 49 11.68 5.47 3.49
CA THR A 49 11.84 5.05 2.14
C THR A 49 12.28 3.59 2.14
N ILE A 50 11.37 2.77 1.76
CA ILE A 50 11.51 1.35 1.79
C ILE A 50 11.96 0.86 0.43
N GLN A 51 12.67 -0.21 0.39
CA GLN A 51 13.08 -0.79 -0.83
C GLN A 51 12.12 -1.91 -1.17
N LEU A 52 11.49 -1.80 -2.30
CA LEU A 52 10.63 -2.84 -2.77
C LEU A 52 11.41 -3.76 -3.64
N SER A 53 11.21 -5.00 -3.43
CA SER A 53 11.81 -6.01 -4.19
C SER A 53 10.69 -6.97 -4.61
N GLY A 54 10.20 -6.77 -5.83
CA GLY A 54 9.10 -7.58 -6.36
C GLY A 54 7.87 -7.56 -5.46
N CYS A 55 7.40 -6.35 -5.15
CA CYS A 55 6.21 -6.11 -4.29
C CYS A 55 6.51 -6.34 -2.79
N THR A 56 7.66 -6.93 -2.49
CA THR A 56 8.05 -7.19 -1.13
C THR A 56 8.92 -6.03 -0.60
N PRO A 57 8.43 -5.28 0.39
CA PRO A 57 9.17 -4.20 1.02
C PRO A 57 10.04 -4.69 2.20
N GLU A 58 11.04 -3.89 2.53
CA GLU A 58 11.93 -4.18 3.61
C GLU A 58 11.32 -3.84 4.93
N GLN A 59 11.15 -4.86 5.72
CA GLN A 59 10.57 -4.76 7.05
C GLN A 59 11.43 -3.89 7.96
N SER A 60 12.70 -3.81 7.65
CA SER A 60 13.62 -3.03 8.43
C SER A 60 13.41 -1.53 8.21
N GLN A 61 12.65 -1.17 7.19
CA GLN A 61 12.39 0.22 6.95
C GLN A 61 11.04 0.58 7.55
N ILE A 62 10.40 -0.41 8.17
CA ILE A 62 9.09 -0.20 8.73
C ILE A 62 9.21 0.15 10.20
N PRO A 63 8.53 1.20 10.64
CA PRO A 63 8.48 1.56 12.03
C PRO A 63 7.64 0.56 12.84
N GLN A 64 7.78 0.61 14.13
CA GLN A 64 7.05 -0.27 15.01
C GLN A 64 5.66 0.29 15.26
N GLY A 65 4.67 -0.57 15.30
CA GLY A 65 3.32 -0.12 15.52
C GLY A 65 2.57 0.04 14.23
N TYR A 66 3.09 -0.55 13.18
CA TYR A 66 2.52 -0.45 11.87
C TYR A 66 2.51 -1.81 11.19
N SER A 67 1.41 -2.12 10.57
CA SER A 67 1.27 -3.34 9.80
C SER A 67 1.46 -3.02 8.36
N VAL A 68 2.18 -3.86 7.71
CA VAL A 68 2.49 -3.69 6.32
C VAL A 68 1.97 -4.89 5.57
N GLU A 69 1.07 -4.65 4.66
CA GLU A 69 0.44 -5.69 3.90
C GLU A 69 0.98 -5.66 2.49
N HIS A 70 1.41 -6.79 1.99
CA HIS A 70 2.09 -6.83 0.71
C HIS A 70 1.18 -7.50 -0.29
N MET A 71 1.11 -6.95 -1.48
CA MET A 71 0.36 -7.54 -2.56
C MET A 71 0.74 -6.89 -3.86
N THR A 72 0.21 -7.40 -4.90
CA THR A 72 0.41 -6.81 -6.17
C THR A 72 -0.73 -5.87 -6.41
N TYR A 73 -0.56 -4.99 -7.37
CA TYR A 73 -1.59 -4.07 -7.73
C TYR A 73 -2.79 -4.85 -8.25
N LYS A 74 -2.49 -5.92 -8.96
CA LYS A 74 -3.50 -6.84 -9.49
C LYS A 74 -4.31 -7.41 -8.35
N ASN A 75 -3.65 -7.93 -7.33
CA ASN A 75 -4.34 -8.51 -6.18
C ASN A 75 -5.12 -7.48 -5.42
N TYR A 76 -4.57 -6.30 -5.27
CA TYR A 76 -5.28 -5.22 -4.63
C TYR A 76 -6.58 -4.93 -5.36
N LEU A 77 -6.47 -4.76 -6.67
CA LEU A 77 -7.61 -4.47 -7.51
C LEU A 77 -8.62 -5.59 -7.40
N ARG A 78 -8.10 -6.79 -7.47
CA ARG A 78 -8.83 -8.02 -7.34
C ARG A 78 -9.60 -8.06 -6.02
N GLN A 79 -8.93 -7.72 -4.96
CA GLN A 79 -9.49 -7.79 -3.63
C GLN A 79 -10.58 -6.79 -3.47
N GLU A 80 -10.37 -5.60 -3.97
CA GLU A 80 -11.36 -4.58 -3.83
C GLU A 80 -12.51 -4.82 -4.79
N ILE A 81 -12.25 -5.43 -5.93
CA ILE A 81 -13.32 -5.72 -6.86
C ILE A 81 -14.22 -6.77 -6.25
N LEU A 82 -13.61 -7.72 -5.60
CA LEU A 82 -14.35 -8.81 -4.99
C LEU A 82 -15.10 -8.36 -3.73
N ASN A 83 -14.50 -7.44 -2.98
CA ASN A 83 -15.13 -6.98 -1.73
C ASN A 83 -16.06 -5.80 -1.93
N GLU A 84 -15.78 -4.93 -2.88
CA GLU A 84 -16.60 -3.74 -3.09
C GLU A 84 -17.60 -3.99 -4.20
N ARG A 85 -17.15 -4.71 -5.22
CA ARG A 85 -17.91 -5.03 -6.43
C ARG A 85 -18.47 -3.78 -7.13
N PRO A 86 -17.59 -3.04 -7.85
CA PRO A 86 -17.99 -1.83 -8.58
C PRO A 86 -18.64 -2.15 -9.92
N PHE A 87 -18.45 -3.36 -10.36
CA PHE A 87 -18.97 -3.83 -11.62
C PHE A 87 -20.37 -4.36 -11.45
N TRP A 88 -20.96 -4.83 -12.54
CA TRP A 88 -22.36 -5.23 -12.60
C TRP A 88 -23.27 -4.04 -12.37
N PRO A 89 -23.57 -3.29 -13.43
CA PRO A 89 -24.41 -2.11 -13.35
C PRO A 89 -25.87 -2.51 -13.21
#